data_6OO2
#
_entry.id   6OO2
#
_cell.length_a   1.00
_cell.length_b   1.00
_cell.length_c   1.00
_cell.angle_alpha   90.00
_cell.angle_beta   90.00
_cell.angle_gamma   90.00
#
_symmetry.space_group_name_H-M   'P 1'
#
loop_
_entity.id
_entity.type
_entity.pdbx_description
1 polymer 'Vacuolar protein sorting-associated protein 4'
2 polymer 'Designed Cyclic Peptide'
3 polymer 'Vacuolar protein sorting-associated protein VTA1'
4 non-polymer "ADENOSINE-5'-DIPHOSPHATE"
5 non-polymer 'BERYLLIUM TRIFLUORIDE ION'
6 non-polymer 'MAGNESIUM ION'
#
loop_
_entity_poly.entity_id
_entity_poly.type
_entity_poly.pdbx_seq_one_letter_code
_entity_poly.pdbx_strand_id
1 'polypeptide(L)'
;QEEGEDNGGEDNKKLRGALSSAILSEKPNVKWEDVAGLEGAKEALKEAVILPVKFPHLFKGNRKPTSGILLYGPPGTGKS
YLAKAVATEANSTFFSVSSSDLVSKWMGESEKLVKQLFAMARENKPSIIFIDEVDALTGTRGEGESEASRRIKTELLVQM
NGVGNDSQGVLVLGATNIPWQLDSAIRRRFERRIYIPLPDLAARTTMFEINVGDTPCVLTKEDYRTLGAMTEGYSGSDIA
VVVKDALMQPIRKIQSATHFKDVSTEDDETRKLTPCSPGDDGAIEMSWTDIEADELKEPDLTIKDFLKAIKSTRPTVNED
DLLKQEQFTRDFGQEGN
;
A,B,C,D,E,F
2 'polypeptide(L)' GGDEIVNKVLGGSSGG(UNK)(UNK)(UNK)(UNK)(UNK)(UNK)(UNK)(UNK)GGKGCK G
3 'polypeptide(L)' TKDELTKIMDRASKIEQIQKLAKYAISALNYEDLPTAKDELTKALDLLNSI H,I,J,K,L,M,N,O,P,Q,R,S
#
# COMPACT_ATOMS: atom_id res chain seq x y z
N ARG A 16 -32.76 19.95 17.37
CA ARG A 16 -33.60 20.34 18.51
C ARG A 16 -32.87 21.32 19.42
N GLY A 17 -32.97 21.10 20.72
CA GLY A 17 -32.33 21.96 21.70
C GLY A 17 -30.85 21.72 21.93
N ALA A 18 -30.25 20.76 21.22
CA ALA A 18 -28.82 20.50 21.36
C ALA A 18 -27.96 21.51 20.61
N LEU A 19 -28.56 22.39 19.81
CA LEU A 19 -27.82 23.37 19.02
C LEU A 19 -27.70 24.71 19.76
N SER A 20 -27.80 24.69 21.08
CA SER A 20 -27.66 25.90 21.88
C SER A 20 -26.21 26.29 22.14
N SER A 21 -25.25 25.47 21.69
CA SER A 21 -23.84 25.77 21.82
C SER A 21 -23.20 26.20 20.51
N ALA A 22 -23.91 26.09 19.38
CA ALA A 22 -23.35 26.51 18.11
C ALA A 22 -23.30 28.02 17.97
N ILE A 23 -24.19 28.75 18.62
CA ILE A 23 -24.19 30.21 18.59
C ILE A 23 -23.39 30.71 19.80
N LEU A 24 -22.64 31.77 19.60
CA LEU A 24 -21.86 32.37 20.68
C LEU A 24 -22.47 33.71 21.09
N SER A 25 -22.51 33.95 22.39
CA SER A 25 -23.00 35.21 22.94
C SER A 25 -21.90 36.00 23.63
N GLU A 26 -20.64 35.66 23.36
CA GLU A 26 -19.52 36.35 24.00
C GLU A 26 -19.11 37.61 23.25
N LYS A 27 -19.17 37.58 21.90
CA LYS A 27 -18.76 38.64 20.99
C LYS A 27 -17.33 39.10 21.26
N PRO A 28 -16.31 38.31 20.85
CA PRO A 28 -14.91 38.67 21.16
C PRO A 28 -14.46 39.97 20.51
N ASN A 29 -13.93 40.88 21.33
CA ASN A 29 -13.66 42.26 20.91
C ASN A 29 -12.41 42.30 20.03
N VAL A 30 -12.61 41.98 18.75
CA VAL A 30 -11.58 42.10 17.73
C VAL A 30 -12.17 43.00 16.66
N LYS A 31 -11.71 44.24 16.60
CA LYS A 31 -12.25 45.21 15.65
C LYS A 31 -11.54 45.09 14.30
N TRP A 32 -11.97 45.92 13.34
CA TRP A 32 -11.39 45.89 12.01
C TRP A 32 -9.97 46.46 11.99
N GLU A 33 -9.64 47.34 12.92
CA GLU A 33 -8.29 47.89 13.00
C GLU A 33 -7.29 46.90 13.57
N ASP A 34 -7.76 45.88 14.30
CA ASP A 34 -6.85 44.92 14.91
C ASP A 34 -6.29 43.95 13.87
N VAL A 35 -7.04 43.70 12.80
CA VAL A 35 -6.61 42.77 11.75
C VAL A 35 -5.58 43.50 10.89
N ALA A 36 -4.32 43.14 11.07
CA ALA A 36 -3.23 43.78 10.35
C ALA A 36 -3.18 43.27 8.91
N GLY A 37 -3.19 44.20 7.97
CA GLY A 37 -3.16 43.84 6.56
C GLY A 37 -4.48 43.26 6.09
N LEU A 38 -4.39 42.46 5.01
CA LEU A 38 -5.51 41.76 4.37
C LEU A 38 -6.62 42.73 3.95
N GLU A 39 -6.24 43.71 3.14
CA GLU A 39 -7.15 44.80 2.81
C GLU A 39 -8.26 44.35 1.87
N GLY A 40 -7.93 43.51 0.88
CA GLY A 40 -8.94 43.04 -0.05
C GLY A 40 -9.94 42.10 0.60
N ALA A 41 -9.46 41.17 1.42
CA ALA A 41 -10.34 40.28 2.17
C ALA A 41 -11.18 41.06 3.17
N LYS A 42 -10.59 42.08 3.80
CA LYS A 42 -11.30 42.89 4.77
C LYS A 42 -12.41 43.69 4.12
N GLU A 43 -12.13 44.30 2.95
CA GLU A 43 -13.18 45.08 2.28
C GLU A 43 -14.23 44.18 1.64
N ALA A 44 -13.87 42.95 1.22
CA ALA A 44 -14.86 42.03 0.67
C ALA A 44 -15.80 41.53 1.75
N LEU A 45 -15.25 41.14 2.91
CA LEU A 45 -16.08 40.76 4.04
C LEU A 45 -16.90 41.93 4.55
N LYS A 46 -16.32 43.14 4.51
CA LYS A 46 -17.00 44.34 4.96
C LYS A 46 -18.23 44.64 4.10
N GLU A 47 -18.07 44.61 2.77
CA GLU A 47 -19.22 44.87 1.91
C GLU A 47 -20.25 43.74 2.00
N ALA A 48 -19.79 42.48 2.07
CA ALA A 48 -20.69 41.34 2.11
C ALA A 48 -21.44 41.21 3.43
N VAL A 49 -20.98 41.83 4.52
CA VAL A 49 -21.72 41.79 5.77
C VAL A 49 -22.42 43.12 6.07
N ILE A 50 -22.04 44.22 5.43
CA ILE A 50 -22.57 45.53 5.76
C ILE A 50 -23.57 46.03 4.72
N LEU A 51 -23.20 45.98 3.43
CA LEU A 51 -23.98 46.61 2.37
C LEU A 51 -25.39 46.06 2.13
N PRO A 52 -25.68 44.75 2.28
CA PRO A 52 -27.11 44.34 2.32
C PRO A 52 -27.87 44.84 3.54
N VAL A 53 -27.19 45.23 4.61
CA VAL A 53 -27.84 45.78 5.79
C VAL A 53 -27.82 47.30 5.69
N LYS A 54 -26.77 47.84 5.07
CA LYS A 54 -26.63 49.29 4.93
C LYS A 54 -27.60 49.83 3.88
N PHE A 55 -27.47 49.37 2.64
CA PHE A 55 -28.34 49.79 1.55
C PHE A 55 -29.07 48.55 1.02
N PRO A 56 -30.25 48.23 1.54
CA PRO A 56 -30.97 47.04 1.05
C PRO A 56 -31.55 47.20 -0.34
N HIS A 57 -31.65 48.42 -0.86
CA HIS A 57 -32.16 48.62 -2.21
C HIS A 57 -31.11 48.34 -3.28
N LEU A 58 -29.83 48.24 -2.89
CA LEU A 58 -28.78 48.04 -3.87
C LEU A 58 -28.74 46.62 -4.39
N PHE A 59 -29.25 45.66 -3.62
CA PHE A 59 -29.18 44.24 -3.97
C PHE A 59 -30.58 43.73 -4.27
N LYS A 60 -30.91 43.65 -5.55
CA LYS A 60 -32.20 43.15 -6.00
C LYS A 60 -32.07 42.68 -7.44
N GLY A 61 -32.41 41.41 -7.68
CA GLY A 61 -32.42 40.88 -9.03
C GLY A 61 -31.06 40.50 -9.57
N ASN A 62 -30.54 41.29 -10.50
CA ASN A 62 -29.28 40.96 -11.17
C ASN A 62 -28.08 41.20 -10.27
N ARG A 63 -28.01 42.38 -9.65
CA ARG A 63 -26.89 42.72 -8.77
C ARG A 63 -27.13 42.10 -7.39
N LYS A 64 -26.88 40.78 -7.33
CA LYS A 64 -27.08 39.95 -6.15
C LYS A 64 -25.84 39.96 -5.26
N PRO A 65 -26.01 39.90 -3.94
CA PRO A 65 -24.85 39.90 -3.04
C PRO A 65 -24.13 38.57 -3.05
N THR A 66 -22.97 38.56 -2.40
CA THR A 66 -22.15 37.36 -2.32
C THR A 66 -22.74 36.39 -1.29
N SER A 67 -23.05 35.17 -1.76
CA SER A 67 -23.62 34.15 -0.90
C SER A 67 -22.63 33.12 -0.41
N GLY A 68 -21.42 33.09 -0.96
CA GLY A 68 -20.40 32.16 -0.49
C GLY A 68 -19.02 32.76 -0.45
N ILE A 69 -18.40 32.75 0.73
CA ILE A 69 -17.05 33.28 0.93
C ILE A 69 -16.18 32.16 1.46
N LEU A 70 -15.03 31.93 0.83
CA LEU A 70 -14.08 30.92 1.27
C LEU A 70 -12.72 31.57 1.48
N LEU A 71 -12.09 31.23 2.60
CA LEU A 71 -10.77 31.73 2.95
C LEU A 71 -9.79 30.57 3.07
N TYR A 72 -8.60 30.75 2.53
CA TYR A 72 -7.59 29.70 2.54
C TYR A 72 -6.21 30.33 2.57
N GLY A 73 -5.19 29.48 2.66
CA GLY A 73 -3.82 29.93 2.72
C GLY A 73 -2.98 29.06 3.63
N PRO A 74 -1.82 29.58 4.06
CA PRO A 74 -0.99 28.85 5.02
C PRO A 74 -1.65 28.82 6.39
N PRO A 75 -1.32 27.83 7.23
CA PRO A 75 -1.94 27.76 8.57
C PRO A 75 -1.45 28.88 9.47
N GLY A 76 -2.40 29.56 10.12
CA GLY A 76 -2.08 30.64 11.02
C GLY A 76 -1.78 31.94 10.30
N THR A 77 -2.74 32.44 9.52
CA THR A 77 -2.58 33.69 8.81
C THR A 77 -3.67 34.72 9.11
N GLY A 78 -4.75 34.31 9.78
CA GLY A 78 -5.77 35.27 10.15
C GLY A 78 -7.17 34.94 9.68
N LYS A 79 -7.42 33.66 9.37
CA LYS A 79 -8.76 33.26 8.90
C LYS A 79 -9.77 33.28 10.03
N SER A 80 -9.46 32.58 11.13
CA SER A 80 -10.34 32.62 12.29
C SER A 80 -10.33 33.98 12.97
N TYR A 81 -9.24 34.73 12.81
CA TYR A 81 -9.20 36.10 13.32
C TYR A 81 -10.14 37.00 12.53
N LEU A 82 -10.20 36.82 11.21
CA LEU A 82 -11.16 37.57 10.40
C LEU A 82 -12.59 37.14 10.69
N ALA A 83 -12.79 35.86 11.00
CA ALA A 83 -14.11 35.40 11.43
C ALA A 83 -14.52 36.01 12.77
N LYS A 84 -13.57 36.15 13.70
CA LYS A 84 -13.84 36.82 14.97
C LYS A 84 -14.14 38.31 14.75
N ALA A 85 -13.43 38.93 13.81
CA ALA A 85 -13.70 40.34 13.50
C ALA A 85 -15.07 40.53 12.87
N VAL A 86 -15.49 39.59 12.02
CA VAL A 86 -16.83 39.63 11.44
C VAL A 86 -17.89 39.43 12.53
N ALA A 87 -17.65 38.48 13.44
CA ALA A 87 -18.59 38.24 14.54
C ALA A 87 -18.64 39.40 15.51
N THR A 88 -17.57 40.18 15.61
CA THR A 88 -17.58 41.38 16.44
C THR A 88 -18.34 42.53 15.77
N GLU A 89 -17.90 42.92 14.57
CA GLU A 89 -18.44 44.09 13.89
C GLU A 89 -19.44 43.74 12.80
N ALA A 90 -20.24 42.69 13.01
CA ALA A 90 -21.29 42.34 12.07
C ALA A 90 -22.69 42.72 12.52
N ASN A 91 -22.95 42.67 13.83
CA ASN A 91 -24.27 42.83 14.45
C ASN A 91 -25.28 41.88 13.82
N SER A 92 -25.00 40.59 13.96
CA SER A 92 -25.81 39.54 13.35
C SER A 92 -25.60 38.25 14.12
N THR A 93 -26.50 37.29 13.90
CA THR A 93 -26.43 36.01 14.59
C THR A 93 -25.30 35.17 14.01
N PHE A 94 -24.31 34.86 14.84
CA PHE A 94 -23.13 34.10 14.43
C PHE A 94 -23.33 32.62 14.76
N PHE A 95 -23.25 31.77 13.75
CA PHE A 95 -23.38 30.33 13.91
C PHE A 95 -21.98 29.72 13.69
N SER A 96 -21.21 29.65 14.76
CA SER A 96 -19.87 29.06 14.72
C SER A 96 -20.01 27.59 15.09
N VAL A 97 -20.21 26.75 14.09
CA VAL A 97 -20.46 25.32 14.29
C VAL A 97 -19.51 24.54 13.39
N SER A 98 -19.17 23.33 13.83
CA SER A 98 -18.24 22.47 13.11
C SER A 98 -18.85 21.06 13.04
N SER A 99 -18.01 20.09 12.67
CA SER A 99 -18.46 18.72 12.45
C SER A 99 -18.80 17.96 13.75
N SER A 100 -18.57 18.55 14.93
CA SER A 100 -18.91 17.88 16.17
C SER A 100 -20.42 17.90 16.42
N ASP A 101 -21.11 18.95 15.99
CA ASP A 101 -22.54 19.10 16.22
C ASP A 101 -23.37 18.72 15.01
N LEU A 102 -22.78 18.05 14.03
CA LEU A 102 -23.51 17.64 12.83
C LEU A 102 -23.68 16.13 12.71
N VAL A 103 -22.83 15.34 13.38
CA VAL A 103 -22.86 13.89 13.28
C VAL A 103 -23.32 13.31 14.61
N SER A 104 -24.19 12.31 14.54
CA SER A 104 -24.73 11.66 15.72
C SER A 104 -24.51 10.16 15.63
N LYS A 105 -24.90 9.45 16.70
CA LYS A 105 -24.77 7.99 16.71
C LYS A 105 -25.84 7.33 15.86
N TRP A 106 -27.00 7.97 15.69
CA TRP A 106 -28.12 7.36 15.01
C TRP A 106 -28.06 7.66 13.50
N MET A 107 -29.05 7.17 12.78
CA MET A 107 -29.17 7.40 11.35
C MET A 107 -30.34 8.33 11.07
N GLY A 108 -30.14 9.29 10.18
CA GLY A 108 -31.12 10.31 9.86
C GLY A 108 -30.99 11.57 10.68
N GLU A 109 -30.54 11.46 11.94
CA GLU A 109 -30.33 12.63 12.77
C GLU A 109 -29.16 13.47 12.29
N SER A 110 -28.19 12.88 11.58
CA SER A 110 -27.11 13.65 10.98
C SER A 110 -27.59 14.54 9.85
N GLU A 111 -28.70 14.19 9.20
CA GLU A 111 -29.34 15.07 8.23
C GLU A 111 -30.31 16.03 8.90
N LYS A 112 -31.00 15.56 9.94
CA LYS A 112 -31.93 16.41 10.68
C LYS A 112 -31.22 17.55 11.39
N LEU A 113 -29.97 17.35 11.81
CA LEU A 113 -29.20 18.39 12.45
C LEU A 113 -28.89 19.54 11.49
N VAL A 114 -28.47 19.20 10.26
CA VAL A 114 -28.20 20.23 9.25
C VAL A 114 -29.50 20.89 8.80
N LYS A 115 -30.59 20.13 8.73
CA LYS A 115 -31.88 20.67 8.32
C LYS A 115 -32.40 21.68 9.35
N GLN A 116 -32.37 21.32 10.64
CA GLN A 116 -32.79 22.25 11.69
C GLN A 116 -31.79 23.38 11.88
N LEU A 117 -30.51 23.17 11.55
CA LEU A 117 -29.53 24.24 11.61
C LEU A 117 -29.84 25.32 10.58
N PHE A 118 -30.07 24.91 9.33
CA PHE A 118 -30.44 25.88 8.31
C PHE A 118 -31.83 26.46 8.55
N ALA A 119 -32.74 25.71 9.17
CA ALA A 119 -34.05 26.26 9.52
C ALA A 119 -33.94 27.35 10.58
N MET A 120 -33.11 27.12 11.61
CA MET A 120 -32.92 28.13 12.64
C MET A 120 -32.15 29.33 12.11
N ALA A 121 -31.22 29.09 11.16
CA ALA A 121 -30.50 30.19 10.54
C ALA A 121 -31.40 31.03 9.63
N ARG A 122 -32.38 30.40 8.98
CA ARG A 122 -33.34 31.17 8.20
C ARG A 122 -34.36 31.87 9.09
N GLU A 123 -34.68 31.29 10.25
CA GLU A 123 -35.61 31.93 11.16
C GLU A 123 -34.97 33.10 11.88
N ASN A 124 -33.65 33.06 12.07
CA ASN A 124 -32.92 34.12 12.75
C ASN A 124 -32.22 35.06 11.78
N LYS A 125 -32.88 35.35 10.65
CA LYS A 125 -32.29 36.27 9.67
C LYS A 125 -32.32 37.70 10.20
N PRO A 126 -31.26 38.49 9.94
CA PRO A 126 -30.03 38.15 9.21
C PRO A 126 -29.02 37.40 10.08
N SER A 127 -28.53 36.28 9.56
CA SER A 127 -27.58 35.42 10.27
C SER A 127 -26.37 35.17 9.37
N ILE A 128 -25.37 34.52 9.94
CA ILE A 128 -24.16 34.16 9.22
C ILE A 128 -23.60 32.87 9.81
N ILE A 129 -23.30 31.91 8.95
CA ILE A 129 -22.82 30.59 9.35
C ILE A 129 -21.34 30.51 9.01
N PHE A 130 -20.51 30.26 10.02
CA PHE A 130 -19.08 30.09 9.84
C PHE A 130 -18.71 28.65 10.14
N ILE A 131 -18.24 27.93 9.14
CA ILE A 131 -17.78 26.55 9.29
C ILE A 131 -16.26 26.60 9.27
N ASP A 132 -15.64 26.39 10.42
CA ASP A 132 -14.19 26.26 10.48
C ASP A 132 -13.79 24.85 10.09
N GLU A 133 -12.75 24.75 9.27
CA GLU A 133 -12.17 23.50 8.77
C GLU A 133 -13.22 22.68 8.01
N VAL A 134 -13.64 23.22 6.86
CA VAL A 134 -14.69 22.61 6.06
C VAL A 134 -14.24 21.30 5.41
N ASP A 135 -12.94 21.00 5.38
CA ASP A 135 -12.46 19.74 4.83
C ASP A 135 -12.76 18.55 5.73
N ALA A 136 -13.19 18.77 6.98
CA ALA A 136 -13.66 17.69 7.82
C ALA A 136 -15.00 17.12 7.36
N LEU A 137 -15.77 17.89 6.59
CA LEU A 137 -17.01 17.40 6.00
C LEU A 137 -16.83 16.90 4.58
N THR A 138 -15.75 17.26 3.90
CA THR A 138 -15.51 16.90 2.51
C THR A 138 -14.31 15.96 2.47
N GLY A 139 -14.59 14.67 2.60
CA GLY A 139 -13.56 13.65 2.46
C GLY A 139 -13.38 13.12 1.06
N THR A 140 -13.91 13.84 0.05
CA THR A 140 -13.93 13.54 -1.38
C THR A 140 -14.63 12.23 -1.75
N ARG A 141 -15.34 11.64 -0.77
CA ARG A 141 -16.10 10.37 -0.83
C ARG A 141 -15.43 9.28 -1.68
N GLY A 142 -14.16 9.04 -1.39
CA GLY A 142 -13.44 7.98 -2.06
C GLY A 142 -13.91 6.60 -1.65
N GLU A 143 -13.62 6.20 -0.41
CA GLU A 143 -14.16 4.99 0.18
C GLU A 143 -14.52 5.23 1.64
N GLY A 144 -15.04 6.42 1.94
CA GLY A 144 -15.30 6.82 3.30
C GLY A 144 -16.63 6.30 3.82
N GLU A 145 -17.04 6.88 4.95
CA GLU A 145 -18.28 6.49 5.60
C GLU A 145 -19.46 7.09 4.84
N SER A 146 -20.37 6.22 4.37
CA SER A 146 -21.41 6.63 3.44
C SER A 146 -22.46 7.50 4.10
N GLU A 147 -23.11 6.98 5.16
CA GLU A 147 -24.26 7.66 5.75
C GLU A 147 -23.86 8.92 6.51
N ALA A 148 -22.59 9.05 6.90
CA ALA A 148 -22.12 10.23 7.60
C ALA A 148 -21.22 11.13 6.75
N SER A 149 -20.94 10.76 5.51
CA SER A 149 -20.19 11.62 4.61
C SER A 149 -21.00 12.06 3.40
N ARG A 150 -21.52 11.11 2.63
CA ARG A 150 -22.12 11.45 1.33
C ARG A 150 -23.48 12.11 1.49
N ARG A 151 -24.30 11.61 2.43
CA ARG A 151 -25.61 12.22 2.65
C ARG A 151 -25.48 13.60 3.28
N ILE A 152 -24.50 13.79 4.17
CA ILE A 152 -24.25 15.10 4.74
C ILE A 152 -23.73 16.08 3.68
N LYS A 153 -22.91 15.58 2.75
CA LYS A 153 -22.40 16.43 1.67
C LYS A 153 -23.52 16.83 0.71
N THR A 154 -24.41 15.90 0.37
CA THR A 154 -25.53 16.24 -0.51
C THR A 154 -26.54 17.15 0.20
N GLU A 155 -26.72 16.98 1.51
CA GLU A 155 -27.57 17.87 2.27
C GLU A 155 -27.00 19.28 2.35
N LEU A 156 -25.68 19.41 2.51
CA LEU A 156 -25.05 20.72 2.47
C LEU A 156 -25.08 21.32 1.06
N LEU A 157 -25.05 20.47 0.03
CA LEU A 157 -25.15 20.97 -1.34
C LEU A 157 -26.55 21.48 -1.66
N VAL A 158 -27.59 20.80 -1.19
CA VAL A 158 -28.94 21.27 -1.43
C VAL A 158 -29.39 22.35 -0.46
N GLN A 159 -28.70 22.51 0.67
CA GLN A 159 -28.96 23.65 1.55
C GLN A 159 -28.09 24.86 1.23
N MET A 160 -27.04 24.67 0.42
CA MET A 160 -26.30 25.78 -0.17
C MET A 160 -26.89 26.22 -1.50
N ASN A 161 -28.10 25.75 -1.83
CA ASN A 161 -28.83 26.17 -3.02
C ASN A 161 -29.69 27.39 -2.76
N GLY A 162 -29.33 28.23 -1.79
CA GLY A 162 -30.09 29.42 -1.46
C GLY A 162 -29.73 30.63 -2.32
N VAL A 163 -29.36 30.40 -3.58
CA VAL A 163 -29.20 31.49 -4.52
C VAL A 163 -30.54 32.05 -4.96
N GLY A 164 -31.62 31.29 -4.78
CA GLY A 164 -32.96 31.77 -5.00
C GLY A 164 -33.79 31.71 -3.73
N ASN A 165 -33.40 30.81 -2.82
CA ASN A 165 -34.12 30.67 -1.55
C ASN A 165 -33.66 31.72 -0.54
N ASP A 166 -32.38 31.66 -0.16
CA ASP A 166 -31.82 32.58 0.83
C ASP A 166 -31.11 33.75 0.16
N SER A 167 -31.85 34.51 -0.65
CA SER A 167 -31.30 35.73 -1.22
C SER A 167 -31.09 36.80 -0.16
N GLN A 168 -32.00 36.89 0.80
CA GLN A 168 -31.84 37.72 1.98
C GLN A 168 -31.76 36.81 3.20
N GLY A 169 -30.74 37.00 4.03
CA GLY A 169 -30.57 36.15 5.18
C GLY A 169 -29.15 35.65 5.39
N VAL A 170 -28.97 34.34 5.29
CA VAL A 170 -27.75 33.69 5.74
C VAL A 170 -26.61 33.92 4.76
N LEU A 171 -25.40 33.63 5.23
CA LEU A 171 -24.19 33.70 4.44
C LEU A 171 -23.20 32.69 5.01
N VAL A 172 -22.71 31.79 4.17
CA VAL A 172 -21.80 30.73 4.60
C VAL A 172 -20.36 31.22 4.46
N LEU A 173 -19.51 30.81 5.40
CA LEU A 173 -18.10 31.13 5.39
C LEU A 173 -17.27 29.85 5.27
N GLY A 174 -15.96 30.01 5.36
CA GLY A 174 -15.06 28.86 5.32
C GLY A 174 -13.61 29.22 5.55
N ALA A 175 -12.95 28.46 6.41
CA ALA A 175 -11.54 28.63 6.70
C ALA A 175 -10.86 27.27 6.55
N THR A 176 -9.82 27.22 5.71
CA THR A 176 -9.21 25.94 5.36
C THR A 176 -7.71 26.11 5.22
N ASN A 177 -6.94 25.24 5.89
CA ASN A 177 -5.49 25.27 5.76
C ASN A 177 -5.03 24.50 4.54
N ILE A 178 -5.75 23.43 4.18
CA ILE A 178 -5.37 22.57 3.06
C ILE A 178 -6.56 22.52 2.11
N PRO A 179 -6.61 23.43 1.13
CA PRO A 179 -7.82 23.55 0.30
C PRO A 179 -7.82 22.69 -0.96
N TRP A 180 -6.70 22.06 -1.32
CA TRP A 180 -6.72 21.20 -2.49
C TRP A 180 -7.39 19.87 -2.21
N GLN A 181 -7.49 19.48 -0.95
CA GLN A 181 -8.26 18.29 -0.56
C GLN A 181 -9.67 18.74 -0.14
N LEU A 182 -10.42 19.19 -1.14
CA LEU A 182 -11.76 19.71 -0.95
C LEU A 182 -12.65 19.19 -2.07
N ASP A 183 -13.93 18.97 -1.77
CA ASP A 183 -14.87 18.51 -2.77
C ASP A 183 -15.11 19.58 -3.82
N SER A 184 -15.07 19.18 -5.09
CA SER A 184 -15.17 20.14 -6.19
C SER A 184 -16.54 20.75 -6.31
N ALA A 185 -17.59 20.03 -5.87
CA ALA A 185 -18.95 20.57 -5.91
C ALA A 185 -19.10 21.74 -4.95
N ILE A 186 -18.63 21.58 -3.71
CA ILE A 186 -18.72 22.66 -2.75
C ILE A 186 -17.68 23.75 -3.06
N ARG A 187 -16.58 23.39 -3.73
CA ARG A 187 -15.63 24.39 -4.20
C ARG A 187 -16.26 25.29 -5.28
N ARG A 188 -17.04 24.68 -6.19
CA ARG A 188 -17.75 25.48 -7.19
C ARG A 188 -18.92 26.24 -6.57
N ARG A 189 -19.53 25.69 -5.52
CA ARG A 189 -20.61 26.39 -4.83
C ARG A 189 -20.11 27.60 -4.05
N PHE A 190 -18.88 27.56 -3.56
CA PHE A 190 -18.25 28.72 -2.94
C PHE A 190 -17.73 29.64 -4.05
N GLU A 191 -18.47 30.71 -4.32
CA GLU A 191 -18.18 31.55 -5.49
C GLU A 191 -17.00 32.48 -5.27
N ARG A 192 -16.78 32.94 -4.03
CA ARG A 192 -15.69 33.85 -3.73
C ARG A 192 -14.65 33.10 -2.89
N ARG A 193 -13.46 32.94 -3.44
CA ARG A 193 -12.35 32.25 -2.78
C ARG A 193 -11.19 33.22 -2.67
N ILE A 194 -10.96 33.76 -1.47
CA ILE A 194 -9.92 34.75 -1.22
C ILE A 194 -8.71 34.05 -0.62
N TYR A 195 -7.53 34.33 -1.18
CA TYR A 195 -6.29 33.74 -0.71
C TYR A 195 -5.68 34.67 0.33
N ILE A 196 -5.50 34.15 1.54
CA ILE A 196 -4.89 34.91 2.64
C ILE A 196 -3.39 34.63 2.65
N PRO A 197 -2.56 35.58 2.23
CA PRO A 197 -1.12 35.29 2.13
C PRO A 197 -0.37 35.57 3.42
N LEU A 198 0.95 35.39 3.39
CA LEU A 198 1.79 35.85 4.49
C LEU A 198 1.82 37.37 4.49
N PRO A 199 1.86 38.01 5.65
CA PRO A 199 1.80 39.48 5.68
C PRO A 199 3.09 40.12 5.20
N ASP A 200 2.96 41.31 4.62
CA ASP A 200 4.11 42.06 4.13
C ASP A 200 4.67 42.92 5.26
N LEU A 201 5.57 43.85 4.90
CA LEU A 201 6.36 44.58 5.90
C LEU A 201 5.52 45.56 6.70
N ALA A 202 4.61 46.28 6.03
CA ALA A 202 3.73 47.22 6.72
C ALA A 202 2.77 46.51 7.66
N ALA A 203 2.24 45.37 7.23
CA ALA A 203 1.39 44.56 8.09
C ALA A 203 2.16 43.98 9.27
N ARG A 204 3.43 43.61 9.06
CA ARG A 204 4.28 43.15 10.15
C ARG A 204 4.49 44.25 11.19
N THR A 205 4.76 45.47 10.72
CA THR A 205 5.02 46.58 11.64
C THR A 205 3.78 46.96 12.43
N THR A 206 2.62 47.04 11.76
CA THR A 206 1.41 47.35 12.52
C THR A 206 0.94 46.18 13.37
N MET A 207 1.32 44.95 13.03
CA MET A 207 1.02 43.81 13.89
C MET A 207 1.87 43.84 15.16
N PHE A 208 3.15 44.22 15.03
CA PHE A 208 3.97 44.42 16.22
C PHE A 208 3.44 45.58 17.07
N GLU A 209 2.96 46.65 16.42
CA GLU A 209 2.40 47.79 17.14
C GLU A 209 1.11 47.40 17.89
N ILE A 210 0.30 46.54 17.27
CA ILE A 210 -0.94 46.09 17.91
C ILE A 210 -0.62 45.13 19.06
N ASN A 211 0.31 44.20 18.84
CA ASN A 211 0.60 43.17 19.83
C ASN A 211 1.33 43.73 21.04
N VAL A 212 2.15 44.77 20.84
CA VAL A 212 2.73 45.45 22.00
C VAL A 212 1.65 46.27 22.71
N GLY A 213 1.00 47.17 21.99
CA GLY A 213 -0.16 47.87 22.54
C GLY A 213 0.24 48.96 23.53
N ASP A 214 -0.39 48.92 24.70
CA ASP A 214 -0.18 49.93 25.74
C ASP A 214 0.98 49.60 26.67
N THR A 215 1.78 48.59 26.33
CA THR A 215 2.95 48.28 27.15
C THR A 215 4.01 49.36 26.94
N PRO A 216 4.60 49.88 28.02
CA PRO A 216 5.66 50.89 27.86
C PRO A 216 6.91 50.31 27.22
N CYS A 217 7.52 51.08 26.33
CA CYS A 217 8.69 50.64 25.58
C CYS A 217 9.49 51.84 25.13
N VAL A 218 10.69 51.57 24.63
CA VAL A 218 11.53 52.58 23.99
C VAL A 218 11.64 52.34 22.49
N LEU A 219 10.84 51.41 21.95
CA LEU A 219 10.92 51.06 20.54
C LEU A 219 10.29 52.17 19.71
N THR A 220 10.92 52.48 18.58
CA THR A 220 10.47 53.55 17.70
C THR A 220 9.91 52.96 16.41
N LYS A 221 9.55 53.85 15.47
CA LYS A 221 9.08 53.40 14.17
C LYS A 221 10.21 52.76 13.36
N GLU A 222 11.43 53.28 13.49
CA GLU A 222 12.58 52.63 12.86
C GLU A 222 12.88 51.28 13.49
N ASP A 223 12.65 51.16 14.80
CA ASP A 223 12.85 49.87 15.48
C ASP A 223 11.79 48.86 15.04
N TYR A 224 10.54 49.31 14.87
CA TYR A 224 9.50 48.42 14.35
C TYR A 224 9.76 48.04 12.90
N ARG A 225 10.33 48.97 12.12
CA ARG A 225 10.64 48.69 10.72
C ARG A 225 11.79 47.69 10.61
N THR A 226 12.83 47.82 11.42
CA THR A 226 13.90 46.83 11.38
C THR A 226 13.50 45.51 12.02
N LEU A 227 12.51 45.50 12.93
CA LEU A 227 11.96 44.24 13.42
C LEU A 227 11.18 43.52 12.32
N GLY A 228 10.35 44.26 11.59
CA GLY A 228 9.65 43.70 10.45
C GLY A 228 10.56 43.28 9.32
N ALA A 229 11.71 43.94 9.17
CA ALA A 229 12.71 43.49 8.20
C ALA A 229 13.46 42.27 8.67
N MET A 230 13.62 42.12 9.99
CA MET A 230 14.24 40.91 10.52
C MET A 230 13.32 39.71 10.38
N THR A 231 12.02 39.90 10.62
CA THR A 231 11.03 38.83 10.45
C THR A 231 10.78 38.65 8.95
N GLU A 232 11.60 37.79 8.34
CA GLU A 232 11.45 37.46 6.92
C GLU A 232 10.80 36.09 6.82
N GLY A 233 9.53 36.07 6.42
CA GLY A 233 8.79 34.83 6.30
C GLY A 233 8.03 34.41 7.53
N TYR A 234 7.94 35.27 8.54
CA TYR A 234 7.21 34.93 9.75
C TYR A 234 5.71 35.07 9.54
N SER A 235 4.94 34.54 10.48
CA SER A 235 3.49 34.55 10.42
C SER A 235 2.92 35.32 11.60
N GLY A 236 1.58 35.36 11.67
CA GLY A 236 0.92 36.12 12.71
C GLY A 236 1.09 35.50 14.09
N SER A 237 0.94 34.17 14.18
CA SER A 237 1.12 33.50 15.46
C SER A 237 2.59 33.52 15.89
N ASP A 238 3.51 33.49 14.93
CA ASP A 238 4.92 33.62 15.25
C ASP A 238 5.25 35.02 15.77
N ILE A 239 4.64 36.05 15.18
CA ILE A 239 4.81 37.42 15.67
C ILE A 239 4.21 37.56 17.07
N ALA A 240 3.06 36.91 17.31
CA ALA A 240 2.42 36.97 18.62
C ALA A 240 3.26 36.28 19.69
N VAL A 241 3.86 35.13 19.38
CA VAL A 241 4.66 34.47 20.40
C VAL A 241 6.03 35.15 20.56
N VAL A 242 6.52 35.84 19.53
CA VAL A 242 7.72 36.66 19.71
C VAL A 242 7.44 37.84 20.64
N VAL A 243 6.26 38.46 20.48
CA VAL A 243 5.85 39.54 21.38
C VAL A 243 5.64 39.01 22.79
N LYS A 244 5.12 37.79 22.92
CA LYS A 244 4.94 37.17 24.23
C LYS A 244 6.28 36.87 24.90
N ASP A 245 7.27 36.42 24.13
CA ASP A 245 8.60 36.16 24.68
C ASP A 245 9.28 37.46 25.09
N ALA A 246 9.09 38.52 24.30
CA ALA A 246 9.65 39.82 24.64
C ALA A 246 8.97 40.43 25.87
N LEU A 247 7.68 40.12 26.08
CA LEU A 247 7.02 40.54 27.31
C LEU A 247 7.48 39.72 28.51
N MET A 248 7.79 38.44 28.30
CA MET A 248 8.21 37.58 29.41
C MET A 248 9.68 37.76 29.77
N GLN A 249 10.49 38.37 28.89
CA GLN A 249 11.90 38.58 29.21
C GLN A 249 12.19 39.49 30.43
N PRO A 250 11.48 40.60 30.69
CA PRO A 250 11.72 41.32 31.96
C PRO A 250 11.38 40.52 33.21
N ILE A 251 10.43 39.58 33.14
CA ILE A 251 10.17 38.72 34.29
C ILE A 251 11.37 37.80 34.54
N ARG A 252 12.02 37.33 33.47
CA ARG A 252 13.24 36.53 33.64
C ARG A 252 14.39 37.38 34.15
N LYS A 253 14.43 38.66 33.76
CA LYS A 253 15.47 39.54 34.29
C LYS A 253 15.25 39.88 35.76
N ILE A 254 13.99 39.95 36.20
CA ILE A 254 13.69 40.10 37.62
C ILE A 254 14.02 38.80 38.36
N GLN A 255 13.77 37.65 37.73
CA GLN A 255 14.10 36.35 38.31
C GLN A 255 15.60 36.16 38.47
N SER A 256 16.40 36.78 37.60
CA SER A 256 17.84 36.87 37.81
C SER A 256 18.11 38.01 38.80
N ALA A 257 17.84 37.73 40.07
CA ALA A 257 17.83 38.74 41.12
C ALA A 257 19.23 38.92 41.68
N THR A 258 19.83 40.07 41.41
CA THR A 258 21.15 40.42 41.93
C THR A 258 21.27 41.92 41.98
N HIS A 259 21.54 42.46 43.17
CA HIS A 259 21.83 43.88 43.42
C HIS A 259 20.67 44.78 42.99
N PHE A 260 19.56 44.64 43.72
CA PHE A 260 18.40 45.47 43.52
C PHE A 260 18.70 46.93 43.89
N LYS A 261 17.92 47.84 43.31
CA LYS A 261 18.16 49.27 43.50
C LYS A 261 16.84 50.01 43.43
N ASP A 262 16.56 50.83 44.43
CA ASP A 262 15.33 51.60 44.48
C ASP A 262 15.38 52.79 43.53
N VAL A 263 14.27 53.02 42.83
CA VAL A 263 14.11 54.17 41.94
C VAL A 263 13.02 55.05 42.50
N SER A 264 13.32 56.36 42.63
CA SER A 264 12.43 57.40 43.13
C SER A 264 11.84 57.09 44.52
N GLU A 269 7.55 55.70 43.21
CA GLU A 269 7.16 56.13 44.55
C GLU A 269 6.94 54.95 45.48
N THR A 270 7.31 55.15 46.74
CA THR A 270 7.18 54.20 47.84
C THR A 270 7.92 52.89 47.51
N ARG A 271 9.24 53.03 47.37
CA ARG A 271 10.22 51.94 47.26
C ARG A 271 9.94 51.04 46.05
N LYS A 272 10.06 51.64 44.87
CA LYS A 272 9.94 50.91 43.61
C LYS A 272 11.32 50.41 43.22
N LEU A 273 11.59 49.14 43.48
CA LEU A 273 12.92 48.58 43.27
C LEU A 273 13.13 48.18 41.81
N THR A 274 14.40 48.07 41.43
CA THR A 274 14.82 47.69 40.08
C THR A 274 16.22 47.09 40.13
N PRO A 275 16.42 45.90 39.60
CA PRO A 275 17.77 45.32 39.59
C PRO A 275 18.68 46.02 38.59
N CYS A 276 19.95 46.13 38.95
CA CYS A 276 20.94 46.79 38.11
C CYS A 276 22.18 45.93 37.92
N SER A 277 23.23 46.52 37.35
CA SER A 277 24.48 45.82 37.13
C SER A 277 25.16 45.51 38.46
N PRO A 278 25.93 44.41 38.53
CA PRO A 278 26.65 44.09 39.78
C PRO A 278 27.76 45.09 40.07
N GLY A 279 27.54 45.92 41.09
CA GLY A 279 28.46 46.99 41.45
C GLY A 279 27.98 48.33 40.93
N ASP A 280 27.33 49.10 41.80
CA ASP A 280 26.73 50.38 41.42
C ASP A 280 26.58 51.22 42.69
N ASP A 281 25.82 52.30 42.59
CA ASP A 281 25.54 53.16 43.72
C ASP A 281 24.20 52.78 44.32
N GLY A 282 24.22 52.24 45.54
CA GLY A 282 23.01 51.79 46.19
C GLY A 282 22.56 50.40 45.80
N ALA A 283 23.50 49.51 45.44
CA ALA A 283 23.17 48.16 45.00
C ALA A 283 22.84 47.31 46.23
N ILE A 284 21.56 47.30 46.59
CA ILE A 284 21.08 46.51 47.72
C ILE A 284 20.97 45.06 47.30
N GLU A 285 21.94 44.24 47.73
CA GLU A 285 21.98 42.83 47.37
C GLU A 285 20.95 42.07 48.21
N MET A 286 19.83 41.69 47.58
CA MET A 286 18.76 40.97 48.26
C MET A 286 18.10 40.04 47.26
N SER A 287 17.04 39.37 47.69
CA SER A 287 16.30 38.45 46.84
C SER A 287 15.16 39.20 46.14
N TRP A 288 14.29 38.46 45.46
CA TRP A 288 13.16 39.05 44.76
C TRP A 288 11.80 38.62 45.29
N THR A 289 11.71 37.51 46.02
CA THR A 289 10.45 37.03 46.56
C THR A 289 10.15 37.59 47.96
N ASP A 290 11.12 38.27 48.57
CA ASP A 290 10.88 38.86 49.89
C ASP A 290 10.11 40.16 49.82
N ILE A 291 9.98 40.75 48.65
CA ILE A 291 9.33 42.04 48.47
C ILE A 291 7.87 41.78 48.11
N GLU A 292 6.97 42.58 48.68
CA GLU A 292 5.55 42.47 48.36
C GLU A 292 5.27 43.00 46.96
N ALA A 293 4.03 42.80 46.51
CA ALA A 293 3.63 43.21 45.18
C ALA A 293 3.42 44.71 45.11
N ASP A 294 3.20 45.19 43.88
CA ASP A 294 2.89 46.58 43.53
C ASP A 294 4.00 47.57 43.93
N GLU A 295 5.23 47.09 44.11
CA GLU A 295 6.36 47.97 44.36
C GLU A 295 7.61 47.48 43.61
N LEU A 296 7.43 46.84 42.47
CA LEU A 296 8.54 46.31 41.67
C LEU A 296 8.52 47.06 40.34
N LYS A 297 9.41 48.03 40.20
CA LYS A 297 9.56 48.75 38.93
C LYS A 297 10.33 47.86 37.98
N GLU A 298 9.60 47.22 37.05
CA GLU A 298 10.20 46.28 36.13
C GLU A 298 11.02 47.01 35.07
N PRO A 299 12.05 46.35 34.51
CA PRO A 299 12.82 46.98 33.41
C PRO A 299 12.00 47.18 32.15
N ASP A 300 12.50 48.01 31.24
CA ASP A 300 11.74 48.44 30.07
C ASP A 300 12.17 47.62 28.86
N LEU A 301 11.28 47.55 27.88
CA LEU A 301 11.48 46.73 26.68
C LEU A 301 12.50 47.41 25.77
N THR A 302 13.65 46.77 25.59
CA THR A 302 14.67 47.23 24.66
C THR A 302 14.44 46.57 23.31
N ILE A 303 15.44 46.62 22.43
CA ILE A 303 15.38 45.87 21.17
C ILE A 303 16.15 44.55 21.28
N LYS A 304 17.00 44.40 22.29
CA LYS A 304 17.82 43.20 22.41
C LYS A 304 17.02 41.97 22.82
N ASP A 305 16.01 42.15 23.69
CA ASP A 305 15.14 41.03 24.04
C ASP A 305 14.26 40.63 22.85
N PHE A 306 13.88 41.60 22.02
CA PHE A 306 13.15 41.28 20.79
C PHE A 306 14.02 40.50 19.82
N LEU A 307 15.31 40.88 19.70
CA LEU A 307 16.22 40.14 18.82
C LEU A 307 16.49 38.74 19.38
N LYS A 308 16.53 38.61 20.70
CA LYS A 308 16.69 37.29 21.31
C LYS A 308 15.46 36.41 21.07
N ALA A 309 14.27 37.01 21.11
CA ALA A 309 13.05 36.26 20.80
C ALA A 309 13.00 35.89 19.32
N ILE A 310 13.56 36.73 18.44
CA ILE A 310 13.64 36.38 17.02
C ILE A 310 14.59 35.21 16.81
N LYS A 311 15.75 35.25 17.49
CA LYS A 311 16.71 34.16 17.39
C LYS A 311 16.19 32.87 18.02
N SER A 312 15.32 32.97 19.01
CA SER A 312 14.75 31.79 19.64
C SER A 312 13.63 31.17 18.80
N THR A 313 12.61 31.98 18.48
CA THR A 313 11.44 31.45 17.78
C THR A 313 11.73 31.25 16.30
N ARG A 314 11.35 30.08 15.79
CA ARG A 314 11.53 29.70 14.41
C ARG A 314 10.23 29.86 13.62
N PRO A 315 10.31 30.07 12.30
CA PRO A 315 9.08 30.13 11.48
C PRO A 315 8.43 28.74 11.39
N THR A 316 7.11 28.72 11.57
CA THR A 316 6.37 27.47 11.64
C THR A 316 5.91 26.96 10.27
N VAL A 317 6.20 27.67 9.18
CA VAL A 317 5.76 27.26 7.86
C VAL A 317 6.98 26.87 7.03
N ASN A 318 6.75 25.98 6.07
CA ASN A 318 7.79 25.47 5.19
C ASN A 318 7.55 25.95 3.76
N GLU A 319 8.35 25.45 2.83
CA GLU A 319 8.28 25.86 1.44
C GLU A 319 7.36 24.98 0.60
N ASP A 320 7.09 23.75 1.04
CA ASP A 320 6.19 22.87 0.29
C ASP A 320 4.76 23.36 0.37
N ASP A 321 4.33 23.82 1.54
CA ASP A 321 2.99 24.37 1.69
C ASP A 321 2.82 25.65 0.88
N LEU A 322 3.88 26.45 0.76
CA LEU A 322 3.80 27.69 -0.01
C LEU A 322 3.67 27.41 -1.51
N LEU A 323 4.42 26.44 -2.03
CA LEU A 323 4.29 26.11 -3.44
C LEU A 323 2.98 25.40 -3.74
N LYS A 324 2.46 24.62 -2.78
CA LYS A 324 1.15 24.02 -2.99
C LYS A 324 0.03 25.07 -2.94
N GLN A 325 0.18 26.09 -2.09
CA GLN A 325 -0.78 27.20 -2.09
C GLN A 325 -0.70 28.00 -3.38
N GLU A 326 0.52 28.19 -3.91
CA GLU A 326 0.68 28.88 -5.19
C GLU A 326 0.06 28.08 -6.34
N GLN A 327 0.22 26.75 -6.31
CA GLN A 327 -0.42 25.90 -7.31
C GLN A 327 -1.94 25.96 -7.20
N PHE A 328 -2.46 25.99 -5.98
CA PHE A 328 -3.91 26.04 -5.81
C PHE A 328 -4.48 27.38 -6.26
N THR A 329 -3.79 28.49 -5.98
CA THR A 329 -4.34 29.77 -6.42
C THR A 329 -4.13 29.99 -7.91
N ARG A 330 -3.11 29.38 -8.52
CA ARG A 330 -2.97 29.48 -9.97
C ARG A 330 -3.90 28.52 -10.69
N ASP A 331 -4.43 27.51 -10.00
CA ASP A 331 -5.41 26.62 -10.59
C ASP A 331 -6.84 27.09 -10.38
N PHE A 332 -7.13 27.81 -9.28
CA PHE A 332 -8.49 28.25 -9.00
C PHE A 332 -8.54 29.68 -8.50
N GLY A 333 -7.78 30.58 -9.11
CA GLY A 333 -7.83 31.98 -8.74
C GLY A 333 -9.08 32.70 -9.18
N ASN B 12 -24.81 11.71 28.66
CA ASN B 12 -24.02 12.93 28.77
C ASN B 12 -23.14 12.88 30.01
N LYS B 13 -23.58 12.13 31.02
CA LYS B 13 -22.80 11.97 32.24
C LYS B 13 -21.87 10.77 32.18
N LYS B 14 -22.18 9.79 31.32
CA LYS B 14 -21.30 8.64 31.13
C LYS B 14 -19.98 9.03 30.47
N LEU B 15 -19.99 10.09 29.64
CA LEU B 15 -18.75 10.59 29.05
C LEU B 15 -17.83 11.17 30.12
N ARG B 16 -18.38 11.94 31.06
CA ARG B 16 -17.58 12.45 32.17
C ARG B 16 -17.15 11.33 33.11
N GLY B 17 -17.99 10.32 33.29
CA GLY B 17 -17.60 9.17 34.09
C GLY B 17 -16.48 8.36 33.46
N ALA B 18 -16.44 8.30 32.13
CA ALA B 18 -15.35 7.61 31.45
C ALA B 18 -14.09 8.47 31.44
N LEU B 19 -14.24 9.79 31.35
CA LEU B 19 -13.08 10.68 31.32
C LEU B 19 -12.51 10.99 32.71
N SER B 20 -13.24 10.67 33.77
CA SER B 20 -12.74 10.88 35.12
C SER B 20 -11.61 9.93 35.51
N SER B 21 -11.39 8.86 34.74
CA SER B 21 -10.27 7.96 34.98
C SER B 21 -8.97 8.47 34.40
N ALA B 22 -8.98 9.59 33.69
CA ALA B 22 -7.77 10.18 33.13
C ALA B 22 -7.11 11.19 34.06
N ILE B 23 -7.77 11.56 35.15
CA ILE B 23 -7.21 12.47 36.14
C ILE B 23 -6.54 11.62 37.20
N LEU B 24 -5.21 11.55 37.17
CA LEU B 24 -4.48 10.73 38.13
C LEU B 24 -4.42 11.44 39.48
N SER B 25 -4.40 10.64 40.55
CA SER B 25 -4.31 11.16 41.90
C SER B 25 -3.20 10.48 42.71
N GLU B 26 -2.29 9.77 42.03
CA GLU B 26 -1.22 9.05 42.72
C GLU B 26 -0.04 9.93 43.09
N LYS B 27 0.18 11.03 42.33
CA LYS B 27 1.24 12.03 42.52
C LYS B 27 2.62 11.39 42.58
N PRO B 28 3.20 10.98 41.45
CA PRO B 28 4.53 10.37 41.45
C PRO B 28 5.59 11.36 41.90
N ASN B 29 6.30 11.01 42.97
CA ASN B 29 7.22 11.93 43.65
C ASN B 29 8.49 12.09 42.82
N VAL B 30 8.42 13.00 41.85
CA VAL B 30 9.55 13.39 41.02
C VAL B 30 9.69 14.90 41.16
N LYS B 31 10.75 15.35 41.81
CA LYS B 31 10.99 16.76 42.03
C LYS B 31 11.93 17.31 40.97
N TRP B 32 12.16 18.63 41.03
CA TRP B 32 13.03 19.29 40.07
C TRP B 32 14.50 18.94 40.28
N GLU B 33 14.87 18.53 41.49
CA GLU B 33 16.24 18.06 41.75
C GLU B 33 16.47 16.63 41.27
N ASP B 34 15.39 15.90 40.95
CA ASP B 34 15.55 14.55 40.43
C ASP B 34 15.98 14.56 38.97
N VAL B 35 15.58 15.59 38.24
CA VAL B 35 15.92 15.71 36.81
C VAL B 35 17.34 16.21 36.69
N ALA B 36 18.19 15.44 36.03
CA ALA B 36 19.59 15.81 35.81
C ALA B 36 19.70 16.55 34.49
N GLY B 37 19.99 17.85 34.57
CA GLY B 37 20.14 18.66 33.37
C GLY B 37 18.82 19.25 32.91
N LEU B 38 18.79 19.61 31.62
CA LEU B 38 17.63 20.16 30.92
C LEU B 38 17.12 21.44 31.59
N GLU B 39 18.05 22.38 31.81
CA GLU B 39 17.73 23.59 32.55
C GLU B 39 16.83 24.54 31.78
N GLY B 40 17.00 24.59 30.45
CA GLY B 40 16.12 25.44 29.65
C GLY B 40 14.70 24.92 29.60
N ALA B 41 14.53 23.60 29.47
CA ALA B 41 13.20 23.01 29.50
C ALA B 41 12.56 23.14 30.87
N LYS B 42 13.36 23.01 31.94
CA LYS B 42 12.83 23.18 33.29
C LYS B 42 12.44 24.63 33.56
N GLU B 43 13.20 25.59 33.04
CA GLU B 43 12.84 27.00 33.19
C GLU B 43 11.60 27.36 32.40
N ALA B 44 11.44 26.78 31.19
CA ALA B 44 10.25 27.02 30.39
C ALA B 44 9.01 26.41 31.05
N LEU B 45 9.15 25.21 31.62
CA LEU B 45 8.03 24.59 32.33
C LEU B 45 7.71 25.35 33.62
N LYS B 46 8.73 25.90 34.27
CA LYS B 46 8.51 26.70 35.48
C LYS B 46 7.74 27.98 35.15
N GLU B 47 8.18 28.72 34.13
CA GLU B 47 7.46 29.91 33.71
C GLU B 47 6.13 29.60 33.04
N ALA B 48 5.88 28.35 32.68
CA ALA B 48 4.57 27.93 32.18
C ALA B 48 3.58 27.62 33.29
N VAL B 49 3.98 26.89 34.35
CA VAL B 49 3.01 26.42 35.33
C VAL B 49 3.16 27.08 36.71
N ILE B 50 4.38 27.37 37.17
CA ILE B 50 4.58 27.81 38.55
C ILE B 50 4.21 29.28 38.67
N LEU B 51 4.57 30.07 37.67
CA LEU B 51 4.31 31.50 37.71
C LEU B 51 2.84 31.93 37.63
N PRO B 52 1.97 31.40 36.75
CA PRO B 52 0.59 31.91 36.72
C PRO B 52 -0.28 31.53 37.93
N VAL B 53 0.20 30.68 38.84
CA VAL B 53 -0.52 30.37 40.05
C VAL B 53 0.13 31.04 41.27
N LYS B 54 1.44 31.23 41.25
CA LYS B 54 2.12 31.87 42.38
C LYS B 54 2.08 33.38 42.29
N PHE B 55 2.29 33.94 41.09
CA PHE B 55 2.28 35.39 40.88
C PHE B 55 1.25 35.74 39.81
N PRO B 56 -0.03 35.83 40.19
CA PRO B 56 -1.06 36.14 39.19
C PRO B 56 -1.14 37.62 38.84
N HIS B 57 -0.41 38.49 39.53
CA HIS B 57 -0.45 39.92 39.27
C HIS B 57 0.52 40.35 38.17
N LEU B 58 1.24 39.40 37.56
CA LEU B 58 2.13 39.71 36.45
C LEU B 58 1.50 39.46 35.09
N PHE B 59 0.60 38.48 34.99
CA PHE B 59 -0.03 38.13 33.72
C PHE B 59 -1.38 38.82 33.59
N LYS B 60 -1.34 40.14 33.50
CA LYS B 60 -2.52 40.96 33.35
C LYS B 60 -2.35 41.89 32.16
N GLY B 61 -3.39 42.03 31.36
CA GLY B 61 -3.35 42.89 30.20
C GLY B 61 -2.97 42.10 28.96
N ASN B 62 -1.96 42.60 28.23
CA ASN B 62 -1.51 41.97 27.00
C ASN B 62 -0.52 40.83 27.23
N ARG B 63 -0.18 40.53 28.49
CA ARG B 63 0.75 39.46 28.82
C ARG B 63 -0.03 38.20 29.16
N LYS B 64 0.16 37.16 28.35
CA LYS B 64 -0.53 35.89 28.51
C LYS B 64 0.47 34.76 28.71
N PRO B 65 0.12 33.73 29.48
CA PRO B 65 1.03 32.60 29.65
C PRO B 65 1.06 31.70 28.41
N THR B 66 1.94 30.70 28.47
CA THR B 66 2.08 29.77 27.36
C THR B 66 0.91 28.81 27.32
N SER B 67 0.47 28.49 26.10
CA SER B 67 -0.70 27.64 25.89
C SER B 67 -0.33 26.45 25.00
N GLY B 68 0.77 25.78 25.34
CA GLY B 68 1.18 24.60 24.61
C GLY B 68 2.70 24.46 24.50
N ILE B 69 3.21 23.28 24.86
CA ILE B 69 4.65 23.01 24.88
C ILE B 69 4.85 21.61 24.31
N LEU B 70 5.65 21.50 23.26
CA LEU B 70 5.93 20.22 22.61
C LEU B 70 7.34 19.78 23.00
N LEU B 71 7.43 18.68 23.75
CA LEU B 71 8.71 18.09 24.11
C LEU B 71 9.02 16.98 23.11
N TYR B 72 10.17 17.07 22.46
CA TYR B 72 10.58 16.08 21.47
C TYR B 72 12.06 15.77 21.61
N GLY B 73 12.45 14.61 21.12
CA GLY B 73 13.84 14.20 21.17
C GLY B 73 14.02 12.72 20.88
N PRO B 74 15.20 12.18 21.18
CA PRO B 74 15.46 10.75 21.01
C PRO B 74 14.66 9.95 22.03
N PRO B 75 14.43 8.66 21.77
CA PRO B 75 13.69 7.83 22.73
C PRO B 75 14.50 7.60 24.00
N GLY B 76 13.87 7.85 25.14
CA GLY B 76 14.51 7.68 26.43
C GLY B 76 15.44 8.82 26.82
N THR B 77 14.92 10.04 26.84
CA THR B 77 15.71 11.19 27.26
C THR B 77 15.12 11.93 28.45
N GLY B 78 13.85 11.71 28.79
CA GLY B 78 13.29 12.29 29.99
C GLY B 78 12.03 13.14 29.79
N LYS B 79 11.33 12.94 28.67
CA LYS B 79 10.11 13.71 28.42
C LYS B 79 8.99 13.30 29.37
N SER B 80 8.80 11.99 29.55
CA SER B 80 7.84 11.51 30.53
C SER B 80 8.28 11.81 31.96
N TYR B 81 9.59 11.92 32.19
CA TYR B 81 10.09 12.27 33.52
C TYR B 81 9.79 13.74 33.84
N LEU B 82 9.95 14.63 32.86
CA LEU B 82 9.56 16.03 33.05
C LEU B 82 8.05 16.17 33.17
N ALA B 83 7.30 15.32 32.48
CA ALA B 83 5.85 15.32 32.67
C ALA B 83 5.45 14.87 34.07
N LYS B 84 6.16 13.87 34.62
CA LYS B 84 5.93 13.46 36.00
C LYS B 84 6.32 14.56 36.98
N ALA B 85 7.40 15.28 36.70
CA ALA B 85 7.82 16.37 37.57
C ALA B 85 6.84 17.53 37.52
N VAL B 86 6.26 17.81 36.35
CA VAL B 86 5.23 18.84 36.24
C VAL B 86 3.96 18.42 36.97
N ALA B 87 3.59 17.15 36.86
CA ALA B 87 2.43 16.64 37.58
C ALA B 87 2.64 16.61 39.09
N THR B 88 3.90 16.49 39.53
CA THR B 88 4.19 16.50 40.96
C THR B 88 4.21 17.92 41.52
N GLU B 89 4.91 18.83 40.85
CA GLU B 89 5.13 20.18 41.38
C GLU B 89 4.18 21.22 40.78
N ALA B 90 3.12 20.79 40.10
CA ALA B 90 2.22 21.74 39.47
C ALA B 90 1.15 22.27 40.42
N ASN B 91 0.68 21.43 41.35
CA ASN B 91 -0.42 21.71 42.27
C ASN B 91 -1.70 22.10 41.52
N SER B 92 -1.95 21.43 40.40
CA SER B 92 -3.10 21.68 39.55
C SER B 92 -3.64 20.35 39.03
N THR B 93 -4.71 20.44 38.25
CA THR B 93 -5.32 19.25 37.67
C THR B 93 -4.48 18.78 36.48
N PHE B 94 -4.13 17.49 36.48
CA PHE B 94 -3.28 16.91 35.45
C PHE B 94 -4.07 15.88 34.68
N PHE B 95 -4.24 16.11 33.37
CA PHE B 95 -4.93 15.19 32.49
C PHE B 95 -3.91 14.38 31.71
N SER B 96 -3.91 13.07 31.91
CA SER B 96 -3.01 12.16 31.20
C SER B 96 -3.87 11.30 30.29
N VAL B 97 -4.03 11.73 29.04
CA VAL B 97 -4.86 11.04 28.08
C VAL B 97 -3.96 10.44 27.00
N SER B 98 -4.54 9.56 26.20
CA SER B 98 -3.83 8.89 25.11
C SER B 98 -4.86 8.53 24.04
N SER B 99 -4.45 7.68 23.10
CA SER B 99 -5.32 7.28 21.99
C SER B 99 -6.40 6.29 22.42
N SER B 100 -6.28 5.69 23.59
CA SER B 100 -7.29 4.76 24.08
C SER B 100 -8.40 5.46 24.87
N ASP B 101 -8.24 6.74 25.18
CA ASP B 101 -9.24 7.49 25.93
C ASP B 101 -10.02 8.47 25.08
N LEU B 102 -9.75 8.54 23.78
CA LEU B 102 -10.45 9.46 22.88
C LEU B 102 -11.18 8.76 21.75
N VAL B 103 -10.61 7.69 21.21
CA VAL B 103 -11.24 6.96 20.11
C VAL B 103 -12.30 6.02 20.69
N SER B 104 -13.51 6.09 20.14
CA SER B 104 -14.62 5.29 20.61
C SER B 104 -15.15 4.42 19.47
N LYS B 105 -16.01 3.46 19.83
CA LYS B 105 -16.53 2.52 18.84
C LYS B 105 -17.66 3.13 18.03
N TRP B 106 -18.42 4.04 18.62
CA TRP B 106 -19.61 4.60 17.99
C TRP B 106 -19.20 5.75 17.06
N MET B 107 -20.20 6.49 16.57
CA MET B 107 -19.98 7.59 15.64
C MET B 107 -20.35 8.89 16.34
N GLY B 108 -19.41 9.85 16.34
CA GLY B 108 -19.59 11.09 17.04
C GLY B 108 -19.09 11.10 18.47
N GLU B 109 -19.02 9.93 19.11
CA GLU B 109 -18.46 9.84 20.45
C GLU B 109 -16.97 10.14 20.45
N SER B 110 -16.28 9.83 19.35
CA SER B 110 -14.84 10.11 19.24
C SER B 110 -14.53 11.59 19.24
N GLU B 111 -15.50 12.46 18.94
CA GLU B 111 -15.32 13.89 19.05
C GLU B 111 -15.99 14.47 20.29
N LYS B 112 -17.09 13.87 20.73
CA LYS B 112 -17.73 14.30 21.97
C LYS B 112 -16.86 14.02 23.19
N LEU B 113 -16.02 12.97 23.15
CA LEU B 113 -15.10 12.72 24.24
C LEU B 113 -14.02 13.80 24.32
N VAL B 114 -13.50 14.25 23.17
CA VAL B 114 -12.51 15.32 23.17
C VAL B 114 -13.13 16.64 23.59
N LYS B 115 -14.37 16.89 23.17
CA LYS B 115 -15.07 18.10 23.57
C LYS B 115 -15.35 18.11 25.07
N GLN B 116 -15.75 16.97 25.63
CA GLN B 116 -15.98 16.88 27.07
C GLN B 116 -14.68 16.95 27.86
N LEU B 117 -13.58 16.44 27.28
CA LEU B 117 -12.28 16.54 27.93
C LEU B 117 -11.81 17.99 28.03
N PHE B 118 -11.92 18.74 26.93
CA PHE B 118 -11.55 20.15 26.98
C PHE B 118 -12.53 20.97 27.81
N ALA B 119 -13.80 20.55 27.86
CA ALA B 119 -14.77 21.21 28.74
C ALA B 119 -14.44 20.99 30.20
N MET B 120 -14.02 19.78 30.58
CA MET B 120 -13.58 19.53 31.95
C MET B 120 -12.29 20.26 32.27
N ALA B 121 -11.39 20.40 31.29
CA ALA B 121 -10.15 21.12 31.51
C ALA B 121 -10.40 22.62 31.68
N ARG B 122 -11.38 23.16 30.97
CA ARG B 122 -11.75 24.57 31.17
C ARG B 122 -12.61 24.78 32.40
N GLU B 123 -13.32 23.74 32.86
CA GLU B 123 -14.11 23.85 34.08
C GLU B 123 -13.24 23.72 35.32
N ASN B 124 -12.13 23.00 35.23
CA ASN B 124 -11.22 22.81 36.36
C ASN B 124 -9.93 23.60 36.17
N LYS B 125 -10.05 24.83 35.68
CA LYS B 125 -8.87 25.66 35.47
C LYS B 125 -8.34 26.17 36.80
N PRO B 126 -7.00 26.21 36.99
CA PRO B 126 -5.94 25.83 36.05
C PRO B 126 -5.72 24.32 35.95
N SER B 127 -5.68 23.82 34.71
CA SER B 127 -5.52 22.40 34.45
C SER B 127 -4.47 22.19 33.37
N ILE B 128 -3.88 21.00 33.38
CA ILE B 128 -2.84 20.63 32.44
C ILE B 128 -3.29 19.37 31.70
N ILE B 129 -3.29 19.44 30.38
CA ILE B 129 -3.55 18.28 29.53
C ILE B 129 -2.21 17.78 29.01
N PHE B 130 -1.87 16.54 29.37
CA PHE B 130 -0.64 15.92 28.88
C PHE B 130 -1.02 14.80 27.93
N ILE B 131 -0.71 15.00 26.64
CA ILE B 131 -0.96 13.97 25.63
C ILE B 131 0.37 13.34 25.26
N ASP B 132 0.64 12.15 25.78
CA ASP B 132 1.84 11.42 25.39
C ASP B 132 1.64 10.82 24.01
N GLU B 133 2.68 10.89 23.18
CA GLU B 133 2.71 10.40 21.80
C GLU B 133 1.61 11.03 20.95
N VAL B 134 1.77 12.35 20.74
CA VAL B 134 0.84 13.11 19.91
C VAL B 134 0.92 12.73 18.43
N ASP B 135 1.97 12.02 18.00
CA ASP B 135 2.08 11.58 16.62
C ASP B 135 1.07 10.50 16.25
N ALA B 136 0.46 9.84 17.23
CA ALA B 136 -0.57 8.85 16.93
C ALA B 136 -1.88 9.51 16.52
N LEU B 137 -2.22 10.64 17.14
CA LEU B 137 -3.48 11.32 16.83
C LEU B 137 -3.34 12.28 15.65
N THR B 138 -2.18 12.91 15.50
CA THR B 138 -1.94 13.89 14.43
C THR B 138 -1.00 13.24 13.42
N GLY B 139 -1.56 12.82 12.28
CA GLY B 139 -0.80 12.13 11.25
C GLY B 139 -0.85 12.86 9.91
N THR B 140 -0.72 14.18 9.96
CA THR B 140 -0.62 15.19 8.88
C THR B 140 -1.74 15.15 7.84
N ARG B 141 -2.80 14.39 8.12
CA ARG B 141 -4.08 14.28 7.38
C ARG B 141 -3.93 14.33 5.86
N GLY B 142 -3.05 13.48 5.35
CA GLY B 142 -2.86 13.39 3.92
C GLY B 142 -3.22 12.05 3.33
N GLU B 143 -3.02 10.98 4.10
CA GLU B 143 -3.26 9.62 3.61
C GLU B 143 -3.96 8.71 4.59
N GLY B 144 -4.14 9.10 5.85
CA GLY B 144 -4.66 8.21 6.87
C GLY B 144 -6.15 7.96 6.75
N GLU B 145 -6.70 7.40 7.83
CA GLU B 145 -8.11 7.06 7.85
C GLU B 145 -8.95 8.34 7.93
N SER B 146 -9.95 8.42 7.05
CA SER B 146 -10.64 9.68 6.77
C SER B 146 -11.40 10.18 7.99
N GLU B 147 -12.33 9.37 8.50
CA GLU B 147 -13.18 9.71 9.64
C GLU B 147 -12.39 10.07 10.89
N ALA B 148 -11.62 9.10 11.42
CA ALA B 148 -10.89 9.31 12.66
C ALA B 148 -9.85 10.42 12.53
N SER B 149 -9.03 10.37 11.47
CA SER B 149 -7.97 11.35 11.24
C SER B 149 -8.52 12.77 11.10
N ARG B 150 -9.42 12.99 10.13
CA ARG B 150 -9.93 14.33 9.87
C ARG B 150 -10.72 14.88 11.04
N ARG B 151 -11.65 14.08 11.59
CA ARG B 151 -12.51 14.59 12.66
C ARG B 151 -11.73 14.84 13.94
N ILE B 152 -10.83 13.93 14.32
CA ILE B 152 -10.05 14.09 15.54
C ILE B 152 -9.07 15.25 15.41
N LYS B 153 -8.43 15.42 14.24
CA LYS B 153 -7.49 16.53 14.06
C LYS B 153 -8.20 17.87 14.04
N THR B 154 -9.36 17.97 13.35
CA THR B 154 -10.08 19.22 13.31
C THR B 154 -10.68 19.58 14.66
N GLU B 155 -11.19 18.60 15.41
CA GLU B 155 -11.69 18.86 16.74
C GLU B 155 -10.56 19.23 17.71
N LEU B 156 -9.37 18.66 17.52
CA LEU B 156 -8.23 19.06 18.32
C LEU B 156 -7.82 20.49 18.06
N LEU B 157 -7.84 20.91 16.79
CA LEU B 157 -7.53 22.30 16.45
C LEU B 157 -8.56 23.27 17.02
N VAL B 158 -9.85 22.92 16.89
CA VAL B 158 -10.93 23.78 17.37
C VAL B 158 -10.90 23.88 18.90
N GLN B 159 -10.65 22.78 19.58
CA GLN B 159 -10.55 22.83 21.03
C GLN B 159 -9.24 23.44 21.51
N MET B 160 -8.21 23.50 20.66
CA MET B 160 -6.98 24.16 21.06
C MET B 160 -7.12 25.68 20.98
N ASN B 161 -7.45 26.23 19.80
CA ASN B 161 -7.78 27.65 19.78
C ASN B 161 -9.22 27.91 19.33
N GLY B 162 -9.61 27.46 18.14
CA GLY B 162 -10.95 27.64 17.58
C GLY B 162 -11.34 29.10 17.45
N VAL B 163 -12.64 29.35 17.62
CA VAL B 163 -13.17 30.71 17.61
C VAL B 163 -13.93 30.97 18.90
N GLY B 164 -14.95 30.15 19.18
CA GLY B 164 -15.79 30.35 20.34
C GLY B 164 -15.47 29.46 21.50
N ASN B 165 -14.18 29.25 21.78
CA ASN B 165 -13.76 28.38 22.88
C ASN B 165 -13.01 29.16 23.96
N ASP B 166 -12.00 29.96 23.58
CA ASP B 166 -11.20 30.82 24.47
C ASP B 166 -10.50 29.98 25.55
N SER B 167 -9.60 29.12 25.08
CA SER B 167 -8.78 28.29 25.96
C SER B 167 -7.77 29.18 26.67
N GLN B 168 -8.07 29.56 27.90
CA GLN B 168 -7.25 30.48 28.68
C GLN B 168 -6.98 29.85 30.04
N GLY B 169 -5.72 29.55 30.32
CA GLY B 169 -5.31 28.96 31.57
C GLY B 169 -4.94 27.49 31.48
N VAL B 170 -5.28 26.82 30.38
CA VAL B 170 -4.97 25.40 30.20
C VAL B 170 -3.64 25.28 29.47
N LEU B 171 -2.94 24.18 29.70
CA LEU B 171 -1.66 23.90 29.07
C LEU B 171 -1.72 22.52 28.42
N VAL B 172 -1.34 22.45 27.15
CA VAL B 172 -1.35 21.22 26.39
C VAL B 172 0.08 20.75 26.25
N LEU B 173 0.51 19.86 27.14
CA LEU B 173 1.83 19.24 27.03
C LEU B 173 1.79 18.08 26.06
N GLY B 174 2.87 17.91 25.32
CA GLY B 174 2.98 16.81 24.38
C GLY B 174 4.41 16.29 24.34
N ALA B 175 4.52 14.97 24.33
CA ALA B 175 5.82 14.30 24.30
C ALA B 175 5.80 13.26 23.20
N THR B 176 6.69 13.42 22.22
CA THR B 176 6.72 12.53 21.07
C THR B 176 8.16 12.28 20.64
N ASN B 177 8.39 11.12 20.03
CA ASN B 177 9.69 10.78 19.50
C ASN B 177 9.82 11.12 18.02
N ILE B 178 8.69 11.31 17.34
CA ILE B 178 8.67 11.63 15.91
C ILE B 178 8.07 13.01 15.72
N PRO B 179 8.87 14.09 15.79
CA PRO B 179 8.29 15.43 15.65
C PRO B 179 8.05 15.86 14.22
N TRP B 180 8.70 15.24 13.24
CA TRP B 180 8.51 15.65 11.85
C TRP B 180 7.23 15.10 11.23
N GLN B 181 6.62 14.08 11.84
CA GLN B 181 5.38 13.51 11.34
C GLN B 181 4.13 14.17 11.93
N LEU B 182 4.27 15.36 12.49
CA LEU B 182 3.14 16.10 13.01
C LEU B 182 2.47 16.88 11.89
N ASP B 183 1.20 17.22 12.11
CA ASP B 183 0.50 18.10 11.19
C ASP B 183 1.06 19.51 11.31
N SER B 184 1.00 20.25 10.19
CA SER B 184 1.50 21.62 10.19
C SER B 184 0.64 22.54 11.05
N ALA B 185 -0.67 22.29 11.10
CA ALA B 185 -1.54 23.08 11.96
C ALA B 185 -1.29 22.76 13.43
N ILE B 186 -1.01 21.49 13.76
CA ILE B 186 -0.67 21.11 15.13
C ILE B 186 0.66 21.72 15.54
N ARG B 187 1.63 21.75 14.62
CA ARG B 187 2.91 22.39 14.88
C ARG B 187 2.76 23.90 15.03
N ARG B 188 1.78 24.49 14.34
CA ARG B 188 1.44 25.89 14.58
C ARG B 188 0.80 26.09 15.94
N ARG B 189 -0.01 25.13 16.40
CA ARG B 189 -0.65 25.25 17.71
C ARG B 189 0.37 25.16 18.83
N PHE B 190 1.30 24.21 18.75
CA PHE B 190 2.35 24.06 19.76
C PHE B 190 3.35 25.19 19.60
N GLU B 191 3.22 26.21 20.43
CA GLU B 191 4.01 27.43 20.29
C GLU B 191 5.38 27.35 20.93
N ARG B 192 5.74 26.21 21.53
CA ARG B 192 7.04 26.06 22.19
C ARG B 192 7.58 24.68 21.85
N ARG B 193 8.49 24.62 20.89
CA ARG B 193 9.14 23.37 20.48
C ARG B 193 10.45 23.25 21.24
N ILE B 194 10.48 22.39 22.25
CA ILE B 194 11.62 22.23 23.14
C ILE B 194 12.27 20.88 22.83
N TYR B 195 13.54 20.91 22.44
CA TYR B 195 14.28 19.70 22.10
C TYR B 195 15.00 19.21 23.35
N ILE B 196 14.67 17.99 23.78
CA ILE B 196 15.32 17.35 24.91
C ILE B 196 16.42 16.45 24.34
N PRO B 197 17.69 16.79 24.48
CA PRO B 197 18.75 15.99 23.85
C PRO B 197 19.28 14.88 24.75
N LEU B 198 20.28 14.17 24.26
CA LEU B 198 21.01 13.23 25.10
C LEU B 198 21.82 14.00 26.14
N PRO B 199 21.98 13.48 27.36
CA PRO B 199 22.65 14.26 28.41
C PRO B 199 24.16 14.38 28.19
N ASP B 200 24.70 15.50 28.64
CA ASP B 200 26.13 15.79 28.53
C ASP B 200 26.86 15.21 29.74
N LEU B 201 28.11 15.62 29.93
CA LEU B 201 28.97 15.00 30.94
C LEU B 201 28.52 15.34 32.36
N ALA B 202 28.23 16.62 32.63
CA ALA B 202 27.76 17.01 33.96
C ALA B 202 26.39 16.44 34.27
N ALA B 203 25.52 16.36 33.27
CA ALA B 203 24.20 15.74 33.45
C ALA B 203 24.33 14.25 33.72
N ARG B 204 25.29 13.58 33.07
CA ARG B 204 25.50 12.16 33.31
C ARG B 204 26.07 11.90 34.70
N THR B 205 26.98 12.76 35.17
CA THR B 205 27.53 12.60 36.52
C THR B 205 26.47 12.86 37.58
N THR B 206 25.64 13.90 37.39
CA THR B 206 24.56 14.15 38.35
C THR B 206 23.49 13.07 38.29
N MET B 207 23.28 12.47 37.12
CA MET B 207 22.32 11.37 37.01
C MET B 207 22.83 10.12 37.71
N PHE B 208 24.15 9.88 37.63
CA PHE B 208 24.75 8.78 38.39
C PHE B 208 24.65 9.02 39.88
N GLU B 209 24.88 10.28 40.31
CA GLU B 209 24.76 10.62 41.73
C GLU B 209 23.33 10.49 42.24
N ILE B 210 22.36 10.78 41.38
CA ILE B 210 20.96 10.64 41.77
C ILE B 210 20.57 9.15 41.82
N ASN B 211 20.96 8.39 40.79
CA ASN B 211 20.50 7.01 40.68
C ASN B 211 21.20 6.07 41.66
N VAL B 212 22.42 6.39 42.09
CA VAL B 212 23.08 5.56 43.10
C VAL B 212 22.40 5.73 44.45
N GLY B 213 22.23 6.98 44.89
CA GLY B 213 21.46 7.23 46.09
C GLY B 213 22.25 7.00 47.37
N ASP B 214 21.55 6.53 48.40
CA ASP B 214 22.11 6.31 49.72
C ASP B 214 22.71 4.92 49.90
N THR B 215 23.04 4.24 48.82
CA THR B 215 23.67 2.93 48.93
C THR B 215 25.12 3.11 49.37
N PRO B 216 25.58 2.37 50.39
CA PRO B 216 26.98 2.52 50.85
C PRO B 216 27.99 2.02 49.83
N CYS B 217 28.75 2.95 49.26
CA CYS B 217 29.72 2.65 48.23
C CYS B 217 31.01 3.41 48.49
N VAL B 218 32.10 2.92 47.88
CA VAL B 218 33.39 3.58 48.00
C VAL B 218 33.63 4.59 46.88
N LEU B 219 32.64 4.86 46.04
CA LEU B 219 32.80 5.77 44.92
C LEU B 219 32.88 7.21 45.40
N THR B 220 33.67 8.01 44.69
CA THR B 220 33.87 9.42 44.97
C THR B 220 33.40 10.25 43.78
N LYS B 221 33.61 11.57 43.89
CA LYS B 221 33.25 12.48 42.81
C LYS B 221 34.14 12.28 41.59
N GLU B 222 35.42 11.95 41.79
CA GLU B 222 36.29 11.62 40.67
C GLU B 222 35.88 10.30 40.02
N ASP B 223 35.39 9.35 40.81
CA ASP B 223 34.88 8.10 40.26
C ASP B 223 33.62 8.33 39.43
N TYR B 224 32.72 9.20 39.91
CA TYR B 224 31.53 9.54 39.14
C TYR B 224 31.90 10.31 37.87
N ARG B 225 32.94 11.15 37.95
CA ARG B 225 33.41 11.87 36.76
C ARG B 225 33.99 10.93 35.72
N THR B 226 34.75 9.92 36.16
CA THR B 226 35.29 8.94 35.22
C THR B 226 34.19 8.06 34.65
N LEU B 227 33.14 7.78 35.44
CA LEU B 227 31.99 7.02 34.92
C LEU B 227 31.24 7.83 33.86
N GLY B 228 31.04 9.12 34.11
CA GLY B 228 30.39 9.96 33.13
C GLY B 228 31.23 10.18 31.88
N ALA B 229 32.55 10.17 32.02
CA ALA B 229 33.42 10.22 30.85
C ALA B 229 33.43 8.89 30.10
N MET B 230 33.18 7.79 30.81
CA MET B 230 33.14 6.49 30.16
C MET B 230 31.86 6.32 29.36
N THR B 231 30.72 6.71 29.93
CA THR B 231 29.43 6.60 29.24
C THR B 231 29.35 7.70 28.19
N GLU B 232 29.87 7.40 27.00
CA GLU B 232 29.91 8.35 25.88
C GLU B 232 28.77 8.02 24.92
N GLY B 233 27.72 8.81 24.97
CA GLY B 233 26.57 8.63 24.11
C GLY B 233 25.42 7.85 24.73
N TYR B 234 25.46 7.60 26.02
CA TYR B 234 24.40 6.86 26.69
C TYR B 234 23.19 7.77 26.92
N SER B 235 22.04 7.14 27.16
CA SER B 235 20.81 7.85 27.46
C SER B 235 20.47 7.68 28.94
N GLY B 236 19.39 8.34 29.36
CA GLY B 236 19.01 8.32 30.76
C GLY B 236 18.53 6.96 31.23
N SER B 237 17.76 6.26 30.38
CA SER B 237 17.36 4.90 30.69
C SER B 237 18.55 3.95 30.71
N ASP B 238 19.56 4.22 29.87
CA ASP B 238 20.76 3.39 29.88
C ASP B 238 21.57 3.61 31.15
N ILE B 239 21.63 4.85 31.64
CA ILE B 239 22.27 5.12 32.92
C ILE B 239 21.49 4.47 34.06
N ALA B 240 20.16 4.48 33.97
CA ALA B 240 19.33 3.83 34.99
C ALA B 240 19.55 2.32 35.01
N VAL B 241 19.67 1.69 33.84
CA VAL B 241 19.85 0.24 33.84
C VAL B 241 21.30 -0.16 34.15
N VAL B 242 22.30 0.67 33.87
CA VAL B 242 23.64 0.28 34.33
C VAL B 242 23.77 0.50 35.84
N VAL B 243 23.02 1.47 36.40
CA VAL B 243 22.97 1.60 37.85
C VAL B 243 22.24 0.41 38.47
N LYS B 244 21.18 -0.06 37.81
CA LYS B 244 20.46 -1.24 38.27
C LYS B 244 21.32 -2.50 38.20
N ASP B 245 22.12 -2.65 37.15
CA ASP B 245 22.99 -3.81 37.02
C ASP B 245 24.13 -3.77 38.04
N ALA B 246 24.73 -2.59 38.24
CA ALA B 246 25.76 -2.46 39.26
C ALA B 246 25.22 -2.64 40.67
N LEU B 247 23.96 -2.31 40.91
CA LEU B 247 23.37 -2.56 42.21
C LEU B 247 22.99 -4.02 42.39
N MET B 248 22.65 -4.71 41.30
CA MET B 248 22.37 -6.14 41.40
C MET B 248 23.63 -6.98 41.43
N GLN B 249 24.79 -6.40 41.10
CA GLN B 249 26.05 -7.12 41.14
C GLN B 249 26.46 -7.68 42.52
N PRO B 250 26.24 -7.01 43.67
CA PRO B 250 26.51 -7.70 44.95
C PRO B 250 25.59 -8.87 45.23
N ILE B 251 24.40 -8.94 44.63
CA ILE B 251 23.57 -10.13 44.80
C ILE B 251 24.19 -11.32 44.07
N ARG B 252 24.74 -11.09 42.88
CA ARG B 252 25.47 -12.14 42.19
C ARG B 252 26.77 -12.50 42.92
N LYS B 253 27.38 -11.52 43.59
CA LYS B 253 28.57 -11.79 44.39
C LYS B 253 28.25 -12.66 45.60
N ILE B 254 27.12 -12.40 46.27
CA ILE B 254 26.71 -13.21 47.41
C ILE B 254 26.08 -14.52 46.98
N GLN B 255 25.69 -14.66 45.71
CA GLN B 255 25.15 -15.92 45.22
C GLN B 255 26.25 -16.87 44.76
N SER B 256 27.08 -16.43 43.81
CA SER B 256 28.07 -17.31 43.19
C SER B 256 29.43 -17.25 43.89
N ALA B 257 29.43 -17.45 45.21
CA ALA B 257 30.67 -17.47 45.98
C ALA B 257 30.45 -18.27 47.25
N THR B 258 31.54 -18.87 47.75
CA THR B 258 31.56 -19.60 49.00
C THR B 258 32.63 -19.02 49.92
N HIS B 259 32.85 -19.70 51.04
CA HIS B 259 33.88 -19.40 52.04
C HIS B 259 33.70 -17.99 52.62
N PHE B 260 32.58 -17.82 53.32
CA PHE B 260 32.25 -16.56 53.96
C PHE B 260 33.13 -16.34 55.18
N LYS B 261 33.06 -15.13 55.73
CA LYS B 261 33.90 -14.75 56.86
C LYS B 261 33.19 -13.67 57.67
N ASP B 262 33.09 -13.88 58.97
CA ASP B 262 32.45 -12.90 59.85
C ASP B 262 33.34 -11.67 59.99
N VAL B 263 32.80 -10.52 59.63
CA VAL B 263 33.52 -9.25 59.72
C VAL B 263 32.89 -8.39 60.81
N SER B 264 33.73 -7.92 61.73
CA SER B 264 33.37 -7.08 62.87
C SER B 264 32.27 -7.68 63.75
N GLU B 269 28.39 -8.61 66.37
CA GLU B 269 27.32 -7.95 65.61
C GLU B 269 26.37 -8.99 65.02
N THR B 270 26.24 -10.11 65.74
CA THR B 270 25.38 -11.25 65.39
C THR B 270 25.74 -11.81 64.01
N ARG B 271 27.03 -12.13 63.84
CA ARG B 271 27.58 -12.90 62.72
C ARG B 271 27.34 -12.22 61.36
N LYS B 272 27.87 -11.00 61.23
CA LYS B 272 27.81 -10.27 59.96
C LYS B 272 28.87 -10.84 59.04
N LEU B 273 28.51 -11.90 58.32
CA LEU B 273 29.43 -12.65 57.48
C LEU B 273 29.35 -12.16 56.04
N THR B 274 30.49 -12.21 55.36
CA THR B 274 30.71 -11.58 54.06
C THR B 274 31.48 -12.55 53.16
N PRO B 275 31.09 -12.70 51.89
CA PRO B 275 31.89 -13.51 50.97
C PRO B 275 33.24 -12.87 50.69
N CYS B 276 34.25 -13.72 50.57
CA CYS B 276 35.62 -13.26 50.32
C CYS B 276 36.36 -14.34 49.54
N SER B 277 37.68 -14.25 49.52
CA SER B 277 38.50 -15.25 48.86
C SER B 277 38.46 -16.56 49.64
N PRO B 278 38.58 -17.70 48.95
CA PRO B 278 38.61 -19.01 49.64
C PRO B 278 39.89 -19.17 50.45
N GLY B 279 39.73 -19.24 51.77
CA GLY B 279 40.85 -19.38 52.67
C GLY B 279 41.22 -18.08 53.34
N ASP B 280 40.77 -17.91 54.57
CA ASP B 280 40.98 -16.68 55.35
C ASP B 280 40.88 -17.05 56.83
N ASP B 281 40.74 -16.04 57.68
CA ASP B 281 40.56 -16.23 59.12
C ASP B 281 39.10 -16.58 59.40
N GLY B 282 38.74 -17.83 59.14
CA GLY B 282 37.39 -18.30 59.35
C GLY B 282 36.59 -18.45 58.07
N ALA B 283 37.22 -19.00 57.04
CA ALA B 283 36.58 -19.23 55.75
C ALA B 283 35.65 -20.45 55.84
N ILE B 284 34.46 -20.20 56.38
CA ILE B 284 33.48 -21.25 56.59
C ILE B 284 32.78 -21.55 55.25
N GLU B 285 32.88 -22.80 54.81
CA GLU B 285 32.30 -23.22 53.53
C GLU B 285 30.86 -23.63 53.76
N MET B 286 29.92 -22.74 53.41
CA MET B 286 28.50 -23.02 53.50
C MET B 286 27.79 -22.31 52.35
N SER B 287 26.47 -22.29 52.42
CA SER B 287 25.65 -21.66 51.39
C SER B 287 24.95 -20.42 51.94
N TRP B 288 24.62 -19.49 51.04
CA TRP B 288 23.93 -18.28 51.44
C TRP B 288 22.45 -18.50 51.70
N THR B 289 21.88 -19.60 51.19
CA THR B 289 20.47 -19.88 51.41
C THR B 289 20.19 -20.32 52.84
N ASP B 290 21.17 -20.94 53.49
CA ASP B 290 20.99 -21.31 54.90
C ASP B 290 21.11 -20.11 55.82
N ILE B 291 21.74 -19.03 55.35
CA ILE B 291 21.91 -17.84 56.17
C ILE B 291 20.57 -17.11 56.27
N GLU B 292 20.10 -16.90 57.49
CA GLU B 292 18.86 -16.18 57.71
C GLU B 292 19.12 -14.68 57.56
N ALA B 293 18.03 -13.90 57.52
CA ALA B 293 18.13 -12.46 57.29
C ALA B 293 18.74 -11.75 58.49
N ASP B 294 19.18 -10.51 58.23
CA ASP B 294 19.70 -9.50 59.16
C ASP B 294 21.11 -9.81 59.69
N GLU B 295 21.64 -10.99 59.42
CA GLU B 295 23.09 -11.20 59.47
C GLU B 295 23.69 -11.13 58.06
N LEU B 296 23.36 -10.06 57.34
CA LEU B 296 23.73 -9.92 55.94
C LEU B 296 24.61 -8.69 55.78
N LYS B 297 25.86 -8.91 55.40
CA LYS B 297 26.82 -7.84 55.11
C LYS B 297 27.28 -8.05 53.67
N GLU B 298 26.53 -7.47 52.73
CA GLU B 298 26.87 -7.58 51.32
C GLU B 298 28.10 -6.72 51.01
N PRO B 299 28.90 -7.09 50.01
CA PRO B 299 30.03 -6.24 49.62
C PRO B 299 29.57 -4.93 49.01
N ASP B 300 30.32 -3.88 49.31
CA ASP B 300 29.99 -2.53 48.89
C ASP B 300 30.31 -2.34 47.41
N LEU B 301 29.69 -1.34 46.80
CA LEU B 301 29.91 -1.06 45.39
C LEU B 301 31.29 -0.44 45.18
N THR B 302 31.92 -0.79 44.07
CA THR B 302 33.18 -0.23 43.64
C THR B 302 33.02 0.34 42.24
N ILE B 303 34.13 0.75 41.63
CA ILE B 303 34.10 1.17 40.24
C ILE B 303 34.18 -0.02 39.28
N LYS B 304 34.55 -1.20 39.79
CA LYS B 304 34.65 -2.37 38.94
C LYS B 304 33.28 -2.89 38.53
N ASP B 305 32.30 -2.80 39.44
CA ASP B 305 30.94 -3.23 39.13
C ASP B 305 30.29 -2.32 38.09
N PHE B 306 30.52 -1.01 38.22
CA PHE B 306 29.98 -0.08 37.24
C PHE B 306 30.70 -0.18 35.91
N LEU B 307 32.00 -0.52 35.92
CA LEU B 307 32.72 -0.76 34.68
C LEU B 307 32.21 -2.02 33.99
N LYS B 308 31.89 -3.05 34.77
CA LYS B 308 31.29 -4.26 34.19
C LYS B 308 29.90 -4.00 33.65
N ALA B 309 29.13 -3.14 34.32
CA ALA B 309 27.81 -2.78 33.83
C ALA B 309 27.89 -1.97 32.53
N ILE B 310 28.88 -1.08 32.43
CA ILE B 310 29.11 -0.34 31.18
C ILE B 310 29.55 -1.29 30.07
N LYS B 311 30.41 -2.26 30.38
CA LYS B 311 30.87 -3.21 29.37
C LYS B 311 29.75 -4.15 28.92
N SER B 312 28.82 -4.45 29.82
CA SER B 312 27.71 -5.35 29.46
C SER B 312 26.62 -4.61 28.68
N THR B 313 26.09 -3.53 29.23
CA THR B 313 24.96 -2.85 28.61
C THR B 313 25.43 -1.89 27.53
N ARG B 314 24.72 -1.91 26.40
CA ARG B 314 25.03 -1.16 25.19
C ARG B 314 24.06 0.01 25.03
N PRO B 315 24.51 1.12 24.44
CA PRO B 315 23.58 2.23 24.15
C PRO B 315 22.50 1.83 23.15
N THR B 316 21.33 2.47 23.28
CA THR B 316 20.18 2.12 22.48
C THR B 316 20.02 3.05 21.28
N VAL B 317 20.23 4.35 21.48
CA VAL B 317 19.97 5.35 20.46
C VAL B 317 21.06 5.30 19.38
N ASN B 318 20.64 5.27 18.12
CA ASN B 318 21.56 5.24 16.99
C ASN B 318 22.06 6.64 16.65
N GLU B 319 22.70 6.79 15.49
CA GLU B 319 23.27 8.07 15.07
C GLU B 319 22.63 8.60 13.79
N ASP B 320 21.45 8.10 13.45
CA ASP B 320 20.66 8.63 12.35
C ASP B 320 19.42 9.39 12.83
N ASP B 321 18.77 8.88 13.87
CA ASP B 321 17.67 9.61 14.50
C ASP B 321 18.17 10.91 15.13
N LEU B 322 19.43 10.94 15.59
CA LEU B 322 20.02 12.18 16.07
C LEU B 322 20.15 13.20 14.93
N LEU B 323 20.47 12.74 13.72
CA LEU B 323 20.51 13.64 12.57
C LEU B 323 19.13 14.14 12.19
N LYS B 324 18.11 13.27 12.33
CA LYS B 324 16.74 13.72 12.05
C LYS B 324 16.25 14.74 13.09
N GLN B 325 16.59 14.53 14.37
CA GLN B 325 16.24 15.51 15.40
C GLN B 325 17.01 16.81 15.22
N GLU B 326 18.26 16.72 14.75
CA GLU B 326 19.04 17.94 14.49
C GLU B 326 18.47 18.72 13.33
N GLN B 327 18.01 18.03 12.28
CA GLN B 327 17.35 18.69 11.17
C GLN B 327 16.04 19.34 11.60
N PHE B 328 15.30 18.67 12.49
CA PHE B 328 14.06 19.28 12.99
C PHE B 328 14.32 20.49 13.88
N THR B 329 15.43 20.48 14.64
CA THR B 329 15.76 21.65 15.44
C THR B 329 16.14 22.83 14.55
N ARG B 330 17.02 22.58 13.58
CA ARG B 330 17.42 23.64 12.65
C ARG B 330 16.27 24.10 11.75
N ASP B 331 15.23 23.30 11.59
CA ASP B 331 14.05 23.74 10.85
C ASP B 331 13.08 24.55 11.73
N PHE B 332 12.54 23.94 12.78
CA PHE B 332 11.46 24.58 13.55
C PHE B 332 11.65 24.51 15.06
N GLY B 333 12.87 24.31 15.57
CA GLY B 333 13.03 23.96 16.96
C GLY B 333 13.98 24.88 17.71
N GLN B 334 13.76 24.93 19.03
CA GLN B 334 14.64 25.63 19.96
C GLN B 334 15.67 24.63 20.52
N GLU B 335 16.38 25.01 21.57
CA GLU B 335 17.30 24.12 22.27
C GLU B 335 16.88 24.01 23.73
N GLY B 336 17.11 22.82 24.30
CA GLY B 336 16.71 22.57 25.67
C GLY B 336 17.89 22.38 26.62
N ASN B 337 19.08 22.77 26.16
CA ASN B 337 20.35 22.72 26.91
C ASN B 337 20.67 21.32 27.45
N ASN C 12 -15.96 -3.22 29.13
CA ASN C 12 -14.99 -3.61 30.15
C ASN C 12 -15.10 -5.09 30.46
N LYS C 13 -16.33 -5.55 30.75
CA LYS C 13 -16.55 -6.94 31.09
C LYS C 13 -16.48 -7.84 29.85
N LYS C 14 -16.87 -7.32 28.69
CA LYS C 14 -16.76 -8.09 27.46
C LYS C 14 -15.30 -8.29 27.06
N LEU C 15 -14.48 -7.26 27.24
CA LEU C 15 -13.05 -7.38 26.96
C LEU C 15 -12.36 -8.32 27.93
N ARG C 16 -12.79 -8.30 29.20
CA ARG C 16 -12.24 -9.23 30.17
C ARG C 16 -12.69 -10.67 29.89
N GLY C 17 -13.92 -10.85 29.42
CA GLY C 17 -14.36 -12.18 29.01
C GLY C 17 -13.66 -12.68 27.76
N ALA C 18 -13.25 -11.75 26.88
CA ALA C 18 -12.46 -12.14 25.72
C ALA C 18 -11.02 -12.44 26.08
N LEU C 19 -10.47 -11.76 27.09
CA LEU C 19 -9.08 -11.96 27.50
C LEU C 19 -8.91 -13.00 28.58
N SER C 20 -10.00 -13.57 29.11
CA SER C 20 -9.88 -14.62 30.12
C SER C 20 -9.31 -15.92 29.57
N SER C 21 -9.31 -16.10 28.24
CA SER C 21 -8.72 -17.28 27.62
C SER C 21 -7.25 -17.07 27.26
N ALA C 22 -6.57 -16.13 27.91
CA ALA C 22 -5.16 -15.88 27.67
C ALA C 22 -4.25 -16.40 28.77
N ILE C 23 -4.74 -16.49 30.01
CA ILE C 23 -3.97 -17.04 31.11
C ILE C 23 -3.94 -18.56 30.96
N LEU C 24 -2.77 -19.11 30.66
CA LEU C 24 -2.66 -20.56 30.53
C LEU C 24 -2.65 -21.21 31.90
N SER C 25 -3.48 -22.23 32.07
CA SER C 25 -3.56 -23.02 33.30
C SER C 25 -3.11 -24.46 33.05
N GLU C 26 -2.17 -24.63 32.13
CA GLU C 26 -1.69 -25.95 31.73
C GLU C 26 -0.37 -26.31 32.40
N LYS C 27 0.50 -25.33 32.62
CA LYS C 27 1.82 -25.45 33.26
C LYS C 27 2.68 -26.52 32.60
N PRO C 28 3.25 -26.25 31.40
CA PRO C 28 4.06 -27.27 30.71
C PRO C 28 5.33 -27.63 31.47
N ASN C 29 5.46 -28.92 31.81
CA ASN C 29 6.51 -29.38 32.72
C ASN C 29 7.86 -29.39 32.00
N VAL C 30 8.47 -28.22 31.94
CA VAL C 30 9.83 -28.04 31.44
C VAL C 30 10.61 -27.33 32.54
N LYS C 31 11.59 -28.02 33.11
CA LYS C 31 12.38 -27.48 34.20
C LYS C 31 13.63 -26.79 33.67
N TRP C 32 14.37 -26.17 34.58
CA TRP C 32 15.59 -25.45 34.21
C TRP C 32 16.70 -26.38 33.75
N GLU C 33 16.72 -27.62 34.23
CA GLU C 33 17.70 -28.60 33.78
C GLU C 33 17.39 -29.17 32.40
N ASP C 34 16.17 -28.96 31.90
CA ASP C 34 15.83 -29.44 30.56
C ASP C 34 16.50 -28.58 29.49
N VAL C 35 16.71 -27.30 29.78
CA VAL C 35 17.37 -26.42 28.83
C VAL C 35 18.88 -26.62 28.94
N ALA C 36 19.53 -26.83 27.80
CA ALA C 36 20.97 -27.04 27.76
C ALA C 36 21.66 -25.76 27.30
N GLY C 37 22.69 -25.35 28.03
CA GLY C 37 23.39 -24.13 27.71
C GLY C 37 22.58 -22.90 28.10
N LEU C 38 22.92 -21.78 27.45
CA LEU C 38 22.30 -20.46 27.64
C LEU C 38 22.35 -20.02 29.11
N GLU C 39 23.58 -19.95 29.63
CA GLU C 39 23.78 -19.69 31.05
C GLU C 39 23.45 -18.26 31.42
N GLY C 40 23.76 -17.30 30.56
CA GLY C 40 23.44 -15.91 30.85
C GLY C 40 21.94 -15.64 30.83
N ALA C 41 21.24 -16.19 29.83
CA ALA C 41 19.78 -16.09 29.78
C ALA C 41 19.14 -16.81 30.95
N LYS C 42 19.70 -17.96 31.33
CA LYS C 42 19.22 -18.71 32.49
C LYS C 42 19.36 -17.90 33.77
N GLU C 43 20.52 -17.27 33.97
CA GLU C 43 20.76 -16.49 35.19
C GLU C 43 19.89 -15.23 35.22
N ALA C 44 19.73 -14.56 34.08
CA ALA C 44 18.92 -13.34 34.05
C ALA C 44 17.44 -13.63 34.28
N LEU C 45 16.91 -14.67 33.62
CA LEU C 45 15.54 -15.08 33.87
C LEU C 45 15.37 -15.59 35.29
N LYS C 46 16.38 -16.27 35.83
CA LYS C 46 16.33 -16.80 37.18
C LYS C 46 16.21 -15.69 38.22
N GLU C 47 17.06 -14.65 38.11
CA GLU C 47 16.93 -13.55 39.05
C GLU C 47 15.63 -12.79 38.86
N ALA C 48 15.32 -12.39 37.61
CA ALA C 48 14.17 -11.52 37.35
C ALA C 48 12.83 -12.21 37.55
N VAL C 49 12.79 -13.53 37.67
CA VAL C 49 11.55 -14.25 37.98
C VAL C 49 11.54 -14.73 39.44
N ILE C 50 12.60 -15.41 39.88
CA ILE C 50 12.57 -16.07 41.17
C ILE C 50 12.79 -15.06 42.30
N LEU C 51 13.78 -14.16 42.16
CA LEU C 51 14.24 -13.35 43.28
C LEU C 51 13.24 -12.36 43.88
N PRO C 52 12.44 -11.58 43.11
CA PRO C 52 11.50 -10.67 43.80
C PRO C 52 10.32 -11.38 44.45
N VAL C 53 9.97 -12.60 44.00
CA VAL C 53 8.84 -13.31 44.60
C VAL C 53 9.30 -14.26 45.71
N LYS C 54 10.59 -14.59 45.78
CA LYS C 54 11.12 -15.41 46.85
C LYS C 54 11.74 -14.60 47.98
N PHE C 55 12.59 -13.62 47.65
CA PHE C 55 13.24 -12.76 48.63
C PHE C 55 12.86 -11.31 48.32
N PRO C 56 11.67 -10.87 48.76
CA PRO C 56 11.24 -9.49 48.46
C PRO C 56 11.90 -8.43 49.32
N HIS C 57 12.57 -8.83 50.41
CA HIS C 57 13.19 -7.85 51.30
C HIS C 57 14.47 -7.26 50.72
N LEU C 58 15.06 -7.90 49.71
CA LEU C 58 16.28 -7.37 49.11
C LEU C 58 15.97 -6.19 48.19
N PHE C 59 14.94 -6.33 47.35
CA PHE C 59 14.58 -5.30 46.38
C PHE C 59 13.74 -4.23 47.08
N LYS C 60 14.43 -3.28 47.70
CA LYS C 60 13.78 -2.18 48.39
C LYS C 60 14.70 -0.96 48.36
N GLY C 61 14.16 0.18 47.96
CA GLY C 61 14.93 1.40 47.91
C GLY C 61 15.47 1.71 46.53
N ASN C 62 16.77 1.56 46.34
CA ASN C 62 17.41 1.85 45.07
C ASN C 62 17.47 0.64 44.14
N ARG C 63 17.21 -0.56 44.65
CA ARG C 63 17.29 -1.78 43.86
C ARG C 63 15.91 -2.17 43.37
N LYS C 64 15.76 -2.27 42.05
CA LYS C 64 14.53 -2.65 41.39
C LYS C 64 14.77 -3.81 40.45
N PRO C 65 13.81 -4.71 40.27
CA PRO C 65 14.01 -5.83 39.35
C PRO C 65 13.90 -5.40 37.89
N THR C 66 14.22 -6.35 37.01
CA THR C 66 14.13 -6.10 35.58
C THR C 66 12.68 -6.09 35.13
N SER C 67 12.31 -5.07 34.35
CA SER C 67 10.93 -4.90 33.91
C SER C 67 10.70 -5.38 32.48
N GLY C 68 11.73 -5.91 31.82
CA GLY C 68 11.55 -6.42 30.46
C GLY C 68 12.79 -7.11 29.93
N ILE C 69 12.61 -8.31 29.38
CA ILE C 69 13.70 -9.11 28.83
C ILE C 69 13.33 -9.49 27.40
N LEU C 70 14.23 -9.24 26.46
CA LEU C 70 14.04 -9.61 25.07
C LEU C 70 14.98 -10.74 24.69
N LEU C 71 14.42 -11.80 24.11
CA LEU C 71 15.19 -12.97 23.67
C LEU C 71 15.13 -13.01 22.15
N TYR C 72 16.29 -12.97 21.50
CA TYR C 72 16.36 -12.97 20.05
C TYR C 72 17.44 -13.94 19.59
N GLY C 73 17.38 -14.29 18.30
CA GLY C 73 18.36 -15.18 17.71
C GLY C 73 17.84 -15.84 16.45
N PRO C 74 18.52 -16.90 16.00
CA PRO C 74 18.06 -17.65 14.84
C PRO C 74 16.81 -18.45 15.19
N PRO C 75 16.01 -18.83 14.20
CA PRO C 75 14.78 -19.60 14.48
C PRO C 75 15.09 -21.01 14.95
N GLY C 76 14.46 -21.41 16.05
CA GLY C 76 14.64 -22.74 16.59
C GLY C 76 15.87 -22.89 17.47
N THR C 77 15.99 -22.06 18.49
CA THR C 77 17.13 -22.12 19.41
C THR C 77 16.74 -22.32 20.86
N GLY C 78 15.49 -22.07 21.24
CA GLY C 78 15.06 -22.33 22.60
C GLY C 78 14.44 -21.15 23.32
N LYS C 79 13.95 -20.16 22.57
CA LYS C 79 13.33 -18.99 23.16
C LYS C 79 11.97 -19.35 23.78
N SER C 80 11.12 -20.03 23.01
CA SER C 80 9.86 -20.52 23.55
C SER C 80 10.07 -21.61 24.59
N TYR C 81 11.18 -22.36 24.51
CA TYR C 81 11.47 -23.35 25.54
C TYR C 81 11.86 -22.67 26.86
N LEU C 82 12.61 -21.58 26.78
CA LEU C 82 12.92 -20.80 27.98
C LEU C 82 11.67 -20.13 28.54
N ALA C 83 10.77 -19.70 27.66
CA ALA C 83 9.49 -19.16 28.11
C ALA C 83 8.63 -20.23 28.78
N LYS C 84 8.68 -21.47 28.28
CA LYS C 84 7.98 -22.58 28.93
C LYS C 84 8.58 -22.91 30.28
N ALA C 85 9.91 -22.83 30.40
CA ALA C 85 10.56 -23.06 31.68
C ALA C 85 10.22 -21.97 32.69
N VAL C 86 10.11 -20.72 32.20
CA VAL C 86 9.71 -19.61 33.05
C VAL C 86 8.26 -19.78 33.51
N ALA C 87 7.37 -20.19 32.60
CA ALA C 87 5.98 -20.45 32.95
C ALA C 87 5.82 -21.64 33.87
N THR C 88 6.75 -22.59 33.84
CA THR C 88 6.69 -23.72 34.76
C THR C 88 7.18 -23.35 36.15
N GLU C 89 8.36 -22.74 36.24
CA GLU C 89 8.98 -22.46 37.53
C GLU C 89 8.74 -21.04 38.03
N ALA C 90 7.75 -20.35 37.47
CA ALA C 90 7.54 -18.95 37.86
C ALA C 90 6.67 -18.82 39.10
N ASN C 91 5.66 -19.69 39.23
CA ASN C 91 4.59 -19.62 40.22
C ASN C 91 3.91 -18.25 40.20
N SER C 92 3.50 -17.85 39.00
CA SER C 92 2.84 -16.57 38.78
C SER C 92 1.79 -16.75 37.69
N THR C 93 0.91 -15.76 37.58
CA THR C 93 -0.11 -15.77 36.53
C THR C 93 0.53 -15.47 35.19
N PHE C 94 0.88 -16.51 34.44
CA PHE C 94 1.60 -16.36 33.19
C PHE C 94 0.65 -15.94 32.08
N PHE C 95 0.84 -14.72 31.57
CA PHE C 95 0.05 -14.21 30.47
C PHE C 95 0.77 -14.49 29.16
N SER C 96 0.13 -15.24 28.27
CA SER C 96 0.69 -15.57 26.96
C SER C 96 -0.24 -15.04 25.89
N VAL C 97 0.10 -13.90 25.31
CA VAL C 97 -0.70 -13.25 24.29
C VAL C 97 0.07 -13.26 22.97
N SER C 98 -0.63 -12.90 21.91
CA SER C 98 -0.05 -12.81 20.58
C SER C 98 -0.77 -11.71 19.82
N SER C 99 -0.64 -11.71 18.49
CA SER C 99 -1.26 -10.68 17.67
C SER C 99 -2.71 -11.00 17.30
N SER C 100 -3.31 -12.03 17.90
CA SER C 100 -4.71 -12.35 17.67
C SER C 100 -5.62 -11.97 18.83
N ASP C 101 -5.07 -11.82 20.04
CA ASP C 101 -5.88 -11.43 21.19
C ASP C 101 -5.98 -9.92 21.34
N LEU C 102 -5.06 -9.17 20.73
CA LEU C 102 -5.03 -7.73 20.87
C LEU C 102 -5.73 -7.01 19.72
N VAL C 103 -5.52 -7.46 18.49
CA VAL C 103 -6.11 -6.82 17.33
C VAL C 103 -7.58 -7.21 17.22
N SER C 104 -8.44 -6.21 16.99
CA SER C 104 -9.87 -6.44 16.88
C SER C 104 -10.39 -5.79 15.61
N LYS C 105 -11.68 -5.96 15.35
CA LYS C 105 -12.32 -5.48 14.14
C LYS C 105 -12.85 -4.06 14.26
N TRP C 106 -13.36 -3.70 15.44
CA TRP C 106 -14.04 -2.42 15.63
C TRP C 106 -13.02 -1.28 15.69
N MET C 107 -13.53 -0.05 15.78
CA MET C 107 -12.70 1.15 15.83
C MET C 107 -12.41 1.50 17.28
N GLY C 108 -11.13 1.54 17.63
CA GLY C 108 -10.73 1.90 18.98
C GLY C 108 -11.01 0.83 20.01
N GLU C 109 -11.09 -0.43 19.59
CA GLU C 109 -11.27 -1.55 20.51
C GLU C 109 -10.05 -2.43 20.64
N SER C 110 -9.01 -2.20 19.84
CA SER C 110 -7.76 -2.93 20.01
C SER C 110 -6.88 -2.32 21.09
N GLU C 111 -7.08 -1.04 21.42
CA GLU C 111 -6.30 -0.36 22.44
C GLU C 111 -6.84 -0.65 23.84
N LYS C 112 -8.17 -0.71 23.97
CA LYS C 112 -8.77 -1.06 25.25
C LYS C 112 -8.48 -2.50 25.62
N LEU C 113 -8.23 -3.37 24.64
CA LEU C 113 -7.81 -4.74 24.91
C LEU C 113 -6.44 -4.78 25.57
N VAL C 114 -5.49 -4.01 25.05
CA VAL C 114 -4.15 -3.96 25.64
C VAL C 114 -4.18 -3.28 27.00
N LYS C 115 -5.03 -2.25 27.14
CA LYS C 115 -5.17 -1.57 28.42
C LYS C 115 -5.77 -2.49 29.48
N GLN C 116 -6.78 -3.28 29.11
CA GLN C 116 -7.37 -4.23 30.05
C GLN C 116 -6.45 -5.40 30.33
N LEU C 117 -5.61 -5.77 29.36
CA LEU C 117 -4.62 -6.82 29.59
C LEU C 117 -3.58 -6.39 30.62
N PHE C 118 -3.07 -5.16 30.47
CA PHE C 118 -2.11 -4.66 31.46
C PHE C 118 -2.78 -4.36 32.80
N ALA C 119 -4.07 -4.01 32.78
CA ALA C 119 -4.80 -3.80 34.03
C ALA C 119 -5.01 -5.11 34.77
N MET C 120 -5.29 -6.20 34.05
CA MET C 120 -5.41 -7.51 34.68
C MET C 120 -4.04 -8.01 35.17
N ALA C 121 -2.98 -7.68 34.45
CA ALA C 121 -1.64 -8.05 34.89
C ALA C 121 -1.24 -7.28 36.15
N ARG C 122 -1.66 -6.02 36.27
CA ARG C 122 -1.41 -5.28 37.49
C ARG C 122 -2.31 -5.74 38.64
N GLU C 123 -3.53 -6.19 38.32
CA GLU C 123 -4.44 -6.69 39.35
C GLU C 123 -4.03 -8.07 39.84
N ASN C 124 -3.27 -8.83 39.06
CA ASN C 124 -2.80 -10.15 39.45
C ASN C 124 -1.29 -10.18 39.60
N LYS C 125 -0.72 -9.13 40.21
CA LYS C 125 0.72 -9.10 40.39
C LYS C 125 1.13 -10.01 41.55
N PRO C 126 2.29 -10.70 41.43
CA PRO C 126 3.25 -10.73 40.33
C PRO C 126 2.79 -11.55 39.12
N SER C 127 2.96 -10.97 37.93
CA SER C 127 2.52 -11.59 36.69
C SER C 127 3.61 -11.45 35.65
N ILE C 128 3.61 -12.36 34.68
CA ILE C 128 4.58 -12.37 33.59
C ILE C 128 3.82 -12.36 32.28
N ILE C 129 4.07 -11.36 31.45
CA ILE C 129 3.46 -11.25 30.13
C ILE C 129 4.48 -11.70 29.09
N PHE C 130 4.12 -12.72 28.32
CA PHE C 130 4.98 -13.23 27.25
C PHE C 130 4.30 -12.94 25.92
N ILE C 131 4.91 -12.03 25.15
CA ILE C 131 4.42 -11.67 23.83
C ILE C 131 5.34 -12.34 22.83
N ASP C 132 4.92 -13.48 22.29
CA ASP C 132 5.71 -14.17 21.27
C ASP C 132 5.59 -13.44 19.94
N GLU C 133 6.72 -13.30 19.24
CA GLU C 133 6.85 -12.61 17.96
C GLU C 133 6.39 -11.15 18.06
N VAL C 134 7.16 -10.38 18.82
CA VAL C 134 6.90 -8.96 19.00
C VAL C 134 7.15 -8.15 17.73
N ASP C 135 7.81 -8.73 16.73
CA ASP C 135 8.07 -8.04 15.46
C ASP C 135 6.81 -7.77 14.66
N ALA C 136 5.71 -8.49 14.92
CA ALA C 136 4.48 -8.28 14.18
C ALA C 136 3.75 -7.03 14.67
N LEU C 137 3.74 -6.80 15.99
CA LEU C 137 3.03 -5.65 16.53
C LEU C 137 3.80 -4.35 16.31
N THR C 138 5.12 -4.39 16.41
CA THR C 138 5.95 -3.19 16.33
C THR C 138 6.76 -3.24 15.03
N GLY C 139 6.55 -2.26 14.17
CA GLY C 139 7.19 -2.23 12.86
C GLY C 139 7.86 -0.91 12.54
N THR C 140 8.47 -0.29 13.55
CA THR C 140 9.21 0.98 13.50
C THR C 140 8.38 2.20 13.10
N ARG C 141 7.05 2.03 13.02
CA ARG C 141 6.01 3.02 12.68
C ARG C 141 6.44 4.00 11.57
N GLY C 142 7.00 3.43 10.51
CA GLY C 142 7.46 4.24 9.39
C GLY C 142 6.49 4.34 8.24
N GLU C 143 6.01 3.19 7.75
CA GLU C 143 5.11 3.18 6.61
C GLU C 143 3.99 2.15 6.76
N GLY C 144 3.73 1.67 7.97
CA GLY C 144 2.68 0.69 8.20
C GLY C 144 1.29 1.30 8.13
N GLU C 145 0.30 0.44 8.38
CA GLU C 145 -1.09 0.89 8.36
C GLU C 145 -1.37 1.77 9.58
N SER C 146 -1.74 3.02 9.29
CA SER C 146 -1.58 4.17 10.18
C SER C 146 -2.32 4.04 11.50
N GLU C 147 -3.65 3.96 11.44
CA GLU C 147 -4.49 4.03 12.64
C GLU C 147 -4.20 2.90 13.61
N ALA C 148 -4.41 1.65 13.17
CA ALA C 148 -4.27 0.51 14.07
C ALA C 148 -2.82 0.27 14.45
N SER C 149 -1.89 0.40 13.48
CA SER C 149 -0.49 0.11 13.76
C SER C 149 0.12 1.14 14.71
N ARG C 150 -0.01 2.43 14.38
CA ARG C 150 0.56 3.48 15.22
C ARG C 150 -0.15 3.57 16.56
N ARG C 151 -1.47 3.34 16.61
CA ARG C 151 -2.16 3.36 17.89
C ARG C 151 -1.77 2.18 18.77
N ILE C 152 -1.58 0.98 18.21
CA ILE C 152 -1.20 -0.15 19.05
C ILE C 152 0.25 -0.02 19.50
N LYS C 153 1.12 0.62 18.70
CA LYS C 153 2.49 0.85 19.13
C LYS C 153 2.55 1.88 20.24
N THR C 154 1.81 2.99 20.11
CA THR C 154 1.80 4.00 21.15
C THR C 154 1.09 3.51 22.41
N GLU C 155 0.11 2.62 22.25
CA GLU C 155 -0.56 2.04 23.42
C GLU C 155 0.37 1.10 24.18
N LEU C 156 1.17 0.29 23.46
CA LEU C 156 2.17 -0.53 24.13
C LEU C 156 3.23 0.33 24.81
N LEU C 157 3.66 1.41 24.15
CA LEU C 157 4.67 2.29 24.73
C LEU C 157 4.15 3.04 25.95
N VAL C 158 2.86 3.37 25.97
CA VAL C 158 2.28 4.00 27.16
C VAL C 158 2.09 2.99 28.27
N GLN C 159 1.59 1.80 27.96
CA GLN C 159 1.27 0.83 29.00
C GLN C 159 2.50 0.14 29.58
N MET C 160 3.65 0.20 28.91
CA MET C 160 4.84 -0.45 29.46
C MET C 160 5.40 0.33 30.66
N ASN C 161 5.82 1.57 30.44
CA ASN C 161 6.23 2.42 31.56
C ASN C 161 5.34 3.65 31.73
N GLY C 162 5.19 4.48 30.71
CA GLY C 162 4.30 5.63 30.64
C GLY C 162 4.50 6.65 31.75
N VAL C 163 3.41 7.29 32.15
CA VAL C 163 3.39 8.28 33.22
C VAL C 163 2.45 7.87 34.34
N GLY C 164 1.18 7.66 34.02
CA GLY C 164 0.19 7.35 35.03
C GLY C 164 -0.12 5.87 35.15
N ASN C 165 0.87 5.02 34.92
CA ASN C 165 0.70 3.57 34.98
C ASN C 165 1.47 2.94 36.13
N ASP C 166 2.80 3.15 36.16
CA ASP C 166 3.72 2.65 37.19
C ASP C 166 3.64 1.12 37.31
N SER C 167 4.05 0.47 36.23
CA SER C 167 4.05 -0.98 36.14
C SER C 167 5.15 -1.54 37.05
N GLN C 168 4.75 -2.00 38.24
CA GLN C 168 5.67 -2.56 39.21
C GLN C 168 5.25 -3.98 39.52
N GLY C 169 6.13 -4.94 39.21
CA GLY C 169 5.88 -6.34 39.45
C GLY C 169 5.66 -7.16 38.19
N VAL C 170 5.27 -6.53 37.10
CA VAL C 170 5.01 -7.25 35.86
C VAL C 170 6.32 -7.38 35.08
N LEU C 171 6.33 -8.32 34.13
CA LEU C 171 7.49 -8.58 33.30
C LEU C 171 7.03 -8.83 31.87
N VAL C 172 7.68 -8.17 30.92
CA VAL C 172 7.33 -8.26 29.51
C VAL C 172 8.43 -9.05 28.82
N LEU C 173 8.15 -10.31 28.51
CA LEU C 173 9.10 -11.16 27.81
C LEU C 173 8.87 -11.06 26.30
N GLY C 174 9.94 -10.95 25.54
CA GLY C 174 9.85 -10.93 24.10
C GLY C 174 10.61 -12.08 23.46
N ALA C 175 10.13 -12.53 22.30
CA ALA C 175 10.78 -13.65 21.61
C ALA C 175 10.57 -13.45 20.12
N THR C 176 11.58 -12.94 19.43
CA THR C 176 11.48 -12.67 18.01
C THR C 176 12.68 -13.25 17.28
N ASN C 177 12.49 -13.51 15.98
CA ASN C 177 13.56 -14.02 15.13
C ASN C 177 14.26 -12.93 14.36
N ILE C 178 13.56 -11.86 14.02
CA ILE C 178 14.14 -10.72 13.32
C ILE C 178 14.05 -9.51 14.24
N PRO C 179 15.13 -9.18 14.95
CA PRO C 179 15.06 -8.09 15.93
C PRO C 179 15.40 -6.70 15.39
N TRP C 180 15.98 -6.60 14.20
CA TRP C 180 16.32 -5.28 13.67
C TRP C 180 15.12 -4.55 13.08
N GLN C 181 13.97 -5.22 12.96
CA GLN C 181 12.73 -4.57 12.56
C GLN C 181 11.94 -4.02 13.75
N LEU C 182 12.52 -4.08 14.95
CA LEU C 182 11.85 -3.54 16.13
C LEU C 182 11.97 -2.03 16.16
N ASP C 183 10.97 -1.39 16.76
CA ASP C 183 11.00 0.06 16.93
C ASP C 183 12.08 0.45 17.94
N SER C 184 12.60 1.68 17.78
CA SER C 184 13.66 2.15 18.67
C SER C 184 13.15 2.38 20.09
N ALA C 185 11.93 2.88 20.24
CA ALA C 185 11.38 3.08 21.57
C ALA C 185 11.04 1.75 22.24
N ILE C 186 10.61 0.76 21.44
CA ILE C 186 10.34 -0.58 21.99
C ILE C 186 11.65 -1.26 22.40
N ARG C 187 12.70 -1.07 21.61
CA ARG C 187 14.03 -1.56 21.99
C ARG C 187 14.56 -0.86 23.23
N ARG C 188 14.19 0.41 23.42
CA ARG C 188 14.49 1.09 24.67
C ARG C 188 13.72 0.48 25.84
N ARG C 189 12.45 0.10 25.60
CA ARG C 189 11.64 -0.52 26.65
C ARG C 189 12.19 -1.88 27.06
N PHE C 190 12.64 -2.68 26.10
CA PHE C 190 13.26 -3.97 26.40
C PHE C 190 14.68 -3.67 26.85
N GLU C 191 14.86 -3.54 28.17
CA GLU C 191 16.10 -3.06 28.75
C GLU C 191 17.22 -4.08 28.77
N ARG C 192 16.95 -5.34 28.44
CA ARG C 192 17.98 -6.37 28.38
C ARG C 192 17.78 -7.22 27.13
N ARG C 193 18.61 -6.99 26.13
CA ARG C 193 18.57 -7.75 24.90
C ARG C 193 19.51 -8.94 25.02
N ILE C 194 18.95 -10.13 25.12
CA ILE C 194 19.72 -11.35 25.30
C ILE C 194 19.72 -12.13 23.99
N TYR C 195 20.90 -12.38 23.45
CA TYR C 195 21.06 -13.11 22.20
C TYR C 195 21.13 -14.60 22.51
N ILE C 196 20.26 -15.38 21.88
CA ILE C 196 20.24 -16.83 22.03
C ILE C 196 20.93 -17.44 20.81
N PRO C 197 22.19 -17.88 20.95
CA PRO C 197 22.93 -18.34 19.77
C PRO C 197 22.72 -19.81 19.45
N LEU C 198 23.42 -20.29 18.44
CA LEU C 198 23.43 -21.72 18.17
C LEU C 198 24.25 -22.44 19.23
N PRO C 199 23.84 -23.63 19.66
CA PRO C 199 24.49 -24.27 20.81
C PRO C 199 25.85 -24.85 20.45
N ASP C 200 26.69 -24.98 21.46
CA ASP C 200 28.03 -25.55 21.36
C ASP C 200 28.00 -27.04 21.68
N LEU C 201 29.19 -27.63 21.82
CA LEU C 201 29.32 -29.08 21.87
C LEU C 201 28.74 -29.66 23.16
N ALA C 202 28.98 -28.99 24.30
CA ALA C 202 28.45 -29.47 25.57
C ALA C 202 26.93 -29.35 25.61
N ALA C 203 26.38 -28.27 25.05
CA ALA C 203 24.92 -28.11 25.01
C ALA C 203 24.28 -29.12 24.07
N ARG C 204 24.96 -29.45 22.96
CA ARG C 204 24.44 -30.47 22.06
C ARG C 204 24.49 -31.86 22.69
N THR C 205 25.55 -32.15 23.43
CA THR C 205 25.65 -33.43 24.14
C THR C 205 24.59 -33.54 25.23
N THR C 206 24.34 -32.43 25.95
CA THR C 206 23.30 -32.43 26.97
C THR C 206 21.91 -32.55 26.36
N MET C 207 21.68 -31.94 25.19
CA MET C 207 20.40 -32.07 24.51
C MET C 207 20.19 -33.49 24.01
N PHE C 208 21.27 -34.15 23.55
CA PHE C 208 21.17 -35.54 23.15
C PHE C 208 20.85 -36.45 24.33
N GLU C 209 21.51 -36.20 25.47
CA GLU C 209 21.25 -37.00 26.68
C GLU C 209 19.84 -36.75 27.22
N ILE C 210 19.31 -35.53 27.02
CA ILE C 210 17.96 -35.23 27.50
C ILE C 210 16.92 -35.84 26.57
N ASN C 211 17.12 -35.73 25.26
CA ASN C 211 16.13 -36.19 24.30
C ASN C 211 16.10 -37.71 24.20
N VAL C 212 17.24 -38.37 24.37
CA VAL C 212 17.22 -39.84 24.46
C VAL C 212 16.65 -40.27 25.81
N GLY C 213 17.28 -39.83 26.90
CA GLY C 213 16.73 -40.00 28.23
C GLY C 213 16.70 -41.41 28.77
N ASP C 214 15.50 -41.88 29.11
CA ASP C 214 15.30 -43.19 29.72
C ASP C 214 15.04 -44.29 28.70
N THR C 215 15.37 -44.06 27.44
CA THR C 215 15.21 -45.08 26.43
C THR C 215 16.27 -46.17 26.61
N PRO C 216 15.89 -47.46 26.54
CA PRO C 216 16.89 -48.53 26.58
C PRO C 216 17.83 -48.51 25.38
N CYS C 217 19.10 -48.19 25.64
CA CYS C 217 20.08 -48.04 24.58
C CYS C 217 21.47 -48.36 25.11
N VAL C 218 22.38 -48.66 24.19
CA VAL C 218 23.76 -48.99 24.54
C VAL C 218 24.70 -47.80 24.33
N LEU C 219 24.15 -46.60 24.16
CA LEU C 219 24.97 -45.43 23.91
C LEU C 219 25.72 -45.01 25.16
N THR C 220 26.97 -44.59 24.98
CA THR C 220 27.84 -44.19 26.07
C THR C 220 28.22 -42.72 25.93
N LYS C 221 29.08 -42.28 26.85
CA LYS C 221 29.54 -40.89 26.86
C LYS C 221 30.40 -40.57 25.64
N GLU C 222 31.21 -41.54 25.19
CA GLU C 222 31.99 -41.34 23.97
C GLU C 222 31.10 -41.28 22.74
N ASP C 223 30.02 -42.06 22.72
CA ASP C 223 29.06 -42.00 21.61
C ASP C 223 28.35 -40.65 21.59
N TYR C 224 27.93 -40.16 22.76
CA TYR C 224 27.28 -38.85 22.84
C TYR C 224 28.24 -37.73 22.46
N ARG C 225 29.52 -37.87 22.83
CA ARG C 225 30.53 -36.88 22.47
C ARG C 225 30.77 -36.86 20.97
N THR C 226 30.82 -38.04 20.34
CA THR C 226 31.00 -38.09 18.89
C THR C 226 29.77 -37.56 18.15
N LEU C 227 28.57 -37.79 18.68
CA LEU C 227 27.37 -37.22 18.08
C LEU C 227 27.36 -35.70 18.18
N GLY C 228 27.72 -35.17 19.36
CA GLY C 228 27.79 -33.73 19.53
C GLY C 228 28.88 -33.08 18.71
N ALA C 229 29.97 -33.81 18.44
CA ALA C 229 30.99 -33.29 17.54
C ALA C 229 30.56 -33.41 16.09
N MET C 230 29.71 -34.38 15.77
CA MET C 230 29.29 -34.58 14.38
C MET C 230 28.24 -33.56 13.95
N THR C 231 27.27 -33.27 14.81
CA THR C 231 26.23 -32.29 14.46
C THR C 231 26.75 -30.86 14.61
N GLU C 232 27.55 -30.46 13.63
CA GLU C 232 28.11 -29.10 13.61
C GLU C 232 27.16 -28.18 12.84
N GLY C 233 26.78 -27.08 13.46
CA GLY C 233 25.85 -26.14 12.86
C GLY C 233 24.39 -26.47 13.05
N TYR C 234 24.07 -27.56 13.72
CA TYR C 234 22.69 -27.95 13.95
C TYR C 234 22.09 -27.12 15.07
N SER C 235 20.76 -27.13 15.15
CA SER C 235 20.02 -26.42 16.19
C SER C 235 19.25 -27.41 17.05
N GLY C 236 18.49 -26.86 18.01
CA GLY C 236 17.78 -27.70 18.95
C GLY C 236 16.63 -28.48 18.35
N SER C 237 15.88 -27.85 17.43
CA SER C 237 14.82 -28.57 16.74
C SER C 237 15.38 -29.63 15.80
N ASP C 238 16.57 -29.38 15.22
CA ASP C 238 17.21 -30.38 14.39
C ASP C 238 17.68 -31.57 15.22
N ILE C 239 18.20 -31.31 16.43
CA ILE C 239 18.57 -32.39 17.33
C ILE C 239 17.34 -33.17 17.79
N ALA C 240 16.22 -32.47 18.01
CA ALA C 240 14.97 -33.14 18.38
C ALA C 240 14.45 -34.03 17.27
N VAL C 241 14.54 -33.58 16.01
CA VAL C 241 14.02 -34.41 14.94
C VAL C 241 14.99 -35.54 14.57
N VAL C 242 16.30 -35.39 14.79
CA VAL C 242 17.16 -36.54 14.52
C VAL C 242 17.05 -37.57 15.65
N VAL C 243 16.75 -37.13 16.87
CA VAL C 243 16.44 -38.09 17.94
C VAL C 243 15.11 -38.78 17.66
N LYS C 244 14.14 -38.05 17.10
CA LYS C 244 12.85 -38.64 16.73
C LYS C 244 13.01 -39.66 15.60
N ASP C 245 13.88 -39.38 14.63
CA ASP C 245 14.11 -40.33 13.54
C ASP C 245 14.89 -41.56 14.03
N ALA C 246 15.85 -41.36 14.94
CA ALA C 246 16.57 -42.49 15.51
C ALA C 246 15.68 -43.35 16.39
N LEU C 247 14.64 -42.75 17.00
CA LEU C 247 13.68 -43.55 17.75
C LEU C 247 12.68 -44.22 16.83
N MET C 248 12.40 -43.62 15.67
CA MET C 248 11.47 -44.20 14.71
C MET C 248 12.08 -45.36 13.93
N GLN C 249 13.40 -45.39 13.82
CA GLN C 249 14.06 -46.45 13.05
C GLN C 249 13.90 -47.88 13.57
N PRO C 250 13.83 -48.18 14.88
CA PRO C 250 13.48 -49.56 15.27
C PRO C 250 12.10 -50.01 14.85
N ILE C 251 11.13 -49.11 14.72
CA ILE C 251 9.83 -49.51 14.19
C ILE C 251 9.92 -49.82 12.70
N ARG C 252 10.81 -49.14 11.96
CA ARG C 252 11.05 -49.52 10.58
C ARG C 252 11.75 -50.88 10.49
N LYS C 253 12.63 -51.18 11.44
CA LYS C 253 13.26 -52.50 11.47
C LYS C 253 12.24 -53.59 11.85
N ILE C 254 11.27 -53.25 12.69
CA ILE C 254 10.17 -54.16 13.02
C ILE C 254 9.25 -54.35 11.80
N GLN C 255 9.12 -53.32 10.98
CA GLN C 255 8.33 -53.45 9.75
C GLN C 255 9.03 -54.35 8.74
N SER C 256 10.33 -54.17 8.54
CA SER C 256 11.12 -55.06 7.68
C SER C 256 11.87 -56.07 8.55
N ALA C 257 11.13 -57.09 9.00
CA ALA C 257 11.60 -58.03 10.01
C ALA C 257 11.29 -59.47 9.63
N THR C 258 11.66 -59.87 8.41
CA THR C 258 11.56 -61.28 8.05
C THR C 258 12.53 -62.12 8.89
N HIS C 259 12.14 -63.38 9.09
CA HIS C 259 12.88 -64.38 9.89
C HIS C 259 13.07 -63.90 11.34
N PHE C 260 11.95 -63.83 12.05
CA PHE C 260 11.93 -63.50 13.47
C PHE C 260 12.67 -64.54 14.30
N LYS C 261 13.05 -64.14 15.51
CA LYS C 261 13.78 -65.03 16.42
C LYS C 261 13.34 -64.71 17.84
N ASP C 262 12.66 -65.66 18.47
CA ASP C 262 12.21 -65.50 19.86
C ASP C 262 13.40 -65.73 20.79
N VAL C 263 13.92 -64.66 21.36
CA VAL C 263 15.02 -64.73 22.32
C VAL C 263 14.46 -64.51 23.72
N SER C 264 14.82 -65.42 24.64
CA SER C 264 14.38 -65.45 26.03
C SER C 264 12.86 -65.43 26.19
N THR C 270 8.41 -64.65 28.28
CA THR C 270 7.05 -64.80 27.70
C THR C 270 6.96 -64.46 26.21
N ARG C 271 7.84 -65.06 25.40
CA ARG C 271 7.85 -64.99 23.93
C ARG C 271 7.99 -63.55 23.44
N LYS C 272 9.15 -62.98 23.73
CA LYS C 272 9.52 -61.66 23.23
C LYS C 272 10.26 -61.82 21.91
N LEU C 273 9.60 -61.47 20.81
CA LEU C 273 10.15 -61.68 19.47
C LEU C 273 11.15 -60.59 19.12
N THR C 274 12.19 -60.98 18.38
CA THR C 274 13.28 -60.09 17.99
C THR C 274 13.72 -60.43 16.58
N PRO C 275 13.85 -59.45 15.70
CA PRO C 275 14.33 -59.73 14.34
C PRO C 275 15.84 -59.95 14.31
N CYS C 276 16.30 -60.53 13.21
CA CYS C 276 17.72 -60.83 13.02
C CYS C 276 17.99 -60.97 11.52
N SER C 277 19.15 -61.54 11.20
CA SER C 277 19.49 -61.86 9.82
C SER C 277 18.59 -62.99 9.32
N PRO C 278 18.30 -63.02 8.00
CA PRO C 278 17.48 -64.12 7.46
C PRO C 278 18.18 -65.47 7.51
N GLY C 279 17.73 -66.33 8.42
CA GLY C 279 18.30 -67.64 8.61
C GLY C 279 19.22 -67.69 9.82
N ASP C 280 18.69 -68.13 10.95
CA ASP C 280 19.40 -68.18 12.23
C ASP C 280 18.77 -69.30 13.07
N ASP C 281 19.14 -69.33 14.36
CA ASP C 281 18.56 -70.30 15.28
C ASP C 281 17.15 -69.86 15.66
N GLY C 282 16.17 -70.72 15.40
CA GLY C 282 14.79 -70.37 15.65
C GLY C 282 14.22 -69.34 14.71
N ALA C 283 14.62 -69.38 13.44
CA ALA C 283 14.20 -68.38 12.44
C ALA C 283 12.76 -68.67 12.02
N ILE C 284 11.83 -68.17 12.82
CA ILE C 284 10.41 -68.29 12.51
C ILE C 284 10.06 -67.23 11.48
N GLU C 285 10.02 -67.62 10.21
CA GLU C 285 9.81 -66.67 9.11
C GLU C 285 8.33 -66.28 9.05
N MET C 286 8.02 -65.07 9.52
CA MET C 286 6.67 -64.53 9.45
C MET C 286 6.77 -63.01 9.37
N SER C 287 5.63 -62.34 9.49
CA SER C 287 5.54 -60.90 9.46
C SER C 287 5.17 -60.37 10.84
N TRP C 288 5.09 -59.05 10.95
CA TRP C 288 4.74 -58.40 12.21
C TRP C 288 3.28 -58.02 12.30
N THR C 289 2.47 -58.35 11.28
CA THR C 289 1.05 -58.01 11.31
C THR C 289 0.29 -58.94 12.23
N ASP C 290 0.52 -60.25 12.12
CA ASP C 290 -0.19 -61.23 12.93
C ASP C 290 0.30 -61.29 14.36
N ILE C 291 1.45 -60.69 14.68
CA ILE C 291 1.94 -60.68 16.05
C ILE C 291 1.14 -59.68 16.86
N GLU C 292 0.51 -60.16 17.94
CA GLU C 292 -0.30 -59.29 18.78
C GLU C 292 0.60 -58.47 19.70
N ALA C 293 -0.02 -57.50 20.38
CA ALA C 293 0.71 -56.54 21.21
C ALA C 293 1.08 -57.17 22.55
N ASP C 294 1.69 -56.35 23.42
CA ASP C 294 2.13 -56.67 24.78
C ASP C 294 3.14 -57.79 24.85
N GLU C 295 3.83 -58.11 23.74
CA GLU C 295 4.89 -59.11 23.76
C GLU C 295 6.07 -58.73 22.87
N LEU C 296 6.07 -57.53 22.29
CA LEU C 296 7.12 -57.14 21.37
C LEU C 296 8.37 -56.69 22.11
N LYS C 297 9.52 -56.89 21.46
CA LYS C 297 10.80 -56.41 21.97
C LYS C 297 11.50 -55.66 20.85
N GLU C 298 11.63 -54.35 21.01
CA GLU C 298 12.29 -53.53 20.01
C GLU C 298 13.80 -53.69 20.12
N PRO C 299 14.51 -53.59 18.99
CA PRO C 299 15.99 -53.62 19.03
C PRO C 299 16.56 -52.38 19.71
N ASP C 300 17.75 -52.54 20.25
CA ASP C 300 18.42 -51.48 20.99
C ASP C 300 18.98 -50.42 20.05
N LEU C 301 19.14 -49.21 20.58
CA LEU C 301 19.65 -48.10 19.80
C LEU C 301 21.17 -48.12 19.80
N THR C 302 21.75 -48.04 18.60
CA THR C 302 23.19 -47.96 18.42
C THR C 302 23.55 -46.57 17.88
N ILE C 303 24.84 -46.37 17.60
CA ILE C 303 25.27 -45.10 17.01
C ILE C 303 25.03 -45.07 15.51
N LYS C 304 24.78 -46.23 14.89
CA LYS C 304 24.56 -46.28 13.46
C LYS C 304 23.22 -45.67 13.06
N ASP C 305 22.18 -45.87 13.88
CA ASP C 305 20.89 -45.26 13.61
C ASP C 305 20.94 -43.74 13.75
N PHE C 306 21.70 -43.26 14.74
CA PHE C 306 21.85 -41.82 14.90
C PHE C 306 22.69 -41.21 13.80
N LEU C 307 23.71 -41.92 13.32
CA LEU C 307 24.48 -41.44 12.17
C LEU C 307 23.64 -41.44 10.90
N LYS C 308 22.75 -42.41 10.76
CA LYS C 308 21.82 -42.42 9.63
C LYS C 308 20.84 -41.25 9.72
N ALA C 309 20.36 -40.93 10.92
CA ALA C 309 19.48 -39.78 11.09
C ALA C 309 20.20 -38.47 10.82
N ILE C 310 21.47 -38.38 11.20
CA ILE C 310 22.27 -37.19 10.91
C ILE C 310 22.50 -37.03 9.41
N LYS C 311 22.80 -38.14 8.73
CA LYS C 311 22.99 -38.07 7.27
C LYS C 311 21.67 -37.84 6.54
N SER C 312 20.54 -38.17 7.16
CA SER C 312 19.26 -37.99 6.50
C SER C 312 18.72 -36.57 6.68
N THR C 313 18.80 -36.02 7.89
CA THR C 313 18.23 -34.72 8.20
C THR C 313 19.31 -33.64 8.16
N ARG C 314 19.02 -32.54 7.46
CA ARG C 314 19.91 -31.42 7.25
C ARG C 314 19.65 -30.31 8.27
N PRO C 315 20.64 -29.43 8.50
CA PRO C 315 20.37 -28.25 9.33
C PRO C 315 19.40 -27.28 8.66
N THR C 316 18.89 -26.35 9.46
CA THR C 316 17.85 -25.43 9.01
C THR C 316 18.38 -24.03 8.71
N VAL C 317 19.16 -23.44 9.60
CA VAL C 317 19.58 -22.05 9.49
C VAL C 317 20.82 -21.96 8.59
N ASN C 318 20.95 -20.84 7.91
CA ASN C 318 22.08 -20.59 7.02
C ASN C 318 23.07 -19.64 7.70
N GLU C 319 24.09 -19.18 6.96
CA GLU C 319 25.23 -18.49 7.54
C GLU C 319 25.30 -17.02 7.14
N ASP C 320 24.15 -16.38 6.91
CA ASP C 320 24.12 -14.94 6.74
C ASP C 320 23.12 -14.34 7.71
N ASP C 321 22.08 -15.11 8.03
CA ASP C 321 21.17 -14.74 9.12
C ASP C 321 21.91 -14.70 10.45
N LEU C 322 22.85 -15.63 10.65
CA LEU C 322 23.73 -15.59 11.82
C LEU C 322 24.60 -14.34 11.83
N LEU C 323 25.04 -13.90 10.64
CA LEU C 323 25.82 -12.67 10.53
C LEU C 323 24.98 -11.45 10.91
N LYS C 324 23.71 -11.43 10.48
CA LYS C 324 22.83 -10.32 10.84
C LYS C 324 22.49 -10.33 12.33
N GLN C 325 22.33 -11.51 12.92
CA GLN C 325 22.07 -11.61 14.36
C GLN C 325 23.29 -11.17 15.17
N GLU C 326 24.49 -11.55 14.72
CA GLU C 326 25.70 -11.09 15.39
C GLU C 326 25.93 -9.59 15.21
N GLN C 327 25.51 -9.04 14.06
CA GLN C 327 25.59 -7.60 13.85
C GLN C 327 24.66 -6.85 14.79
N PHE C 328 23.42 -7.33 14.95
CA PHE C 328 22.50 -6.71 15.90
C PHE C 328 22.97 -6.89 17.33
N THR C 329 23.61 -8.01 17.64
CA THR C 329 24.15 -8.22 18.99
C THR C 329 25.26 -7.24 19.30
N ARG C 330 26.25 -7.13 18.41
CA ARG C 330 27.36 -6.20 18.63
C ARG C 330 26.93 -4.74 18.49
N ASP C 331 25.77 -4.46 17.90
CA ASP C 331 25.28 -3.08 17.86
C ASP C 331 24.46 -2.70 19.08
N PHE C 332 23.46 -3.51 19.48
CA PHE C 332 22.56 -3.08 20.54
C PHE C 332 22.20 -4.19 21.54
N GLY C 333 23.02 -5.23 21.70
CA GLY C 333 22.66 -6.33 22.56
C GLY C 333 23.84 -6.85 23.36
N GLN C 334 23.56 -7.84 24.20
CA GLN C 334 24.56 -8.53 24.99
C GLN C 334 24.54 -10.02 24.63
N GLU C 335 25.62 -10.71 24.98
CA GLU C 335 25.75 -12.13 24.67
C GLU C 335 25.09 -12.95 25.77
N GLY C 336 24.16 -13.82 25.37
CA GLY C 336 23.47 -14.67 26.33
C GLY C 336 23.98 -16.10 26.31
N ASN C 337 25.29 -16.25 26.17
CA ASN C 337 26.01 -17.53 26.11
C ASN C 337 25.47 -18.48 25.03
N ASN D 12 -17.93 -16.24 17.14
CA ASN D 12 -17.97 -17.65 17.54
C ASN D 12 -18.68 -18.49 16.49
N LYS D 13 -19.97 -18.22 16.29
CA LYS D 13 -20.75 -18.99 15.33
C LYS D 13 -20.40 -18.65 13.90
N LYS D 14 -19.98 -17.40 13.63
CA LYS D 14 -19.65 -16.99 12.27
C LYS D 14 -18.37 -17.66 11.78
N LEU D 15 -17.36 -17.75 12.66
CA LEU D 15 -16.09 -18.35 12.28
C LEU D 15 -16.23 -19.86 12.07
N ARG D 16 -16.99 -20.53 12.93
CA ARG D 16 -17.22 -21.96 12.76
C ARG D 16 -18.10 -22.25 11.56
N GLY D 17 -19.09 -21.40 11.28
CA GLY D 17 -19.89 -21.56 10.09
C GLY D 17 -19.12 -21.30 8.81
N ALA D 18 -18.10 -20.43 8.87
CA ALA D 18 -17.26 -20.20 7.70
C ALA D 18 -16.23 -21.31 7.53
N LEU D 19 -15.77 -21.92 8.61
CA LEU D 19 -14.74 -22.94 8.56
C LEU D 19 -15.29 -24.36 8.51
N SER D 20 -16.61 -24.54 8.60
CA SER D 20 -17.18 -25.87 8.47
C SER D 20 -17.11 -26.38 7.03
N SER D 21 -17.04 -25.48 6.06
CA SER D 21 -16.94 -25.88 4.66
C SER D 21 -15.57 -26.39 4.28
N ALA D 22 -14.55 -26.17 5.10
CA ALA D 22 -13.21 -26.65 4.81
C ALA D 22 -13.06 -28.15 5.02
N ILE D 23 -13.91 -28.74 5.87
CA ILE D 23 -13.85 -30.19 6.09
C ILE D 23 -14.51 -30.89 4.90
N LEU D 24 -13.80 -31.86 4.34
CA LEU D 24 -14.32 -32.65 3.23
C LEU D 24 -14.80 -34.00 3.75
N SER D 25 -15.99 -34.41 3.30
CA SER D 25 -16.57 -35.69 3.65
C SER D 25 -16.85 -36.55 2.43
N GLU D 26 -16.44 -36.11 1.25
CA GLU D 26 -16.71 -36.86 0.02
C GLU D 26 -15.82 -38.09 -0.11
N LYS D 27 -14.61 -38.04 0.48
CA LYS D 27 -13.60 -39.10 0.50
C LYS D 27 -13.24 -39.58 -0.90
N PRO D 28 -12.47 -38.82 -1.66
CA PRO D 28 -12.16 -39.23 -3.04
C PRO D 28 -11.27 -40.47 -3.08
N ASN D 29 -11.73 -41.48 -3.81
CA ASN D 29 -11.13 -42.81 -3.78
C ASN D 29 -9.87 -42.83 -4.63
N VAL D 30 -8.73 -42.51 -4.00
CA VAL D 30 -7.41 -42.66 -4.60
C VAL D 30 -6.58 -43.50 -3.63
N LYS D 31 -6.27 -44.73 -4.01
CA LYS D 31 -5.54 -45.63 -3.14
C LYS D 31 -4.03 -45.37 -3.26
N TRP D 32 -3.25 -46.07 -2.43
CA TRP D 32 -1.80 -45.93 -2.49
C TRP D 32 -1.22 -46.57 -3.74
N GLU D 33 -1.92 -47.52 -4.35
CA GLU D 33 -1.46 -48.14 -5.58
C GLU D 33 -1.70 -47.27 -6.79
N ASP D 34 -2.49 -46.19 -6.66
CA ASP D 34 -2.74 -45.29 -7.78
C ASP D 34 -1.64 -44.26 -7.97
N VAL D 35 -0.62 -44.27 -7.12
CA VAL D 35 0.52 -43.37 -7.25
C VAL D 35 1.74 -44.19 -7.61
N ALA D 36 2.46 -43.77 -8.65
CA ALA D 36 3.62 -44.49 -9.14
C ALA D 36 4.89 -43.88 -8.56
N GLY D 37 5.79 -44.74 -8.08
CA GLY D 37 7.04 -44.27 -7.51
C GLY D 37 6.83 -43.65 -6.13
N LEU D 38 7.78 -42.77 -5.77
CA LEU D 38 7.79 -42.00 -4.52
C LEU D 38 7.75 -42.90 -3.30
N GLU D 39 8.76 -43.78 -3.19
CA GLU D 39 8.75 -44.82 -2.16
C GLU D 39 9.03 -44.23 -0.78
N GLY D 40 9.98 -43.32 -0.68
CA GLY D 40 10.29 -42.72 0.61
C GLY D 40 9.19 -41.81 1.13
N ALA D 41 8.59 -41.02 0.22
CA ALA D 41 7.45 -40.18 0.59
C ALA D 41 6.24 -41.03 0.96
N LYS D 42 6.04 -42.13 0.23
CA LYS D 42 4.96 -43.06 0.55
C LYS D 42 5.15 -43.69 1.92
N GLU D 43 6.39 -44.08 2.26
CA GLU D 43 6.66 -44.69 3.55
C GLU D 43 6.51 -43.70 4.69
N ALA D 44 7.00 -42.46 4.50
CA ALA D 44 6.92 -41.44 5.54
C ALA D 44 5.48 -41.03 5.80
N LEU D 45 4.71 -40.78 4.74
CA LEU D 45 3.30 -40.44 4.90
C LEU D 45 2.50 -41.61 5.46
N LYS D 46 2.86 -42.84 5.05
CA LYS D 46 2.17 -44.04 5.52
C LYS D 46 2.34 -44.22 7.02
N GLU D 47 3.57 -44.08 7.52
CA GLU D 47 3.77 -44.21 8.96
C GLU D 47 3.15 -43.05 9.72
N ALA D 48 3.34 -41.81 9.23
CA ALA D 48 2.90 -40.63 9.97
C ALA D 48 1.38 -40.44 9.98
N VAL D 49 0.65 -41.11 9.09
CA VAL D 49 -0.81 -41.07 9.15
C VAL D 49 -1.43 -42.37 9.64
N ILE D 50 -0.76 -43.51 9.47
CA ILE D 50 -1.36 -44.80 9.79
C ILE D 50 -1.00 -45.24 11.21
N LEU D 51 0.28 -45.15 11.58
CA LEU D 51 0.77 -45.75 12.82
C LEU D 51 0.23 -45.12 14.12
N PRO D 52 0.10 -43.79 14.27
CA PRO D 52 -0.58 -43.29 15.49
C PRO D 52 -2.06 -43.59 15.52
N VAL D 53 -2.70 -43.84 14.38
CA VAL D 53 -4.11 -44.20 14.37
C VAL D 53 -4.28 -45.69 14.63
N LYS D 54 -3.43 -46.53 14.04
CA LYS D 54 -3.56 -47.98 14.17
C LYS D 54 -2.99 -48.50 15.48
N PHE D 55 -1.73 -48.19 15.76
CA PHE D 55 -1.02 -48.70 16.94
C PHE D 55 -0.56 -47.52 17.79
N PRO D 56 -1.43 -47.02 18.67
CA PRO D 56 -1.03 -45.88 19.52
C PRO D 56 -0.12 -46.25 20.67
N HIS D 57 0.08 -47.54 20.94
CA HIS D 57 0.95 -47.96 22.03
C HIS D 57 2.43 -47.96 21.66
N LEU D 58 2.76 -47.71 20.39
CA LEU D 58 4.17 -47.66 19.99
C LEU D 58 4.79 -46.31 20.28
N PHE D 59 3.99 -45.25 20.34
CA PHE D 59 4.47 -43.89 20.62
C PHE D 59 3.99 -43.53 22.02
N LYS D 60 4.79 -43.89 23.03
CA LYS D 60 4.47 -43.63 24.43
C LYS D 60 5.66 -42.93 25.07
N GLY D 61 5.53 -41.62 25.31
CA GLY D 61 6.55 -40.89 26.02
C GLY D 61 7.63 -40.28 25.15
N ASN D 62 8.77 -40.97 25.05
CA ASN D 62 9.94 -40.40 24.39
C ASN D 62 9.78 -40.35 22.87
N ARG D 63 9.01 -41.26 22.29
CA ARG D 63 8.84 -41.32 20.85
C ARG D 63 7.53 -40.65 20.46
N LYS D 64 7.62 -39.66 19.58
CA LYS D 64 6.49 -38.88 19.10
C LYS D 64 6.42 -38.93 17.59
N PRO D 65 5.22 -38.88 17.00
CA PRO D 65 5.11 -38.90 15.54
C PRO D 65 5.51 -37.58 14.92
N THR D 66 5.52 -37.57 13.59
CA THR D 66 5.88 -36.38 12.84
C THR D 66 4.75 -35.35 12.91
N SER D 67 5.13 -34.08 13.06
CA SER D 67 4.19 -32.98 13.26
C SER D 67 4.30 -31.96 12.13
N GLY D 68 4.35 -32.45 10.90
CA GLY D 68 4.40 -31.58 9.74
C GLY D 68 5.31 -32.08 8.64
N ILE D 69 4.77 -32.19 7.43
CA ILE D 69 5.49 -32.74 6.28
C ILE D 69 5.32 -31.77 5.12
N LEU D 70 6.42 -31.36 4.51
CA LEU D 70 6.40 -30.50 3.34
C LEU D 70 6.69 -31.34 2.09
N LEU D 71 5.82 -31.23 1.09
CA LEU D 71 5.95 -31.95 -0.16
C LEU D 71 6.21 -30.92 -1.26
N TYR D 72 7.48 -30.76 -1.64
CA TYR D 72 7.87 -29.77 -2.62
C TYR D 72 8.39 -30.46 -3.88
N GLY D 73 8.47 -29.68 -4.96
CA GLY D 73 8.96 -30.18 -6.22
C GLY D 73 8.43 -29.41 -7.41
N PRO D 74 8.60 -29.96 -8.61
CA PRO D 74 8.08 -29.31 -9.82
C PRO D 74 6.57 -29.38 -9.86
N PRO D 75 5.90 -28.48 -10.59
CA PRO D 75 4.44 -28.51 -10.66
C PRO D 75 3.95 -29.68 -11.51
N GLY D 76 2.93 -30.37 -11.01
CA GLY D 76 2.38 -31.51 -11.72
C GLY D 76 3.22 -32.75 -11.56
N THR D 77 3.44 -33.18 -10.32
CA THR D 77 4.29 -34.33 -10.03
C THR D 77 3.55 -35.31 -9.12
N GLY D 78 2.35 -34.93 -8.69
CA GLY D 78 1.54 -35.80 -7.86
C GLY D 78 1.51 -35.44 -6.40
N LYS D 79 1.75 -34.17 -6.05
CA LYS D 79 1.71 -33.74 -4.66
C LYS D 79 0.28 -33.72 -4.12
N SER D 80 -0.63 -33.07 -4.86
CA SER D 80 -2.04 -33.07 -4.47
C SER D 80 -2.65 -34.45 -4.64
N TYR D 81 -2.13 -35.27 -5.57
CA TYR D 81 -2.60 -36.65 -5.69
C TYR D 81 -2.18 -37.48 -4.49
N LEU D 82 -0.96 -37.24 -3.97
CA LEU D 82 -0.52 -37.92 -2.76
C LEU D 82 -1.32 -37.45 -1.55
N ALA D 83 -1.66 -36.17 -1.51
CA ALA D 83 -2.55 -35.66 -0.46
C ALA D 83 -3.95 -36.25 -0.57
N LYS D 84 -4.43 -36.51 -1.80
CA LYS D 84 -5.71 -37.19 -1.98
C LYS D 84 -5.63 -38.64 -1.50
N ALA D 85 -4.48 -39.28 -1.70
CA ALA D 85 -4.30 -40.65 -1.21
C ALA D 85 -4.29 -40.69 0.32
N VAL D 86 -3.66 -39.69 0.95
CA VAL D 86 -3.67 -39.59 2.40
C VAL D 86 -5.08 -39.31 2.92
N ALA D 87 -5.82 -38.42 2.22
CA ALA D 87 -7.20 -38.13 2.61
C ALA D 87 -8.11 -39.33 2.39
N THR D 88 -7.78 -40.20 1.45
CA THR D 88 -8.57 -41.40 1.23
C THR D 88 -8.33 -42.44 2.32
N GLU D 89 -7.07 -42.86 2.49
CA GLU D 89 -6.77 -43.90 3.47
C GLU D 89 -6.19 -43.34 4.76
N ALA D 90 -6.70 -42.19 5.21
CA ALA D 90 -6.29 -41.62 6.48
C ALA D 90 -7.15 -42.09 7.64
N ASN D 91 -8.47 -42.26 7.40
CA ASN D 91 -9.48 -42.59 8.41
C ASN D 91 -9.48 -41.58 9.55
N SER D 92 -9.32 -40.30 9.20
CA SER D 92 -9.30 -39.22 10.17
C SER D 92 -9.89 -37.98 9.52
N THR D 93 -9.98 -36.91 10.31
CA THR D 93 -10.55 -35.66 9.83
C THR D 93 -9.53 -34.93 8.94
N PHE D 94 -9.96 -34.51 7.76
CA PHE D 94 -9.09 -33.87 6.78
C PHE D 94 -9.56 -32.44 6.56
N PHE D 95 -8.66 -31.48 6.78
CA PHE D 95 -8.95 -30.07 6.58
C PHE D 95 -8.21 -29.60 5.34
N SER D 96 -8.96 -29.19 4.32
CA SER D 96 -8.41 -28.69 3.06
C SER D 96 -8.66 -27.19 3.00
N VAL D 97 -7.69 -26.42 3.44
CA VAL D 97 -7.80 -24.97 3.48
C VAL D 97 -6.96 -24.37 2.36
N SER D 98 -7.24 -23.10 2.06
CA SER D 98 -6.54 -22.39 1.00
C SER D 98 -6.49 -20.92 1.38
N SER D 99 -6.17 -20.05 0.41
CA SER D 99 -6.03 -18.63 0.70
C SER D 99 -7.38 -17.96 0.87
N SER D 100 -8.42 -18.43 0.18
CA SER D 100 -9.72 -17.78 0.24
C SER D 100 -10.49 -18.08 1.52
N ASP D 101 -10.09 -19.11 2.27
CA ASP D 101 -10.81 -19.47 3.49
C ASP D 101 -10.20 -18.87 4.75
N LEU D 102 -8.93 -18.46 4.71
CA LEU D 102 -8.27 -17.87 5.86
C LEU D 102 -8.22 -16.35 5.80
N VAL D 103 -7.88 -15.79 4.64
CA VAL D 103 -7.76 -14.34 4.51
C VAL D 103 -9.14 -13.71 4.43
N SER D 104 -9.37 -12.70 5.27
CA SER D 104 -10.65 -12.01 5.32
C SER D 104 -10.43 -10.52 5.07
N LYS D 105 -11.55 -9.80 4.93
CA LYS D 105 -11.52 -8.38 4.61
C LYS D 105 -11.31 -7.50 5.84
N TRP D 106 -11.85 -7.90 6.99
CA TRP D 106 -11.83 -7.05 8.18
C TRP D 106 -10.41 -7.04 8.79
N MET D 107 -10.23 -6.15 9.76
CA MET D 107 -8.96 -5.97 10.44
C MET D 107 -8.88 -6.95 11.61
N GLY D 108 -7.88 -7.82 11.58
CA GLY D 108 -7.73 -8.81 12.63
C GLY D 108 -8.74 -9.94 12.57
N GLU D 109 -9.05 -10.43 11.37
CA GLU D 109 -9.99 -11.53 11.20
C GLU D 109 -9.34 -12.79 10.67
N SER D 110 -8.23 -12.68 9.94
CA SER D 110 -7.56 -13.86 9.41
C SER D 110 -6.86 -14.65 10.52
N GLU D 111 -6.29 -13.94 11.50
CA GLU D 111 -5.61 -14.61 12.61
C GLU D 111 -6.60 -15.37 13.48
N LYS D 112 -7.78 -14.79 13.71
CA LYS D 112 -8.84 -15.51 14.43
C LYS D 112 -9.34 -16.70 13.64
N LEU D 113 -9.32 -16.62 12.30
CA LEU D 113 -9.72 -17.76 11.48
C LEU D 113 -8.70 -18.89 11.56
N VAL D 114 -7.41 -18.56 11.56
CA VAL D 114 -6.36 -19.58 11.71
C VAL D 114 -6.42 -20.21 13.10
N LYS D 115 -6.66 -19.39 14.13
CA LYS D 115 -6.78 -19.90 15.49
C LYS D 115 -8.01 -20.80 15.65
N GLN D 116 -9.13 -20.42 15.02
CA GLN D 116 -10.33 -21.25 15.08
C GLN D 116 -10.17 -22.53 14.26
N LEU D 117 -9.41 -22.48 13.17
CA LEU D 117 -9.13 -23.67 12.37
C LEU D 117 -8.31 -24.67 13.17
N PHE D 118 -7.26 -24.21 13.84
CA PHE D 118 -6.45 -25.12 14.64
C PHE D 118 -7.18 -25.59 15.89
N ALA D 119 -8.06 -24.75 16.45
CA ALA D 119 -8.87 -25.18 17.59
C ALA D 119 -9.94 -26.19 17.18
N MET D 120 -10.46 -26.10 15.97
CA MET D 120 -11.39 -27.11 15.47
C MET D 120 -10.67 -28.40 15.12
N ALA D 121 -9.42 -28.30 14.65
CA ALA D 121 -8.64 -29.49 14.36
C ALA D 121 -8.15 -30.18 15.63
N ARG D 122 -7.97 -29.43 16.72
CA ARG D 122 -7.56 -30.04 17.99
C ARG D 122 -8.70 -30.73 18.72
N GLU D 123 -9.95 -30.34 18.43
CA GLU D 123 -11.09 -31.01 19.05
C GLU D 123 -11.40 -32.35 18.41
N ASN D 124 -10.92 -32.59 17.19
CA ASN D 124 -11.21 -33.81 16.46
C ASN D 124 -9.94 -34.62 16.23
N LYS D 125 -9.12 -34.77 17.27
CA LYS D 125 -7.87 -35.50 17.13
C LYS D 125 -8.13 -36.99 16.92
N PRO D 126 -7.44 -37.63 15.97
CA PRO D 126 -6.42 -37.06 15.08
C PRO D 126 -6.98 -36.35 13.85
N SER D 127 -6.30 -35.29 13.42
CA SER D 127 -6.75 -34.50 12.29
C SER D 127 -5.57 -34.16 11.40
N ILE D 128 -5.86 -33.89 10.13
CA ILE D 128 -4.87 -33.48 9.16
C ILE D 128 -5.30 -32.14 8.57
N ILE D 129 -4.35 -31.20 8.53
CA ILE D 129 -4.57 -29.90 7.92
C ILE D 129 -3.68 -29.81 6.70
N PHE D 130 -4.30 -29.83 5.51
CA PHE D 130 -3.56 -29.76 4.25
C PHE D 130 -3.65 -28.33 3.75
N ILE D 131 -2.68 -27.51 4.15
CA ILE D 131 -2.57 -26.16 3.62
C ILE D 131 -1.93 -26.24 2.24
N ASP D 132 -2.76 -26.21 1.20
CA ASP D 132 -2.23 -26.24 -0.15
C ASP D 132 -1.65 -24.88 -0.52
N GLU D 133 -0.51 -24.90 -1.20
CA GLU D 133 0.23 -23.72 -1.68
C GLU D 133 0.60 -22.79 -0.51
N VAL D 134 1.51 -23.30 0.33
CA VAL D 134 1.98 -22.54 1.49
C VAL D 134 2.85 -21.36 1.07
N ASP D 135 3.35 -21.35 -0.17
CA ASP D 135 4.15 -20.23 -0.65
C ASP D 135 3.31 -18.96 -0.84
N ALA D 136 2.01 -19.09 -1.03
CA ALA D 136 1.12 -17.94 -1.16
C ALA D 136 0.77 -17.32 0.19
N LEU D 137 1.01 -18.02 1.29
CA LEU D 137 0.77 -17.50 2.63
C LEU D 137 2.04 -17.27 3.43
N THR D 138 3.20 -17.64 2.90
CA THR D 138 4.49 -17.43 3.55
C THR D 138 5.43 -16.77 2.56
N GLY D 139 5.84 -15.53 2.86
CA GLY D 139 6.69 -14.77 1.96
C GLY D 139 7.91 -14.19 2.63
N THR D 140 8.50 -14.96 3.55
CA THR D 140 9.77 -14.78 4.27
C THR D 140 9.91 -13.47 5.05
N ARG D 141 8.80 -12.70 5.17
CA ARG D 141 8.69 -11.50 6.01
C ARG D 141 9.73 -10.44 5.66
N GLY D 142 10.06 -10.33 4.38
CA GLY D 142 11.08 -9.38 3.95
C GLY D 142 10.56 -8.05 3.44
N GLU D 143 9.67 -8.09 2.46
CA GLU D 143 9.22 -6.87 1.80
C GLU D 143 7.73 -6.84 1.46
N GLY D 144 6.97 -7.85 1.85
CA GLY D 144 5.57 -7.94 1.44
C GLY D 144 4.67 -6.98 2.20
N GLU D 145 3.37 -7.27 2.11
CA GLU D 145 2.37 -6.46 2.79
C GLU D 145 2.47 -6.67 4.29
N SER D 146 2.52 -5.56 5.03
CA SER D 146 2.89 -5.58 6.45
C SER D 146 1.86 -6.31 7.29
N GLU D 147 0.60 -5.85 7.25
CA GLU D 147 -0.46 -6.43 8.07
C GLU D 147 -0.68 -7.90 7.75
N ALA D 148 -1.00 -8.20 6.49
CA ALA D 148 -1.30 -9.56 6.05
C ALA D 148 -0.14 -10.51 6.29
N SER D 149 1.05 -10.15 5.76
CA SER D 149 2.25 -10.96 5.87
C SER D 149 2.65 -11.23 7.32
N ARG D 150 2.95 -10.16 8.08
CA ARG D 150 3.44 -10.32 9.45
C ARG D 150 2.40 -10.97 10.35
N ARG D 151 1.12 -10.58 10.26
CA ARG D 151 0.14 -11.09 11.19
C ARG D 151 -0.26 -12.53 10.88
N ILE D 152 -0.41 -12.89 9.59
CA ILE D 152 -0.77 -14.26 9.25
C ILE D 152 0.40 -15.21 9.51
N LYS D 153 1.63 -14.79 9.17
CA LYS D 153 2.77 -15.65 9.43
C LYS D 153 3.07 -15.77 10.92
N THR D 154 2.84 -14.70 11.69
CA THR D 154 3.03 -14.74 13.13
C THR D 154 2.00 -15.64 13.80
N GLU D 155 0.74 -15.56 13.34
CA GLU D 155 -0.31 -16.44 13.87
C GLU D 155 -0.04 -17.89 13.51
N LEU D 156 0.51 -18.17 12.33
CA LEU D 156 0.88 -19.53 11.96
C LEU D 156 2.02 -20.07 12.83
N LEU D 157 3.04 -19.23 13.05
CA LEU D 157 4.20 -19.66 13.84
C LEU D 157 3.82 -19.88 15.30
N VAL D 158 2.89 -19.07 15.82
CA VAL D 158 2.44 -19.26 17.20
C VAL D 158 1.49 -20.45 17.28
N GLN D 159 0.65 -20.65 16.27
CA GLN D 159 -0.38 -21.67 16.36
C GLN D 159 0.12 -23.06 16.02
N MET D 160 1.29 -23.19 15.38
CA MET D 160 1.80 -24.52 15.05
C MET D 160 2.29 -25.24 16.30
N ASN D 161 3.29 -24.69 17.00
CA ASN D 161 3.70 -25.25 18.29
C ASN D 161 3.47 -24.29 19.45
N GLY D 162 4.06 -23.09 19.41
CA GLY D 162 3.79 -22.05 20.41
C GLY D 162 4.22 -22.43 21.82
N VAL D 163 3.46 -21.95 22.80
CA VAL D 163 3.70 -22.24 24.20
C VAL D 163 2.46 -22.89 24.81
N GLY D 164 1.33 -22.18 24.76
CA GLY D 164 0.12 -22.67 25.37
C GLY D 164 -0.84 -23.32 24.40
N ASN D 165 -0.31 -24.09 23.44
CA ASN D 165 -1.12 -24.73 22.42
C ASN D 165 -1.17 -26.25 22.58
N ASP D 166 0.01 -26.89 22.67
CA ASP D 166 0.18 -28.33 22.81
C ASP D 166 -0.50 -29.09 21.66
N SER D 167 0.03 -28.85 20.46
CA SER D 167 -0.49 -29.49 19.26
C SER D 167 -0.05 -30.94 19.19
N GLN D 168 -0.83 -31.83 19.80
CA GLN D 168 -0.57 -33.27 19.76
C GLN D 168 -1.72 -33.93 19.03
N GLY D 169 -1.39 -34.70 17.99
CA GLY D 169 -2.41 -35.35 17.19
C GLY D 169 -2.84 -34.60 15.96
N VAL D 170 -2.05 -33.65 15.48
CA VAL D 170 -2.34 -32.92 14.26
C VAL D 170 -1.18 -33.13 13.28
N LEU D 171 -1.42 -32.75 12.03
CA LEU D 171 -0.43 -32.88 10.98
C LEU D 171 -0.65 -31.78 9.96
N VAL D 172 0.38 -30.97 9.73
CA VAL D 172 0.28 -29.83 8.82
C VAL D 172 0.95 -30.26 7.52
N LEU D 173 0.14 -30.76 6.59
CA LEU D 173 0.64 -31.14 5.27
C LEU D 173 0.74 -29.91 4.38
N GLY D 174 1.91 -29.72 3.78
CA GLY D 174 2.12 -28.59 2.90
C GLY D 174 2.66 -28.98 1.55
N ALA D 175 2.11 -28.39 0.49
CA ALA D 175 2.54 -28.69 -0.87
C ALA D 175 2.84 -27.38 -1.59
N THR D 176 4.10 -27.20 -1.99
CA THR D 176 4.50 -25.96 -2.64
C THR D 176 5.36 -26.30 -3.86
N ASN D 177 5.48 -25.32 -4.76
CA ASN D 177 6.31 -25.44 -5.95
C ASN D 177 7.58 -24.60 -5.88
N ILE D 178 7.58 -23.53 -5.10
CA ILE D 178 8.75 -22.68 -4.92
C ILE D 178 9.15 -22.67 -3.44
N PRO D 179 9.81 -23.72 -2.94
CA PRO D 179 10.09 -23.79 -1.51
C PRO D 179 11.24 -22.91 -1.04
N TRP D 180 12.06 -22.38 -1.95
CA TRP D 180 13.13 -21.48 -1.55
C TRP D 180 12.63 -20.08 -1.21
N GLN D 181 11.38 -19.76 -1.51
CA GLN D 181 10.76 -18.48 -1.15
C GLN D 181 9.95 -18.59 0.13
N LEU D 182 10.30 -19.53 1.00
CA LEU D 182 9.62 -19.72 2.28
C LEU D 182 10.49 -19.17 3.41
N ASP D 183 9.83 -18.86 4.53
CA ASP D 183 10.53 -18.30 5.67
C ASP D 183 11.38 -19.37 6.35
N SER D 184 12.45 -18.91 7.01
CA SER D 184 13.33 -19.83 7.73
C SER D 184 12.62 -20.46 8.93
N ALA D 185 11.77 -19.69 9.60
CA ALA D 185 10.99 -20.22 10.71
C ALA D 185 9.95 -21.22 10.23
N ILE D 186 9.37 -21.02 9.04
CA ILE D 186 8.40 -21.96 8.50
C ILE D 186 9.10 -23.24 8.04
N ARG D 187 10.30 -23.11 7.45
CA ARG D 187 11.09 -24.30 7.10
C ARG D 187 11.54 -25.06 8.33
N ARG D 188 11.75 -24.35 9.45
CA ARG D 188 11.99 -25.02 10.71
C ARG D 188 10.73 -25.71 11.24
N ARG D 189 9.56 -25.09 11.02
CA ARG D 189 8.30 -25.68 11.47
C ARG D 189 8.00 -26.99 10.76
N PHE D 190 8.17 -27.03 9.43
CA PHE D 190 7.97 -28.24 8.66
C PHE D 190 9.16 -29.16 8.89
N GLU D 191 8.90 -30.31 9.52
CA GLU D 191 10.00 -31.19 9.94
C GLU D 191 10.61 -31.93 8.77
N ARG D 192 9.77 -32.60 7.97
CA ARG D 192 10.23 -33.43 6.87
C ARG D 192 9.96 -32.68 5.56
N ARG D 193 11.02 -32.23 4.90
CA ARG D 193 10.94 -31.59 3.60
C ARG D 193 11.27 -32.64 2.55
N ILE D 194 10.25 -33.31 2.04
CA ILE D 194 10.44 -34.44 1.13
C ILE D 194 10.42 -33.95 -0.30
N TYR D 195 11.47 -34.26 -1.05
CA TYR D 195 11.54 -33.91 -2.46
C TYR D 195 10.70 -34.87 -3.29
N ILE D 196 9.90 -34.32 -4.20
CA ILE D 196 9.12 -35.13 -5.15
C ILE D 196 9.75 -34.93 -6.53
N PRO D 197 10.72 -35.76 -6.92
CA PRO D 197 11.42 -35.51 -8.19
C PRO D 197 10.64 -36.01 -9.40
N LEU D 198 11.21 -35.83 -10.58
CA LEU D 198 10.57 -36.32 -11.79
C LEU D 198 10.60 -37.85 -11.85
N PRO D 199 9.55 -38.47 -12.37
CA PRO D 199 9.48 -39.94 -12.33
C PRO D 199 10.46 -40.59 -13.31
N ASP D 200 10.86 -41.81 -12.96
CA ASP D 200 11.78 -42.60 -13.74
C ASP D 200 11.00 -43.54 -14.65
N LEU D 201 11.72 -44.50 -15.26
CA LEU D 201 11.13 -45.39 -16.25
C LEU D 201 10.09 -46.33 -15.64
N ALA D 202 10.38 -46.85 -14.44
CA ALA D 202 9.44 -47.75 -13.77
C ALA D 202 8.17 -47.02 -13.36
N ALA D 203 8.29 -45.79 -12.87
CA ALA D 203 7.11 -45.01 -12.52
C ALA D 203 6.34 -44.58 -13.77
N ARG D 204 7.03 -44.35 -14.88
CA ARG D 204 6.34 -44.03 -16.13
C ARG D 204 5.54 -45.23 -16.64
N THR D 205 6.12 -46.43 -16.59
CA THR D 205 5.41 -47.63 -17.02
C THR D 205 4.25 -47.94 -16.07
N THR D 206 4.43 -47.68 -14.77
CA THR D 206 3.35 -47.89 -13.81
C THR D 206 2.23 -46.89 -14.02
N MET D 207 2.56 -45.63 -14.36
CA MET D 207 1.53 -44.64 -14.66
C MET D 207 0.78 -44.98 -15.93
N PHE D 208 1.47 -45.53 -16.94
CA PHE D 208 0.79 -46.00 -18.15
C PHE D 208 -0.13 -47.17 -17.84
N GLU D 209 0.33 -48.10 -16.98
CA GLU D 209 -0.47 -49.27 -16.64
C GLU D 209 -1.68 -48.93 -15.79
N ILE D 210 -1.61 -47.87 -14.98
CA ILE D 210 -2.79 -47.47 -14.22
C ILE D 210 -3.66 -46.46 -14.97
N ASN D 211 -3.13 -45.83 -16.02
CA ASN D 211 -3.93 -44.89 -16.79
C ASN D 211 -4.63 -45.56 -17.97
N VAL D 212 -4.17 -46.74 -18.40
CA VAL D 212 -4.88 -47.44 -19.46
C VAL D 212 -6.21 -47.98 -18.95
N GLY D 213 -6.28 -48.34 -17.67
CA GLY D 213 -7.54 -48.76 -17.07
C GLY D 213 -7.92 -50.16 -17.51
N ASP D 214 -9.19 -50.32 -17.89
CA ASP D 214 -9.72 -51.59 -18.37
C ASP D 214 -10.25 -51.49 -19.80
N THR D 215 -9.72 -50.54 -20.56
CA THR D 215 -10.14 -50.38 -21.94
C THR D 215 -9.50 -51.45 -22.81
N PRO D 216 -10.19 -51.90 -23.88
CA PRO D 216 -9.59 -52.90 -24.79
C PRO D 216 -8.40 -52.35 -25.57
N CYS D 217 -7.24 -52.96 -25.39
CA CYS D 217 -6.02 -52.54 -26.06
C CYS D 217 -5.14 -53.75 -26.35
N VAL D 218 -4.24 -53.59 -27.30
CA VAL D 218 -3.30 -54.65 -27.68
C VAL D 218 -1.91 -54.41 -27.11
N LEU D 219 -1.75 -53.39 -26.27
CA LEU D 219 -0.45 -53.05 -25.72
C LEU D 219 -0.03 -54.07 -24.66
N THR D 220 1.26 -54.38 -24.64
CA THR D 220 1.82 -55.38 -23.74
C THR D 220 2.83 -54.74 -22.79
N LYS D 221 3.53 -55.58 -22.03
CA LYS D 221 4.50 -55.09 -21.07
C LYS D 221 5.70 -54.45 -21.76
N GLU D 222 6.21 -55.06 -22.83
CA GLU D 222 7.29 -54.46 -23.59
C GLU D 222 6.83 -53.22 -24.35
N ASP D 223 5.56 -53.16 -24.75
CA ASP D 223 5.00 -51.96 -25.36
C ASP D 223 4.98 -50.81 -24.36
N TYR D 224 4.57 -51.10 -23.12
CA TYR D 224 4.56 -50.08 -22.07
C TYR D 224 5.98 -49.66 -21.71
N ARG D 225 6.93 -50.60 -21.75
CA ARG D 225 8.32 -50.27 -21.47
C ARG D 225 8.92 -49.38 -22.55
N THR D 226 8.60 -49.65 -23.81
CA THR D 226 9.07 -48.79 -24.90
C THR D 226 8.41 -47.42 -24.85
N LEU D 227 7.12 -47.37 -24.46
CA LEU D 227 6.43 -46.09 -24.30
C LEU D 227 7.05 -45.27 -23.18
N GLY D 228 7.33 -45.91 -22.04
CA GLY D 228 7.98 -45.22 -20.93
C GLY D 228 9.41 -44.80 -21.24
N ALA D 229 10.09 -45.54 -22.11
CA ALA D 229 11.39 -45.08 -22.60
C ALA D 229 11.24 -43.87 -23.52
N MET D 230 10.16 -43.81 -24.30
CA MET D 230 9.98 -42.68 -25.20
C MET D 230 9.51 -41.41 -24.49
N THR D 231 8.80 -41.52 -23.35
CA THR D 231 8.27 -40.32 -22.70
C THR D 231 9.20 -39.78 -21.61
N GLU D 232 10.51 -39.94 -21.76
CA GLU D 232 11.45 -39.40 -20.79
C GLU D 232 11.48 -37.87 -20.84
N GLY D 233 11.64 -37.27 -19.67
CA GLY D 233 11.57 -35.83 -19.54
C GLY D 233 10.19 -35.26 -19.36
N TYR D 234 9.18 -36.12 -19.17
CA TYR D 234 7.80 -35.70 -19.00
C TYR D 234 7.42 -35.82 -17.52
N SER D 235 6.14 -35.56 -17.22
CA SER D 235 5.63 -35.65 -15.86
C SER D 235 4.31 -36.40 -15.87
N GLY D 236 3.71 -36.50 -14.68
CA GLY D 236 2.48 -37.28 -14.53
C GLY D 236 1.28 -36.66 -15.22
N SER D 237 1.18 -35.33 -15.21
CA SER D 237 0.11 -34.65 -15.94
C SER D 237 0.28 -34.83 -17.44
N ASP D 238 1.52 -34.84 -17.93
CA ASP D 238 1.77 -35.08 -19.34
C ASP D 238 1.44 -36.51 -19.73
N ILE D 239 1.72 -37.47 -18.85
CA ILE D 239 1.34 -38.86 -19.11
C ILE D 239 -0.18 -39.01 -19.10
N ALA D 240 -0.87 -38.32 -18.18
CA ALA D 240 -2.33 -38.36 -18.16
C ALA D 240 -2.94 -37.71 -19.40
N VAL D 241 -2.35 -36.63 -19.91
CA VAL D 241 -2.97 -35.98 -21.06
C VAL D 241 -2.62 -36.73 -22.35
N VAL D 242 -1.48 -37.43 -22.42
CA VAL D 242 -1.26 -38.25 -23.62
C VAL D 242 -2.11 -39.52 -23.57
N VAL D 243 -2.44 -40.01 -22.37
CA VAL D 243 -3.37 -41.13 -22.26
C VAL D 243 -4.78 -40.70 -22.68
N LYS D 244 -5.20 -39.50 -22.24
CA LYS D 244 -6.50 -38.97 -22.66
C LYS D 244 -6.56 -38.68 -24.15
N ASP D 245 -5.45 -38.20 -24.73
CA ASP D 245 -5.41 -37.93 -26.16
C ASP D 245 -5.44 -39.23 -26.98
N ALA D 246 -4.70 -40.24 -26.53
CA ALA D 246 -4.77 -41.54 -27.19
C ALA D 246 -6.11 -42.23 -26.98
N LEU D 247 -6.83 -41.90 -25.92
CA LEU D 247 -8.18 -42.43 -25.74
C LEU D 247 -9.19 -41.69 -26.61
N MET D 248 -8.94 -40.41 -26.89
CA MET D 248 -9.84 -39.63 -27.75
C MET D 248 -9.53 -39.78 -29.24
N GLN D 249 -8.36 -40.31 -29.59
CA GLN D 249 -8.06 -40.59 -30.99
C GLN D 249 -9.02 -41.58 -31.68
N PRO D 250 -9.49 -42.70 -31.06
CA PRO D 250 -10.51 -43.50 -31.76
C PRO D 250 -11.84 -42.78 -31.92
N ILE D 251 -12.18 -41.86 -31.02
CA ILE D 251 -13.39 -41.06 -31.24
C ILE D 251 -13.21 -40.06 -32.38
N ARG D 252 -11.99 -39.56 -32.58
CA ARG D 252 -11.71 -38.74 -33.75
C ARG D 252 -11.78 -39.57 -35.03
N LYS D 253 -11.36 -40.84 -34.96
CA LYS D 253 -11.52 -41.73 -36.11
C LYS D 253 -12.98 -42.08 -36.35
N ILE D 254 -13.80 -42.10 -35.29
CA ILE D 254 -15.24 -42.29 -35.43
C ILE D 254 -15.87 -41.10 -36.14
N GLN D 255 -15.53 -39.88 -35.70
CA GLN D 255 -16.19 -38.68 -36.21
C GLN D 255 -15.71 -38.34 -37.62
N SER D 256 -14.41 -38.49 -37.89
CA SER D 256 -13.85 -38.13 -39.19
C SER D 256 -13.79 -39.36 -40.10
N ALA D 257 -14.97 -39.92 -40.37
CA ALA D 257 -15.09 -41.08 -41.24
C ALA D 257 -16.47 -41.10 -41.89
N THR D 258 -16.51 -41.42 -43.16
CA THR D 258 -17.76 -41.55 -43.91
C THR D 258 -18.13 -42.99 -44.23
N HIS D 259 -17.16 -43.81 -44.64
CA HIS D 259 -17.43 -45.21 -44.97
C HIS D 259 -17.43 -46.04 -43.69
N PHE D 260 -18.53 -46.75 -43.46
CA PHE D 260 -18.71 -47.58 -42.27
C PHE D 260 -18.89 -49.04 -42.69
N LYS D 261 -18.92 -49.92 -41.69
CA LYS D 261 -18.97 -51.36 -41.96
C LYS D 261 -19.56 -52.07 -40.74
N ASP D 262 -20.54 -52.94 -40.98
CA ASP D 262 -21.14 -53.76 -39.94
C ASP D 262 -20.47 -55.13 -39.96
N VAL D 263 -19.71 -55.45 -38.92
CA VAL D 263 -19.04 -56.73 -38.80
C VAL D 263 -19.79 -57.60 -37.80
N SER D 264 -19.73 -58.92 -38.02
CA SER D 264 -20.44 -59.97 -37.26
C SER D 264 -21.95 -59.69 -37.09
N THR D 270 -25.68 -58.15 -33.06
CA THR D 270 -26.74 -57.14 -33.10
C THR D 270 -26.16 -55.80 -33.55
N ARG D 271 -25.60 -55.80 -34.78
CA ARG D 271 -25.10 -54.63 -35.49
C ARG D 271 -24.01 -53.90 -34.71
N LYS D 272 -22.89 -54.61 -34.53
CA LYS D 272 -21.69 -54.01 -33.94
C LYS D 272 -20.89 -53.37 -35.06
N LEU D 273 -21.25 -52.13 -35.37
CA LEU D 273 -20.75 -51.43 -36.54
C LEU D 273 -19.47 -50.66 -36.21
N THR D 274 -18.57 -50.58 -37.19
CA THR D 274 -17.26 -49.96 -37.07
C THR D 274 -16.94 -49.19 -38.34
N PRO D 275 -16.09 -48.18 -38.27
CA PRO D 275 -15.60 -47.54 -39.48
C PRO D 275 -14.64 -48.44 -40.26
N CYS D 276 -14.38 -48.05 -41.50
CA CYS D 276 -13.53 -48.81 -42.39
C CYS D 276 -12.94 -47.88 -43.43
N SER D 277 -12.15 -48.46 -44.34
CA SER D 277 -11.57 -47.72 -45.45
C SER D 277 -12.63 -47.51 -46.53
N PRO D 278 -12.44 -46.52 -47.42
CA PRO D 278 -13.35 -46.40 -48.56
C PRO D 278 -13.19 -47.53 -49.55
N GLY D 279 -14.15 -48.45 -49.54
CA GLY D 279 -14.08 -49.66 -50.35
C GLY D 279 -13.69 -50.86 -49.52
N ASP D 280 -14.68 -51.65 -49.13
CA ASP D 280 -14.48 -52.83 -48.29
C ASP D 280 -15.66 -53.77 -48.49
N ASP D 281 -15.77 -54.78 -47.63
CA ASP D 281 -16.93 -55.66 -47.61
C ASP D 281 -18.09 -54.96 -46.89
N GLY D 282 -19.04 -54.45 -47.67
CA GLY D 282 -20.16 -53.71 -47.13
C GLY D 282 -19.76 -52.31 -46.68
N ALA D 283 -19.25 -51.51 -47.61
CA ALA D 283 -18.81 -50.15 -47.31
C ALA D 283 -19.99 -49.18 -47.36
N ILE D 284 -20.84 -49.29 -46.34
CA ILE D 284 -22.02 -48.44 -46.24
C ILE D 284 -21.61 -47.06 -45.74
N GLU D 285 -22.07 -46.02 -46.44
CA GLU D 285 -21.73 -44.64 -46.12
C GLU D 285 -22.91 -44.00 -45.40
N MET D 286 -22.73 -43.73 -44.11
CA MET D 286 -23.74 -43.07 -43.29
C MET D 286 -23.01 -42.23 -42.24
N SER D 287 -23.75 -41.76 -41.24
CA SER D 287 -23.21 -40.85 -40.24
C SER D 287 -23.42 -41.41 -38.83
N TRP D 288 -22.59 -40.92 -37.90
CA TRP D 288 -22.74 -41.32 -36.51
C TRP D 288 -23.98 -40.71 -35.86
N THR D 289 -24.52 -39.63 -36.42
CA THR D 289 -25.83 -39.16 -35.98
C THR D 289 -26.93 -40.13 -36.40
N ASP D 290 -26.77 -40.77 -37.55
CA ASP D 290 -27.68 -41.84 -37.95
C ASP D 290 -27.42 -43.13 -37.16
N ILE D 291 -26.21 -43.30 -36.63
CA ILE D 291 -25.92 -44.43 -35.76
C ILE D 291 -26.60 -44.22 -34.41
N GLU D 292 -27.42 -45.17 -34.00
CA GLU D 292 -28.14 -45.09 -32.73
C GLU D 292 -27.25 -45.56 -31.59
N ALA D 293 -27.85 -45.73 -30.41
CA ALA D 293 -27.12 -46.24 -29.27
C ALA D 293 -27.10 -47.77 -29.28
N ASP D 294 -26.19 -48.34 -28.46
CA ASP D 294 -25.99 -49.78 -28.28
C ASP D 294 -25.63 -50.51 -29.58
N GLU D 295 -25.05 -49.79 -30.54
CA GLU D 295 -24.65 -50.39 -31.81
C GLU D 295 -23.31 -49.86 -32.30
N LEU D 296 -22.63 -49.02 -31.53
CA LEU D 296 -21.37 -48.40 -31.95
C LEU D 296 -20.21 -49.21 -31.38
N LYS D 297 -19.23 -49.49 -32.23
CA LYS D 297 -18.01 -50.17 -31.83
C LYS D 297 -16.81 -49.31 -32.22
N GLU D 298 -15.97 -48.99 -31.24
CA GLU D 298 -14.81 -48.16 -31.47
C GLU D 298 -13.66 -48.99 -32.03
N PRO D 299 -12.74 -48.38 -32.79
CA PRO D 299 -11.55 -49.10 -33.22
C PRO D 299 -10.61 -49.39 -32.05
N ASP D 300 -9.81 -50.44 -32.22
CA ASP D 300 -8.94 -50.91 -31.15
C ASP D 300 -7.70 -50.01 -31.05
N LEU D 301 -7.13 -49.98 -29.84
CA LEU D 301 -5.95 -49.18 -29.58
C LEU D 301 -4.70 -49.86 -30.10
N THR D 302 -3.66 -49.06 -30.34
CA THR D 302 -2.36 -49.56 -30.74
C THR D 302 -1.30 -48.55 -30.30
N ILE D 303 -0.04 -48.83 -30.66
CA ILE D 303 1.06 -47.95 -30.26
C ILE D 303 1.08 -46.68 -31.10
N LYS D 304 0.40 -46.66 -32.24
CA LYS D 304 0.45 -45.48 -33.12
C LYS D 304 -0.32 -44.30 -32.54
N ASP D 305 -1.45 -44.55 -31.87
CA ASP D 305 -2.21 -43.47 -31.25
C ASP D 305 -1.44 -42.87 -30.08
N PHE D 306 -0.78 -43.72 -29.29
CA PHE D 306 0.03 -43.24 -28.18
C PHE D 306 1.26 -42.46 -28.64
N LEU D 307 1.91 -42.94 -29.72
CA LEU D 307 3.04 -42.19 -30.28
C LEU D 307 2.59 -40.87 -30.90
N LYS D 308 1.39 -40.85 -31.51
CA LYS D 308 0.86 -39.61 -32.06
C LYS D 308 0.53 -38.61 -30.95
N ALA D 309 -0.02 -39.09 -29.83
CA ALA D 309 -0.29 -38.20 -28.70
C ALA D 309 0.99 -37.68 -28.06
N ILE D 310 2.03 -38.52 -27.97
CA ILE D 310 3.31 -38.11 -27.42
C ILE D 310 3.97 -37.06 -28.31
N LYS D 311 3.93 -37.27 -29.63
CA LYS D 311 4.44 -36.26 -30.56
C LYS D 311 3.55 -35.03 -30.64
N SER D 312 2.29 -35.14 -30.22
CA SER D 312 1.38 -34.00 -30.30
C SER D 312 1.53 -33.05 -29.11
N THR D 313 1.59 -33.58 -27.89
CA THR D 313 1.66 -32.73 -26.70
C THR D 313 3.12 -32.55 -26.29
N ARG D 314 3.51 -31.31 -26.02
CA ARG D 314 4.84 -30.91 -25.61
C ARG D 314 4.96 -30.89 -24.09
N PRO D 315 6.16 -31.10 -23.54
CA PRO D 315 6.33 -31.01 -22.09
C PRO D 315 6.24 -29.58 -21.60
N THR D 316 6.04 -29.45 -20.28
CA THR D 316 5.83 -28.14 -19.65
C THR D 316 6.94 -27.74 -18.69
N VAL D 317 7.79 -28.66 -18.26
CA VAL D 317 8.82 -28.38 -17.28
C VAL D 317 10.08 -27.93 -17.99
N ASN D 318 10.67 -26.84 -17.50
CA ASN D 318 11.92 -26.31 -18.03
C ASN D 318 13.11 -27.00 -17.35
N GLU D 319 14.31 -26.46 -17.56
CA GLU D 319 15.53 -27.14 -17.14
C GLU D 319 16.40 -26.35 -16.17
N ASP D 320 15.97 -25.17 -15.72
CA ASP D 320 16.70 -24.41 -14.72
C ASP D 320 16.03 -24.43 -13.35
N ASP D 321 14.70 -24.48 -13.33
CA ASP D 321 13.99 -24.65 -12.06
C ASP D 321 14.25 -26.03 -11.47
N LEU D 322 14.55 -27.02 -12.31
CA LEU D 322 15.01 -28.31 -11.80
C LEU D 322 16.35 -28.19 -11.10
N LEU D 323 17.24 -27.35 -11.62
CA LEU D 323 18.52 -27.11 -10.95
C LEU D 323 18.31 -26.37 -9.63
N LYS D 324 17.36 -25.43 -9.59
CA LYS D 324 17.06 -24.75 -8.33
C LYS D 324 16.44 -25.69 -7.31
N GLN D 325 15.58 -26.61 -7.77
CA GLN D 325 14.99 -27.61 -6.89
C GLN D 325 16.04 -28.58 -6.37
N GLU D 326 17.02 -28.95 -7.21
CA GLU D 326 18.11 -29.79 -6.77
C GLU D 326 19.01 -29.08 -5.77
N GLN D 327 19.21 -27.77 -5.95
CA GLN D 327 19.98 -26.98 -5.00
C GLN D 327 19.28 -26.90 -3.65
N PHE D 328 17.97 -26.68 -3.66
CA PHE D 328 17.21 -26.66 -2.40
C PHE D 328 17.16 -28.03 -1.75
N THR D 329 17.13 -29.10 -2.55
CA THR D 329 17.15 -30.45 -2.00
C THR D 329 18.49 -30.74 -1.33
N ARG D 330 19.59 -30.40 -2.01
CA ARG D 330 20.92 -30.59 -1.43
C ARG D 330 21.14 -29.70 -0.22
N ASP D 331 20.46 -28.56 -0.14
CA ASP D 331 20.60 -27.70 1.03
C ASP D 331 19.79 -28.23 2.21
N PHE D 332 18.45 -28.28 2.08
CA PHE D 332 17.59 -28.61 3.20
C PHE D 332 16.51 -29.63 2.85
N GLY D 333 16.82 -30.67 2.08
CA GLY D 333 15.81 -31.56 1.57
C GLY D 333 16.14 -33.04 1.78
N GLN D 334 15.08 -33.84 1.86
CA GLN D 334 15.19 -35.29 1.90
C GLN D 334 15.08 -35.85 0.48
N GLU D 335 14.92 -37.16 0.36
CA GLU D 335 14.78 -37.83 -0.93
C GLU D 335 13.51 -38.68 -0.91
N GLY D 336 12.62 -38.44 -1.87
CA GLY D 336 11.38 -39.18 -1.94
C GLY D 336 11.48 -40.43 -2.80
N ASN D 337 12.30 -40.35 -3.85
CA ASN D 337 12.55 -41.44 -4.82
C ASN D 337 11.28 -41.99 -5.46
N GLU E 26 -28.31 -14.98 -19.47
CA GLU E 26 -27.26 -14.62 -20.41
C GLU E 26 -27.18 -15.65 -21.54
N LYS E 27 -27.84 -15.35 -22.65
CA LYS E 27 -27.86 -16.24 -23.81
C LYS E 27 -27.73 -15.43 -25.08
N PRO E 28 -26.65 -15.61 -25.86
CA PRO E 28 -26.55 -14.94 -27.16
C PRO E 28 -27.29 -15.69 -28.25
N ASN E 29 -27.13 -15.26 -29.50
CA ASN E 29 -27.84 -15.87 -30.63
C ASN E 29 -26.89 -16.09 -31.81
N VAL E 30 -25.73 -16.67 -31.54
CA VAL E 30 -24.71 -16.91 -32.57
C VAL E 30 -24.48 -18.42 -32.68
N LYS E 31 -24.76 -18.96 -33.86
CA LYS E 31 -24.65 -20.40 -34.09
C LYS E 31 -23.23 -20.75 -34.56
N TRP E 32 -23.05 -21.99 -35.02
CA TRP E 32 -21.73 -22.43 -35.48
C TRP E 32 -21.36 -21.81 -36.82
N GLU E 33 -22.35 -21.60 -37.69
CA GLU E 33 -22.06 -21.15 -39.06
C GLU E 33 -21.70 -19.67 -39.12
N ASP E 34 -21.93 -18.91 -38.05
CA ASP E 34 -21.65 -17.48 -38.06
C ASP E 34 -20.17 -17.17 -37.86
N VAL E 35 -19.34 -18.15 -37.57
CA VAL E 35 -17.90 -17.97 -37.42
C VAL E 35 -17.20 -18.41 -38.69
N ALA E 36 -16.35 -17.54 -39.23
CA ALA E 36 -15.65 -17.80 -40.48
C ALA E 36 -14.26 -18.33 -40.17
N GLY E 37 -13.96 -19.53 -40.67
CA GLY E 37 -12.66 -20.13 -40.47
C GLY E 37 -12.53 -20.81 -39.12
N LEU E 38 -11.27 -20.96 -38.66
CA LEU E 38 -10.90 -21.57 -37.37
C LEU E 38 -11.47 -22.99 -37.25
N GLU E 39 -11.05 -23.84 -38.20
CA GLU E 39 -11.62 -25.18 -38.32
C GLU E 39 -11.19 -26.09 -37.18
N GLY E 40 -9.90 -26.02 -36.80
CA GLY E 40 -9.42 -26.88 -35.73
C GLY E 40 -9.98 -26.50 -34.37
N ALA E 41 -10.05 -25.20 -34.08
CA ALA E 41 -10.66 -24.74 -32.84
C ALA E 41 -12.15 -25.05 -32.82
N LYS E 42 -12.81 -24.92 -33.98
CA LYS E 42 -14.24 -25.22 -34.08
C LYS E 42 -14.52 -26.69 -33.82
N GLU E 43 -13.75 -27.60 -34.44
CA GLU E 43 -13.97 -29.03 -34.22
C GLU E 43 -13.59 -29.45 -32.80
N ALA E 44 -12.54 -28.84 -32.23
CA ALA E 44 -12.11 -29.20 -30.88
C ALA E 44 -13.15 -28.78 -29.85
N LEU E 45 -13.64 -27.54 -29.93
CA LEU E 45 -14.70 -27.10 -29.04
C LEU E 45 -16.00 -27.86 -29.29
N LYS E 46 -16.27 -28.20 -30.55
CA LYS E 46 -17.48 -28.92 -30.91
C LYS E 46 -17.50 -30.30 -30.26
N GLU E 47 -16.41 -31.06 -30.39
CA GLU E 47 -16.37 -32.38 -29.75
C GLU E 47 -16.34 -32.26 -28.24
N ALA E 48 -15.55 -31.31 -27.69
CA ALA E 48 -15.33 -31.24 -26.25
C ALA E 48 -16.55 -30.77 -25.47
N VAL E 49 -17.47 -30.02 -26.08
CA VAL E 49 -18.67 -29.57 -25.40
C VAL E 49 -19.93 -30.23 -25.93
N ILE E 50 -19.84 -30.97 -27.05
CA ILE E 50 -21.04 -31.62 -27.57
C ILE E 50 -21.05 -33.13 -27.33
N LEU E 51 -19.90 -33.81 -27.37
CA LEU E 51 -19.81 -35.25 -27.22
C LEU E 51 -20.33 -35.82 -25.89
N PRO E 52 -20.13 -35.18 -24.70
CA PRO E 52 -20.79 -35.73 -23.51
C PRO E 52 -22.28 -35.42 -23.43
N VAL E 53 -22.69 -34.22 -23.88
CA VAL E 53 -24.07 -33.79 -23.67
C VAL E 53 -25.03 -34.42 -24.68
N LYS E 54 -24.52 -35.03 -25.75
CA LYS E 54 -25.38 -35.70 -26.72
C LYS E 54 -25.24 -37.21 -26.71
N PHE E 55 -24.05 -37.72 -26.39
CA PHE E 55 -23.79 -39.16 -26.33
C PHE E 55 -23.30 -39.52 -24.93
N PRO E 56 -24.20 -39.77 -23.99
CA PRO E 56 -23.77 -40.14 -22.64
C PRO E 56 -23.27 -41.57 -22.53
N HIS E 57 -23.51 -42.40 -23.54
CA HIS E 57 -23.05 -43.79 -23.54
C HIS E 57 -21.59 -43.94 -23.93
N LEU E 58 -20.91 -42.84 -24.29
CA LEU E 58 -19.51 -42.90 -24.68
C LEU E 58 -18.58 -42.70 -23.49
N PHE E 59 -18.73 -41.58 -22.77
CA PHE E 59 -17.84 -41.23 -21.66
C PHE E 59 -18.23 -42.05 -20.44
N LYS E 60 -17.69 -43.26 -20.39
CA LYS E 60 -17.86 -44.15 -19.24
C LYS E 60 -16.53 -44.81 -18.92
N GLY E 61 -16.17 -44.83 -17.64
CA GLY E 61 -14.93 -45.44 -17.21
C GLY E 61 -13.78 -44.46 -17.29
N ASN E 62 -12.77 -44.78 -18.10
CA ASN E 62 -11.60 -43.93 -18.25
C ASN E 62 -11.83 -42.76 -19.19
N ARG E 63 -12.95 -42.74 -19.92
CA ARG E 63 -13.22 -41.68 -20.90
C ARG E 63 -13.76 -40.46 -20.16
N LYS E 64 -12.92 -39.44 -20.00
CA LYS E 64 -13.29 -38.19 -19.36
C LYS E 64 -13.21 -37.04 -20.35
N PRO E 65 -14.13 -36.07 -20.29
CA PRO E 65 -14.07 -34.94 -21.22
C PRO E 65 -12.97 -33.97 -20.85
N THR E 66 -12.73 -33.02 -21.76
CA THR E 66 -11.72 -32.01 -21.54
C THR E 66 -12.17 -31.00 -20.49
N SER E 67 -11.28 -30.69 -19.56
CA SER E 67 -11.57 -29.78 -18.45
C SER E 67 -10.68 -28.54 -18.52
N GLY E 68 -10.49 -28.02 -19.72
CA GLY E 68 -9.77 -26.78 -19.90
C GLY E 68 -9.30 -26.54 -21.32
N ILE E 69 -9.50 -25.32 -21.82
CA ILE E 69 -9.16 -24.95 -23.19
C ILE E 69 -8.64 -23.52 -23.18
N LEU E 70 -7.45 -23.29 -23.73
CA LEU E 70 -6.87 -21.96 -23.84
C LEU E 70 -6.94 -21.50 -25.28
N LEU E 71 -7.64 -20.39 -25.52
CA LEU E 71 -7.81 -19.83 -26.86
C LEU E 71 -7.01 -18.53 -26.91
N TYR E 72 -5.77 -18.61 -27.40
CA TYR E 72 -4.87 -17.48 -27.45
C TYR E 72 -4.70 -17.00 -28.89
N GLY E 73 -3.86 -15.99 -29.08
CA GLY E 73 -3.61 -15.44 -30.40
C GLY E 73 -3.66 -13.93 -30.40
N PRO E 74 -3.66 -13.32 -31.60
CA PRO E 74 -3.77 -11.87 -31.69
C PRO E 74 -5.18 -11.42 -31.31
N PRO E 75 -5.32 -10.20 -30.79
CA PRO E 75 -6.65 -9.76 -30.31
C PRO E 75 -7.59 -9.46 -31.46
N GLY E 76 -8.89 -9.55 -31.16
CA GLY E 76 -9.93 -9.27 -32.12
C GLY E 76 -10.26 -10.40 -33.08
N THR E 77 -9.63 -11.56 -32.93
CA THR E 77 -9.85 -12.67 -33.86
C THR E 77 -10.93 -13.63 -33.39
N GLY E 78 -12.08 -13.08 -33.01
CA GLY E 78 -13.29 -13.86 -32.78
C GLY E 78 -13.26 -14.85 -31.62
N LYS E 79 -12.45 -14.58 -30.58
CA LYS E 79 -12.39 -15.50 -29.45
C LYS E 79 -13.67 -15.47 -28.63
N SER E 80 -14.14 -14.27 -28.26
CA SER E 80 -15.40 -14.16 -27.54
C SER E 80 -16.60 -14.51 -28.43
N TYR E 81 -16.47 -14.32 -29.75
CA TYR E 81 -17.51 -14.73 -30.68
C TYR E 81 -17.63 -16.25 -30.72
N LEU E 82 -16.51 -16.95 -30.75
CA LEU E 82 -16.53 -18.42 -30.68
C LEU E 82 -17.00 -18.90 -29.31
N ALA E 83 -16.68 -18.15 -28.25
CA ALA E 83 -17.18 -18.49 -26.92
C ALA E 83 -18.69 -18.34 -26.85
N LYS E 84 -19.24 -17.31 -27.48
CA LYS E 84 -20.69 -17.17 -27.55
C LYS E 84 -21.32 -18.24 -28.43
N ALA E 85 -20.60 -18.70 -29.45
CA ALA E 85 -21.10 -19.81 -30.27
C ALA E 85 -21.21 -21.11 -29.46
N VAL E 86 -20.19 -21.40 -28.66
CA VAL E 86 -20.25 -22.55 -27.76
C VAL E 86 -21.32 -22.34 -26.68
N ALA E 87 -21.52 -21.09 -26.23
CA ALA E 87 -22.56 -20.81 -25.25
C ALA E 87 -23.95 -21.02 -25.81
N THR E 88 -24.13 -20.79 -27.11
CA THR E 88 -25.42 -21.06 -27.75
C THR E 88 -25.63 -22.55 -27.99
N GLU E 89 -24.66 -23.20 -28.65
CA GLU E 89 -24.93 -24.51 -29.22
C GLU E 89 -24.83 -25.64 -28.20
N ALA E 90 -24.24 -25.40 -27.02
CA ALA E 90 -24.13 -26.45 -26.02
C ALA E 90 -25.43 -26.70 -25.27
N ASN E 91 -26.32 -25.71 -25.22
CA ASN E 91 -27.57 -25.73 -24.45
C ASN E 91 -27.31 -26.03 -22.97
N SER E 92 -26.41 -25.26 -22.38
CA SER E 92 -26.05 -25.40 -20.97
C SER E 92 -25.89 -24.02 -20.36
N THR E 93 -25.65 -24.01 -19.05
CA THR E 93 -25.47 -22.75 -18.33
C THR E 93 -24.11 -22.14 -18.65
N PHE E 94 -24.08 -20.81 -18.73
CA PHE E 94 -22.90 -20.08 -19.14
C PHE E 94 -22.52 -19.03 -18.10
N PHE E 95 -21.23 -18.71 -18.05
CA PHE E 95 -20.70 -17.66 -17.19
C PHE E 95 -19.64 -16.91 -17.97
N SER E 96 -19.85 -15.61 -18.17
CA SER E 96 -19.01 -14.83 -19.06
C SER E 96 -18.30 -13.68 -18.34
N VAL E 97 -17.69 -13.97 -17.20
CA VAL E 97 -16.98 -12.97 -16.42
C VAL E 97 -15.69 -12.58 -17.12
N SER E 98 -15.08 -11.48 -16.67
CA SER E 98 -13.89 -10.93 -17.30
C SER E 98 -12.78 -10.80 -16.27
N SER E 99 -11.69 -10.13 -16.67
CA SER E 99 -10.55 -9.94 -15.79
C SER E 99 -10.84 -8.88 -14.73
N SER E 100 -11.55 -7.81 -15.11
CA SER E 100 -11.85 -6.74 -14.18
C SER E 100 -12.92 -7.12 -13.17
N ASP E 101 -13.70 -8.17 -13.44
CA ASP E 101 -14.72 -8.60 -12.49
C ASP E 101 -14.12 -9.35 -11.31
N LEU E 102 -12.97 -9.98 -11.50
CA LEU E 102 -12.33 -10.80 -10.47
C LEU E 102 -11.13 -10.10 -9.84
N VAL E 103 -11.12 -8.77 -9.87
CA VAL E 103 -10.08 -7.98 -9.24
C VAL E 103 -10.76 -6.95 -8.35
N SER E 104 -10.48 -7.01 -7.04
CA SER E 104 -11.04 -6.10 -6.07
C SER E 104 -9.93 -5.37 -5.34
N LYS E 105 -10.31 -4.29 -4.65
CA LYS E 105 -9.36 -3.49 -3.88
C LYS E 105 -9.21 -3.97 -2.45
N TRP E 106 -10.21 -4.68 -1.92
CA TRP E 106 -10.14 -5.16 -0.55
C TRP E 106 -9.16 -6.32 -0.43
N MET E 107 -8.70 -6.55 0.79
CA MET E 107 -7.74 -7.62 1.07
C MET E 107 -8.47 -8.95 1.24
N GLY E 108 -8.22 -9.88 0.32
CA GLY E 108 -8.82 -11.19 0.40
C GLY E 108 -10.24 -11.30 -0.09
N GLU E 109 -10.72 -10.31 -0.85
CA GLU E 109 -12.06 -10.35 -1.41
C GLU E 109 -12.08 -10.71 -2.88
N SER E 110 -10.92 -10.74 -3.54
CA SER E 110 -10.82 -11.12 -4.94
C SER E 110 -10.59 -12.61 -5.13
N GLU E 111 -10.75 -13.41 -4.09
CA GLU E 111 -10.69 -14.85 -4.17
C GLU E 111 -11.99 -15.53 -3.76
N LYS E 112 -12.76 -14.91 -2.86
CA LYS E 112 -14.08 -15.42 -2.52
C LYS E 112 -15.04 -15.29 -3.70
N LEU E 113 -14.80 -14.30 -4.58
CA LEU E 113 -15.57 -14.20 -5.81
C LEU E 113 -15.32 -15.40 -6.73
N VAL E 114 -14.06 -15.84 -6.83
CA VAL E 114 -13.74 -17.01 -7.65
C VAL E 114 -14.30 -18.28 -7.00
N LYS E 115 -14.27 -18.35 -5.66
CA LYS E 115 -14.84 -19.49 -4.95
C LYS E 115 -16.35 -19.58 -5.15
N GLN E 116 -17.05 -18.44 -5.05
CA GLN E 116 -18.48 -18.42 -5.30
C GLN E 116 -18.81 -18.67 -6.78
N LEU E 117 -17.91 -18.27 -7.67
CA LEU E 117 -18.08 -18.55 -9.10
C LEU E 117 -18.03 -20.04 -9.38
N PHE E 118 -17.02 -20.73 -8.84
CA PHE E 118 -16.95 -22.17 -9.04
C PHE E 118 -18.02 -22.91 -8.27
N ALA E 119 -18.49 -22.35 -7.14
CA ALA E 119 -19.58 -22.98 -6.40
C ALA E 119 -20.90 -22.89 -7.16
N MET E 120 -21.19 -21.72 -7.77
CA MET E 120 -22.40 -21.61 -8.57
C MET E 120 -22.26 -22.31 -9.91
N ALA E 121 -21.02 -22.58 -10.35
CA ALA E 121 -20.83 -23.41 -11.53
C ALA E 121 -21.14 -24.87 -11.22
N ARG E 122 -20.63 -25.38 -10.09
CA ARG E 122 -20.93 -26.76 -9.70
C ARG E 122 -22.35 -26.94 -9.19
N GLU E 123 -23.03 -25.85 -8.84
CA GLU E 123 -24.44 -25.94 -8.46
C GLU E 123 -25.33 -26.24 -9.66
N ASN E 124 -24.97 -25.76 -10.84
CA ASN E 124 -25.75 -25.92 -12.07
C ASN E 124 -24.97 -26.72 -13.10
N LYS E 125 -24.38 -27.84 -12.66
CA LYS E 125 -23.59 -28.70 -13.54
C LYS E 125 -24.49 -29.43 -14.54
N PRO E 126 -24.05 -29.58 -15.80
CA PRO E 126 -22.80 -29.10 -16.39
C PRO E 126 -22.84 -27.62 -16.77
N SER E 127 -21.68 -26.96 -16.72
CA SER E 127 -21.61 -25.52 -16.95
C SER E 127 -20.35 -25.20 -17.73
N ILE E 128 -20.34 -24.01 -18.33
CA ILE E 128 -19.20 -23.49 -19.05
C ILE E 128 -18.78 -22.18 -18.40
N ILE E 129 -17.48 -22.04 -18.13
CA ILE E 129 -16.93 -20.85 -17.49
C ILE E 129 -16.03 -20.15 -18.50
N PHE E 130 -16.36 -18.91 -18.82
CA PHE E 130 -15.54 -18.09 -19.72
C PHE E 130 -14.83 -17.02 -18.90
N ILE E 131 -13.51 -17.08 -18.87
CA ILE E 131 -12.69 -16.08 -18.19
C ILE E 131 -11.84 -15.39 -19.24
N ASP E 132 -12.02 -14.07 -19.37
CA ASP E 132 -11.31 -13.28 -20.36
C ASP E 132 -10.12 -12.59 -19.73
N GLU E 133 -9.02 -12.50 -20.50
CA GLU E 133 -7.76 -11.88 -20.11
C GLU E 133 -7.16 -12.50 -18.84
N VAL E 134 -6.83 -13.80 -18.97
CA VAL E 134 -6.17 -14.50 -17.87
C VAL E 134 -4.74 -14.03 -17.68
N ASP E 135 -4.14 -13.41 -18.69
CA ASP E 135 -2.84 -12.78 -18.51
C ASP E 135 -2.94 -11.53 -17.66
N ALA E 136 -4.07 -10.83 -17.73
CA ALA E 136 -4.30 -9.63 -16.94
C ALA E 136 -4.96 -9.93 -15.60
N LEU E 137 -5.48 -11.15 -15.41
CA LEU E 137 -5.99 -11.54 -14.10
C LEU E 137 -4.87 -11.64 -13.08
N THR E 138 -3.77 -12.30 -13.45
CA THR E 138 -2.60 -12.40 -12.60
C THR E 138 -1.51 -11.46 -13.12
N GLY E 139 -0.34 -11.50 -12.49
CA GLY E 139 0.80 -10.73 -12.96
C GLY E 139 2.06 -11.56 -12.87
N THR E 140 1.89 -12.88 -13.04
CA THR E 140 2.89 -13.98 -12.97
C THR E 140 3.86 -13.87 -11.77
N ARG E 141 3.41 -13.22 -10.69
CA ARG E 141 4.10 -13.05 -9.39
C ARG E 141 5.59 -12.68 -9.51
N GLY E 142 5.94 -11.90 -10.53
CA GLY E 142 7.33 -11.53 -10.75
C GLY E 142 7.70 -10.19 -10.13
N GLU E 143 6.96 -9.14 -10.47
CA GLU E 143 7.29 -7.79 -10.03
C GLU E 143 6.11 -7.01 -9.47
N GLY E 144 4.88 -7.45 -9.72
CA GLY E 144 3.72 -6.73 -9.26
C GLY E 144 3.43 -6.98 -7.79
N GLU E 145 2.14 -6.82 -7.45
CA GLU E 145 1.67 -7.09 -6.09
C GLU E 145 1.77 -8.58 -5.76
N SER E 146 2.72 -8.93 -4.89
CA SER E 146 3.03 -10.33 -4.64
C SER E 146 1.93 -11.03 -3.85
N GLU E 147 1.39 -10.36 -2.84
CA GLU E 147 0.34 -10.94 -1.99
C GLU E 147 -0.92 -11.23 -2.80
N ALA E 148 -1.44 -10.21 -3.49
CA ALA E 148 -2.64 -10.38 -4.30
C ALA E 148 -2.42 -11.30 -5.48
N SER E 149 -1.24 -11.25 -6.10
CA SER E 149 -0.95 -12.09 -7.25
C SER E 149 -0.87 -13.57 -6.85
N ARG E 150 -0.14 -13.86 -5.77
CA ARG E 150 -0.03 -15.23 -5.29
C ARG E 150 -1.37 -15.78 -4.83
N ARG E 151 -2.16 -14.96 -4.12
CA ARG E 151 -3.44 -15.45 -3.63
C ARG E 151 -4.45 -15.67 -4.76
N ILE E 152 -4.48 -14.77 -5.74
CA ILE E 152 -5.37 -14.93 -6.90
C ILE E 152 -4.98 -16.17 -7.70
N LYS E 153 -3.68 -16.33 -7.98
CA LYS E 153 -3.22 -17.45 -8.80
C LYS E 153 -3.44 -18.78 -8.10
N THR E 154 -3.09 -18.87 -6.82
CA THR E 154 -3.23 -20.13 -6.10
C THR E 154 -4.69 -20.47 -5.83
N GLU E 155 -5.55 -19.48 -5.60
CA GLU E 155 -6.97 -19.78 -5.45
C GLU E 155 -7.59 -20.21 -6.77
N LEU E 156 -7.11 -19.66 -7.89
CA LEU E 156 -7.56 -20.11 -9.21
C LEU E 156 -7.15 -21.55 -9.46
N LEU E 157 -5.92 -21.92 -9.08
CA LEU E 157 -5.46 -23.29 -9.28
C LEU E 157 -6.21 -24.28 -8.40
N VAL E 158 -6.43 -23.94 -7.13
CA VAL E 158 -7.18 -24.83 -6.23
C VAL E 158 -8.64 -24.94 -6.65
N GLN E 159 -9.24 -23.86 -7.15
CA GLN E 159 -10.59 -23.98 -7.68
C GLN E 159 -10.63 -24.73 -9.00
N MET E 160 -9.50 -24.79 -9.72
CA MET E 160 -9.47 -25.57 -10.96
C MET E 160 -9.41 -27.06 -10.67
N ASN E 161 -8.41 -27.52 -9.89
CA ASN E 161 -8.37 -28.94 -9.54
C ASN E 161 -8.57 -29.19 -8.05
N GLY E 162 -7.71 -28.64 -7.18
CA GLY E 162 -7.74 -28.79 -5.73
C GLY E 162 -7.70 -30.24 -5.26
N VAL E 163 -8.32 -30.46 -4.10
CA VAL E 163 -8.46 -31.79 -3.52
C VAL E 163 -9.93 -32.17 -3.35
N GLY E 164 -10.70 -31.35 -2.62
CA GLY E 164 -12.10 -31.63 -2.42
C GLY E 164 -13.01 -30.72 -3.23
N ASN E 165 -12.62 -30.45 -4.47
CA ASN E 165 -13.37 -29.54 -5.33
C ASN E 165 -14.08 -30.22 -6.50
N ASP E 166 -13.71 -31.48 -6.82
CA ASP E 166 -14.33 -32.46 -7.73
C ASP E 166 -14.98 -31.89 -8.99
N SER E 167 -14.23 -31.09 -9.75
CA SER E 167 -14.77 -30.42 -10.93
C SER E 167 -14.99 -31.39 -12.08
N GLN E 168 -16.21 -31.91 -12.18
CA GLN E 168 -16.60 -32.82 -13.25
C GLN E 168 -17.82 -32.25 -13.96
N GLY E 169 -17.73 -32.12 -15.28
CA GLY E 169 -18.76 -31.48 -16.06
C GLY E 169 -18.61 -29.99 -16.24
N VAL E 170 -17.88 -29.33 -15.35
CA VAL E 170 -17.62 -27.90 -15.47
C VAL E 170 -16.40 -27.69 -16.35
N LEU E 171 -16.57 -26.95 -17.44
CA LEU E 171 -15.50 -26.69 -18.39
C LEU E 171 -14.97 -25.27 -18.19
N VAL E 172 -13.67 -25.15 -17.99
CA VAL E 172 -13.02 -23.85 -17.85
C VAL E 172 -12.52 -23.44 -19.23
N LEU E 173 -13.16 -22.43 -19.82
CA LEU E 173 -12.86 -21.96 -21.17
C LEU E 173 -12.16 -20.61 -21.05
N GLY E 174 -10.83 -20.61 -21.15
CA GLY E 174 -10.03 -19.41 -20.98
C GLY E 174 -9.59 -18.85 -22.32
N ALA E 175 -9.61 -17.52 -22.44
CA ALA E 175 -9.16 -16.83 -23.63
C ALA E 175 -8.23 -15.69 -23.23
N THR E 176 -7.25 -15.43 -24.08
CA THR E 176 -6.24 -14.41 -23.80
C THR E 176 -5.68 -13.87 -25.10
N ASN E 177 -5.04 -12.70 -25.00
CA ASN E 177 -4.36 -12.09 -26.13
C ASN E 177 -2.84 -12.21 -26.05
N ILE E 178 -2.29 -12.32 -24.84
CA ILE E 178 -0.86 -12.54 -24.65
C ILE E 178 -0.70 -13.83 -23.86
N PRO E 179 -0.30 -14.94 -24.50
CA PRO E 179 -0.19 -16.21 -23.78
C PRO E 179 1.15 -16.42 -23.11
N TRP E 180 2.19 -15.72 -23.56
CA TRP E 180 3.53 -15.97 -23.04
C TRP E 180 3.80 -15.31 -21.70
N GLN E 181 2.86 -14.53 -21.17
CA GLN E 181 2.98 -13.93 -19.85
C GLN E 181 2.15 -14.68 -18.81
N LEU E 182 1.87 -15.95 -19.04
CA LEU E 182 1.12 -16.77 -18.10
C LEU E 182 2.07 -17.53 -17.18
N ASP E 183 1.50 -18.34 -16.30
CA ASP E 183 2.28 -19.16 -15.39
C ASP E 183 2.37 -20.60 -15.90
N SER E 184 3.43 -21.29 -15.48
CA SER E 184 3.60 -22.69 -15.86
C SER E 184 2.51 -23.56 -15.26
N ALA E 185 2.09 -23.26 -14.03
CA ALA E 185 0.99 -24.02 -13.42
C ALA E 185 -0.35 -23.74 -14.09
N ILE E 186 -0.58 -22.52 -14.55
CA ILE E 186 -1.82 -22.20 -15.23
C ILE E 186 -1.86 -22.85 -16.62
N ARG E 187 -0.73 -22.83 -17.33
CA ARG E 187 -0.67 -23.49 -18.63
C ARG E 187 -0.63 -25.02 -18.50
N ARG E 188 -0.29 -25.54 -17.32
CA ARG E 188 -0.48 -26.96 -17.06
C ARG E 188 -1.94 -27.27 -16.76
N ARG E 189 -2.63 -26.36 -16.07
CA ARG E 189 -4.05 -26.55 -15.76
C ARG E 189 -4.91 -26.47 -17.02
N PHE E 190 -4.51 -25.65 -17.99
CA PHE E 190 -5.18 -25.58 -19.27
C PHE E 190 -4.68 -26.74 -20.14
N GLU E 191 -5.60 -27.63 -20.53
CA GLU E 191 -5.20 -28.86 -21.22
C GLU E 191 -4.87 -28.59 -22.69
N ARG E 192 -5.84 -28.09 -23.45
CA ARG E 192 -5.68 -27.88 -24.89
C ARG E 192 -5.41 -26.40 -25.13
N ARG E 193 -4.18 -26.08 -25.54
CA ARG E 193 -3.80 -24.71 -25.87
C ARG E 193 -4.00 -24.52 -27.38
N ILE E 194 -5.16 -24.02 -27.77
CA ILE E 194 -5.52 -23.84 -29.17
C ILE E 194 -5.12 -22.44 -29.61
N TYR E 195 -4.45 -22.35 -30.75
CA TYR E 195 -4.01 -21.08 -31.30
C TYR E 195 -5.02 -20.59 -32.32
N ILE E 196 -5.43 -19.33 -32.20
CA ILE E 196 -6.32 -18.69 -33.15
C ILE E 196 -5.44 -17.86 -34.09
N PRO E 197 -5.23 -18.29 -35.33
CA PRO E 197 -4.31 -17.56 -36.21
C PRO E 197 -4.96 -16.38 -36.92
N LEU E 198 -4.20 -15.73 -37.79
CA LEU E 198 -4.77 -14.69 -38.64
C LEU E 198 -5.71 -15.31 -39.66
N PRO E 199 -6.76 -14.59 -40.07
CA PRO E 199 -7.72 -15.16 -41.02
C PRO E 199 -7.13 -15.32 -42.42
N ASP E 200 -7.80 -16.15 -43.21
CA ASP E 200 -7.39 -16.51 -44.56
C ASP E 200 -8.30 -15.83 -45.58
N LEU E 201 -8.13 -16.21 -46.85
CA LEU E 201 -8.87 -15.56 -47.94
C LEU E 201 -10.35 -15.88 -47.88
N ALA E 202 -10.68 -17.17 -47.74
CA ALA E 202 -12.08 -17.57 -47.63
C ALA E 202 -12.72 -17.08 -46.34
N ALA E 203 -11.93 -16.99 -45.26
CA ALA E 203 -12.44 -16.44 -44.02
C ALA E 203 -12.73 -14.94 -44.15
N ARG E 204 -11.89 -14.21 -44.89
CA ARG E 204 -12.12 -12.79 -45.09
C ARG E 204 -13.35 -12.55 -45.97
N THR E 205 -13.51 -13.37 -47.03
CA THR E 205 -14.70 -13.22 -47.88
C THR E 205 -15.97 -13.59 -47.14
N THR E 206 -15.92 -14.63 -46.32
CA THR E 206 -17.09 -15.02 -45.52
C THR E 206 -17.41 -13.98 -44.46
N MET E 207 -16.38 -13.35 -43.87
CA MET E 207 -16.61 -12.29 -42.89
C MET E 207 -17.21 -11.05 -43.55
N PHE E 208 -16.78 -10.74 -44.78
CA PHE E 208 -17.41 -9.66 -45.53
C PHE E 208 -18.86 -9.98 -45.84
N GLU E 209 -19.15 -11.23 -46.20
CA GLU E 209 -20.50 -11.63 -46.57
C GLU E 209 -21.44 -11.63 -45.36
N ILE E 210 -20.93 -11.96 -44.18
CA ILE E 210 -21.79 -11.90 -43.00
C ILE E 210 -21.82 -10.52 -42.37
N ASN E 211 -20.86 -9.65 -42.70
CA ASN E 211 -20.86 -8.31 -42.14
C ASN E 211 -21.70 -7.35 -42.96
N VAL E 212 -21.83 -7.59 -44.27
CA VAL E 212 -22.59 -6.66 -45.13
C VAL E 212 -24.08 -6.72 -44.80
N GLY E 213 -24.57 -7.86 -44.32
CA GLY E 213 -25.94 -7.94 -43.85
C GLY E 213 -26.96 -7.98 -44.99
N ASP E 214 -28.15 -7.47 -44.71
CA ASP E 214 -29.26 -7.49 -45.65
C ASP E 214 -29.47 -6.14 -46.33
N THR E 215 -28.42 -5.33 -46.45
CA THR E 215 -28.55 -4.06 -47.13
C THR E 215 -28.62 -4.27 -48.64
N PRO E 216 -29.32 -3.38 -49.37
CA PRO E 216 -29.32 -3.47 -50.84
C PRO E 216 -27.94 -3.18 -51.42
N CYS E 217 -27.33 -4.20 -52.02
CA CYS E 217 -25.98 -4.10 -52.54
C CYS E 217 -25.92 -4.69 -53.94
N VAL E 218 -24.91 -4.26 -54.71
CA VAL E 218 -24.66 -4.74 -56.05
C VAL E 218 -23.36 -5.53 -56.12
N LEU E 219 -22.82 -5.91 -54.96
CA LEU E 219 -21.54 -6.60 -54.87
C LEU E 219 -21.68 -8.06 -55.27
N THR E 220 -20.61 -8.59 -55.84
CA THR E 220 -20.58 -9.97 -56.35
C THR E 220 -19.48 -10.76 -55.63
N LYS E 221 -19.41 -12.05 -55.97
CA LYS E 221 -18.47 -12.95 -55.32
C LYS E 221 -17.03 -12.65 -55.75
N GLU E 222 -16.83 -12.25 -57.01
CA GLU E 222 -15.50 -11.85 -57.46
C GLU E 222 -15.08 -10.53 -56.83
N ASP E 223 -16.04 -9.64 -56.57
CA ASP E 223 -15.73 -8.40 -55.86
C ASP E 223 -15.33 -8.69 -54.41
N TYR E 224 -16.03 -9.63 -53.77
CA TYR E 224 -15.66 -10.06 -52.43
C TYR E 224 -14.29 -10.73 -52.40
N ARG E 225 -13.98 -11.50 -53.46
CA ARG E 225 -12.69 -12.17 -53.54
C ARG E 225 -11.56 -11.18 -53.72
N THR E 226 -11.75 -10.16 -54.58
CA THR E 226 -10.74 -9.12 -54.75
C THR E 226 -10.59 -8.27 -53.50
N LEU E 227 -11.69 -8.01 -52.79
CA LEU E 227 -11.63 -7.28 -51.53
C LEU E 227 -10.83 -8.06 -50.48
N GLY E 228 -11.11 -9.36 -50.35
CA GLY E 228 -10.37 -10.19 -49.41
C GLY E 228 -8.92 -10.39 -49.81
N ALA E 229 -8.62 -10.34 -51.10
CA ALA E 229 -7.23 -10.34 -51.54
C ALA E 229 -6.55 -9.02 -51.22
N MET E 230 -7.31 -7.93 -51.19
CA MET E 230 -6.72 -6.63 -50.87
C MET E 230 -6.52 -6.43 -49.37
N THR E 231 -7.37 -7.00 -48.52
CA THR E 231 -7.30 -6.72 -47.08
C THR E 231 -6.49 -7.78 -46.31
N GLU E 232 -5.51 -8.40 -46.98
CA GLU E 232 -4.70 -9.43 -46.33
C GLU E 232 -3.80 -8.81 -45.26
N GLY E 233 -3.93 -9.30 -44.04
CA GLY E 233 -3.22 -8.76 -42.89
C GLY E 233 -4.09 -8.04 -41.88
N TYR E 234 -5.40 -7.97 -42.09
CA TYR E 234 -6.29 -7.25 -41.20
C TYR E 234 -6.84 -8.20 -40.14
N SER E 235 -7.85 -7.75 -39.39
CA SER E 235 -8.47 -8.55 -38.36
C SER E 235 -9.99 -8.51 -38.55
N GLY E 236 -10.69 -9.27 -37.70
CA GLY E 236 -12.14 -9.33 -37.79
C GLY E 236 -12.82 -8.04 -37.37
N SER E 237 -12.29 -7.39 -36.32
CA SER E 237 -12.82 -6.10 -35.91
C SER E 237 -12.51 -5.03 -36.96
N ASP E 238 -11.37 -5.15 -37.64
CA ASP E 238 -11.04 -4.22 -38.71
C ASP E 238 -11.97 -4.40 -39.90
N ILE E 239 -12.30 -5.66 -40.23
CA ILE E 239 -13.27 -5.93 -41.29
C ILE E 239 -14.65 -5.41 -40.90
N ALA E 240 -15.03 -5.55 -39.63
CA ALA E 240 -16.31 -5.05 -39.16
C ALA E 240 -16.39 -3.53 -39.24
N VAL E 241 -15.32 -2.83 -38.87
CA VAL E 241 -15.39 -1.37 -38.90
C VAL E 241 -15.26 -0.83 -40.32
N VAL E 242 -14.58 -1.53 -41.24
CA VAL E 242 -14.59 -1.02 -42.61
C VAL E 242 -15.91 -1.33 -43.31
N VAL E 243 -16.60 -2.41 -42.90
CA VAL E 243 -17.95 -2.63 -43.40
C VAL E 243 -18.91 -1.58 -42.86
N LYS E 244 -18.74 -1.19 -41.59
CA LYS E 244 -19.55 -0.11 -41.01
C LYS E 244 -19.26 1.23 -41.69
N ASP E 245 -18.00 1.46 -42.07
CA ASP E 245 -17.64 2.69 -42.77
C ASP E 245 -18.23 2.70 -44.18
N ALA E 246 -18.16 1.57 -44.89
CA ALA E 246 -18.72 1.49 -46.22
C ALA E 246 -20.25 1.49 -46.21
N LEU E 247 -20.87 1.14 -45.08
CA LEU E 247 -22.32 1.27 -44.96
C LEU E 247 -22.74 2.67 -44.54
N MET E 248 -21.90 3.39 -43.81
CA MET E 248 -22.22 4.76 -43.40
C MET E 248 -21.85 5.80 -44.44
N GLN E 249 -20.96 5.47 -45.38
CA GLN E 249 -20.57 6.41 -46.43
C GLN E 249 -21.68 6.83 -47.40
N PRO E 250 -22.65 5.98 -47.81
CA PRO E 250 -23.77 6.53 -48.60
C PRO E 250 -24.64 7.51 -47.85
N ILE E 251 -24.99 7.24 -46.59
CA ILE E 251 -25.80 8.20 -45.83
C ILE E 251 -24.97 9.40 -45.39
N ARG E 252 -23.64 9.29 -45.43
CA ARG E 252 -22.79 10.46 -45.23
C ARG E 252 -22.76 11.33 -46.48
N LYS E 253 -22.65 10.71 -47.66
CA LYS E 253 -22.67 11.45 -48.92
C LYS E 253 -24.04 11.99 -49.26
N ILE E 254 -25.11 11.45 -48.68
CA ILE E 254 -26.43 12.04 -48.85
C ILE E 254 -26.50 13.38 -48.14
N GLN E 255 -26.03 13.43 -46.90
CA GLN E 255 -26.10 14.66 -46.10
C GLN E 255 -25.08 15.69 -46.53
N SER E 256 -23.85 15.26 -46.83
CA SER E 256 -22.76 16.18 -47.15
C SER E 256 -22.65 16.38 -48.67
N ALA E 257 -23.75 16.88 -49.26
CA ALA E 257 -23.79 17.17 -50.68
C ALA E 257 -24.86 18.20 -50.95
N THR E 258 -24.67 18.96 -52.03
CA THR E 258 -25.63 19.92 -52.52
C THR E 258 -25.89 19.66 -54.00
N HIS E 259 -26.78 20.46 -54.58
CA HIS E 259 -27.17 20.42 -56.00
C HIS E 259 -27.70 19.04 -56.38
N PHE E 260 -28.84 18.71 -55.78
CA PHE E 260 -29.49 17.42 -56.02
C PHE E 260 -30.11 17.38 -57.41
N LYS E 261 -30.51 16.19 -57.84
CA LYS E 261 -31.04 15.99 -59.18
C LYS E 261 -32.30 15.15 -59.11
N ASP E 262 -33.36 15.64 -59.74
CA ASP E 262 -34.61 14.88 -59.85
C ASP E 262 -34.52 13.94 -61.04
N VAL E 263 -34.35 12.65 -60.78
CA VAL E 263 -34.25 11.63 -61.82
C VAL E 263 -35.62 11.03 -62.05
N SER E 264 -35.86 10.61 -63.30
CA SER E 264 -37.11 10.00 -63.78
C SER E 264 -38.35 10.86 -63.50
N THR E 270 -42.31 10.84 -59.28
CA THR E 270 -42.82 11.65 -58.17
C THR E 270 -41.68 12.10 -57.24
N ARG E 271 -40.79 12.91 -57.84
CA ARG E 271 -39.71 13.63 -57.17
C ARG E 271 -38.72 12.68 -56.48
N LYS E 272 -38.05 11.89 -57.31
CA LYS E 272 -36.95 11.05 -56.85
C LYS E 272 -35.67 11.87 -56.94
N LEU E 273 -35.14 12.29 -55.80
CA LEU E 273 -33.98 13.17 -55.74
C LEU E 273 -32.71 12.37 -55.47
N THR E 274 -31.64 12.73 -56.18
CA THR E 274 -30.35 12.05 -56.06
C THR E 274 -29.26 13.10 -56.17
N PRO E 275 -28.28 13.10 -55.27
CA PRO E 275 -27.18 14.07 -55.37
C PRO E 275 -26.25 13.79 -56.53
N CYS E 276 -25.64 14.86 -57.04
CA CYS E 276 -24.69 14.77 -58.13
C CYS E 276 -23.69 15.93 -58.01
N SER E 277 -22.96 16.16 -59.10
CA SER E 277 -22.02 17.26 -59.16
C SER E 277 -22.77 18.59 -59.27
N PRO E 278 -22.17 19.70 -58.79
CA PRO E 278 -22.82 21.01 -58.95
C PRO E 278 -22.83 21.48 -60.40
N GLY E 279 -24.00 21.46 -61.02
CA GLY E 279 -24.16 21.80 -62.41
C GLY E 279 -24.32 20.58 -63.29
N ASP E 280 -25.56 20.26 -63.64
CA ASP E 280 -25.88 19.06 -64.40
C ASP E 280 -27.20 19.31 -65.15
N ASP E 281 -27.80 18.24 -65.66
CA ASP E 281 -29.10 18.32 -66.34
C ASP E 281 -30.20 18.48 -65.30
N GLY E 282 -30.42 19.72 -64.87
CA GLY E 282 -31.41 20.02 -63.86
C GLY E 282 -30.93 19.78 -62.45
N ALA E 283 -29.80 20.39 -62.10
CA ALA E 283 -29.22 20.26 -60.76
C ALA E 283 -29.96 21.20 -59.81
N ILE E 284 -30.90 20.66 -59.05
CA ILE E 284 -31.68 21.44 -58.11
C ILE E 284 -30.85 21.64 -56.85
N GLU E 285 -30.49 22.89 -56.56
CA GLU E 285 -29.70 23.20 -55.37
C GLU E 285 -30.62 23.37 -54.18
N MET E 286 -30.58 22.42 -53.25
CA MET E 286 -31.39 22.47 -52.04
C MET E 286 -30.72 21.60 -50.98
N SER E 287 -31.34 21.56 -49.81
CA SER E 287 -30.88 20.74 -48.70
C SER E 287 -31.75 19.49 -48.61
N TRP E 288 -31.56 18.71 -47.53
CA TRP E 288 -32.37 17.53 -47.30
C TRP E 288 -33.53 17.77 -46.37
N THR E 289 -33.74 19.02 -45.93
CA THR E 289 -34.85 19.32 -45.03
C THR E 289 -36.17 19.40 -45.77
N ASP E 290 -36.17 19.95 -46.98
CA ASP E 290 -37.39 20.07 -47.77
C ASP E 290 -37.67 18.85 -48.63
N ILE E 291 -36.80 17.84 -48.59
CA ILE E 291 -37.07 16.60 -49.31
C ILE E 291 -38.11 15.80 -48.53
N GLU E 292 -39.16 15.37 -49.23
CA GLU E 292 -40.25 14.64 -48.60
C GLU E 292 -39.81 13.23 -48.22
N ALA E 293 -40.48 12.68 -47.21
CA ALA E 293 -40.13 11.36 -46.71
C ALA E 293 -40.57 10.27 -47.69
N ASP E 294 -39.82 9.16 -47.65
CA ASP E 294 -40.04 7.95 -48.46
C ASP E 294 -39.99 8.22 -49.96
N GLU E 295 -39.25 9.25 -50.39
CA GLU E 295 -39.03 9.50 -51.80
C GLU E 295 -37.58 9.84 -52.13
N LEU E 296 -36.72 10.03 -51.13
CA LEU E 296 -35.31 10.31 -51.39
C LEU E 296 -34.61 9.04 -51.86
N LYS E 297 -33.99 9.12 -53.03
CA LYS E 297 -33.31 7.97 -53.63
C LYS E 297 -31.95 7.81 -52.97
N GLU E 298 -31.78 6.75 -52.19
CA GLU E 298 -30.51 6.47 -51.57
C GLU E 298 -29.59 5.79 -52.58
N PRO E 299 -28.37 6.30 -52.80
CA PRO E 299 -27.47 5.66 -53.76
C PRO E 299 -26.92 4.35 -53.21
N ASP E 300 -26.82 3.37 -54.09
CA ASP E 300 -26.29 2.06 -53.72
C ASP E 300 -24.79 2.13 -53.53
N LEU E 301 -24.30 1.36 -52.56
CA LEU E 301 -22.87 1.31 -52.27
C LEU E 301 -22.15 0.51 -53.36
N THR E 302 -20.94 0.94 -53.69
CA THR E 302 -20.17 0.36 -54.78
C THR E 302 -18.79 -0.05 -54.27
N ILE E 303 -17.91 -0.41 -55.22
CA ILE E 303 -16.56 -0.85 -54.90
C ILE E 303 -15.69 0.28 -54.38
N LYS E 304 -15.92 1.51 -54.86
CA LYS E 304 -15.05 2.63 -54.51
C LYS E 304 -15.18 3.03 -53.05
N ASP E 305 -16.34 2.76 -52.43
CA ASP E 305 -16.49 2.99 -50.99
C ASP E 305 -15.60 2.05 -50.19
N PHE E 306 -15.55 0.77 -50.58
CA PHE E 306 -14.66 -0.18 -49.93
C PHE E 306 -13.20 0.11 -50.21
N LEU E 307 -12.87 0.62 -51.41
CA LEU E 307 -11.50 1.02 -51.71
C LEU E 307 -11.08 2.22 -50.86
N LYS E 308 -11.99 3.19 -50.67
CA LYS E 308 -11.71 4.32 -49.80
C LYS E 308 -11.56 3.87 -48.34
N ALA E 309 -12.37 2.89 -47.92
CA ALA E 309 -12.28 2.39 -46.56
C ALA E 309 -10.97 1.64 -46.31
N ILE E 310 -10.51 0.85 -47.28
CA ILE E 310 -9.25 0.12 -47.07
C ILE E 310 -8.05 1.04 -47.23
N LYS E 311 -8.16 2.09 -48.06
CA LYS E 311 -7.07 3.06 -48.16
C LYS E 311 -7.02 4.00 -46.96
N SER E 312 -8.14 4.17 -46.24
CA SER E 312 -8.12 4.98 -45.03
C SER E 312 -7.66 4.16 -43.83
N THR E 313 -8.24 2.97 -43.64
CA THR E 313 -7.95 2.15 -42.48
C THR E 313 -6.60 1.44 -42.65
N ARG E 314 -5.79 1.48 -41.60
CA ARG E 314 -4.48 0.88 -41.56
C ARG E 314 -4.49 -0.34 -40.64
N PRO E 315 -3.57 -1.30 -40.85
CA PRO E 315 -3.46 -2.42 -39.92
C PRO E 315 -2.99 -1.99 -38.54
N THR E 316 -3.43 -2.72 -37.52
CA THR E 316 -3.20 -2.36 -36.12
C THR E 316 -2.15 -3.22 -35.45
N VAL E 317 -1.98 -4.48 -35.86
CA VAL E 317 -1.10 -5.42 -35.18
C VAL E 317 0.35 -5.09 -35.49
N ASN E 318 1.26 -5.59 -34.66
CA ASN E 318 2.69 -5.40 -34.83
C ASN E 318 3.24 -6.57 -35.64
N GLU E 319 4.58 -6.71 -35.67
CA GLU E 319 5.22 -7.82 -36.36
C GLU E 319 5.91 -8.80 -35.42
N ASP E 320 6.41 -8.32 -34.27
CA ASP E 320 7.07 -9.21 -33.32
C ASP E 320 6.09 -10.08 -32.54
N ASP E 321 4.82 -9.68 -32.46
CA ASP E 321 3.82 -10.50 -31.79
C ASP E 321 3.54 -11.78 -32.57
N LEU E 322 3.64 -11.71 -33.90
CA LEU E 322 3.52 -12.91 -34.72
C LEU E 322 4.69 -13.87 -34.48
N LEU E 323 5.89 -13.33 -34.27
CA LEU E 323 7.04 -14.16 -33.92
C LEU E 323 6.85 -14.78 -32.54
N LYS E 324 6.26 -14.03 -31.60
CA LYS E 324 5.99 -14.59 -30.28
C LYS E 324 4.91 -15.68 -30.34
N GLN E 325 3.90 -15.52 -31.20
CA GLN E 325 2.91 -16.56 -31.40
C GLN E 325 3.53 -17.80 -32.05
N GLU E 326 4.45 -17.58 -32.99
CA GLU E 326 5.17 -18.68 -33.63
C GLU E 326 6.00 -19.46 -32.62
N GLN E 327 6.69 -18.74 -31.72
CA GLN E 327 7.49 -19.41 -30.69
C GLN E 327 6.60 -20.16 -29.69
N PHE E 328 5.49 -19.53 -29.27
CA PHE E 328 4.57 -20.16 -28.32
C PHE E 328 3.94 -21.41 -28.90
N THR E 329 3.56 -21.38 -30.18
CA THR E 329 3.07 -22.59 -30.83
C THR E 329 4.19 -23.61 -31.01
N ARG E 330 5.43 -23.14 -31.21
CA ARG E 330 6.54 -24.04 -31.45
C ARG E 330 6.95 -24.84 -30.22
N ASP E 331 6.78 -24.29 -29.01
CA ASP E 331 7.03 -25.14 -27.84
C ASP E 331 5.79 -25.49 -27.01
N PHE E 332 4.59 -25.09 -27.42
CA PHE E 332 3.36 -25.58 -26.79
C PHE E 332 2.30 -25.86 -27.86
N GLY E 333 2.70 -26.52 -28.94
CA GLY E 333 1.75 -26.91 -29.97
C GLY E 333 0.80 -28.01 -29.55
N GLY F 1 -33.64 4.66 12.82
CA GLY F 1 -33.05 3.38 13.14
C GLY F 1 -32.28 3.38 14.44
N GLY F 2 -31.51 2.32 14.67
CA GLY F 2 -30.72 2.19 15.88
C GLY F 2 -29.39 2.92 15.78
N ASP F 3 -28.44 2.46 16.59
CA ASP F 3 -27.12 3.06 16.60
C ASP F 3 -26.32 2.64 15.37
N GLU F 4 -25.31 3.43 15.04
CA GLU F 4 -24.42 3.17 13.92
C GLU F 4 -23.01 2.98 14.45
N ILE F 5 -22.45 1.79 14.24
CA ILE F 5 -21.15 1.42 14.80
C ILE F 5 -20.11 1.47 13.69
N VAL F 6 -18.99 2.12 13.99
CA VAL F 6 -17.89 2.23 13.03
C VAL F 6 -17.02 0.98 13.11
N ASN F 7 -16.67 0.43 11.96
CA ASN F 7 -15.79 -0.73 11.86
C ASN F 7 -14.53 -0.32 11.11
N LYS F 8 -13.68 -1.31 10.83
CA LYS F 8 -12.42 -1.07 10.15
C LYS F 8 -12.17 -2.17 9.12
N VAL F 9 -11.70 -1.77 7.94
CA VAL F 9 -11.38 -2.68 6.85
C VAL F 9 -9.91 -2.55 6.50
N LEU F 10 -9.47 -3.32 5.52
CA LEU F 10 -8.08 -3.34 5.08
C LEU F 10 -8.00 -3.08 3.58
N GLY F 11 -7.00 -2.32 3.17
CA GLY F 11 -6.81 -2.01 1.77
C GLY F 11 -5.57 -2.66 1.19
N GLY F 12 -4.70 -1.85 0.59
CA GLY F 12 -3.47 -2.36 0.00
C GLY F 12 -3.24 -1.89 -1.42
N UNK F 18 -7.53 2.80 7.52
CA UNK F 18 -7.86 2.60 6.11
C UNK F 18 -9.16 3.33 5.76
N UNK F 19 -10.30 2.69 6.06
CA UNK F 19 -11.60 3.25 5.77
C UNK F 19 -12.51 3.00 6.97
N UNK F 20 -13.80 3.27 6.79
CA UNK F 20 -14.80 3.10 7.86
C UNK F 20 -16.07 2.54 7.22
N UNK F 21 -16.20 1.21 7.26
CA UNK F 21 -17.42 0.54 6.82
C UNK F 21 -18.37 0.46 8.00
N UNK F 22 -19.23 1.47 8.14
CA UNK F 22 -20.11 1.58 9.28
C UNK F 22 -21.25 0.58 9.21
N UNK F 23 -21.03 -0.62 9.75
CA UNK F 23 -22.04 -1.67 9.79
C UNK F 23 -22.90 -1.47 11.03
N UNK F 24 -24.09 -0.91 10.85
CA UNK F 24 -25.00 -0.65 11.95
C UNK F 24 -25.77 -1.91 12.32
N GLY F 25 -26.62 -1.79 13.34
CA GLY F 25 -27.42 -2.92 13.80
C GLY F 25 -28.89 -2.73 13.42
N ALA G 22 -30.89 13.43 -8.86
CA ALA G 22 -29.57 13.15 -9.46
C ALA G 22 -29.68 13.18 -10.98
N ILE G 23 -30.88 12.85 -11.48
CA ILE G 23 -31.14 12.87 -12.90
C ILE G 23 -32.13 14.00 -13.15
N LEU G 24 -31.73 14.94 -14.00
CA LEU G 24 -32.63 16.02 -14.38
C LEU G 24 -33.39 15.60 -15.61
N SER G 25 -34.62 16.04 -15.72
CA SER G 25 -35.37 15.84 -16.94
C SER G 25 -36.11 17.11 -17.33
N GLU G 26 -36.12 17.43 -18.63
CA GLU G 26 -36.93 18.61 -19.01
C GLU G 26 -37.21 18.61 -20.52
N LYS G 27 -38.36 19.16 -20.90
CA LYS G 27 -38.68 19.43 -22.33
C LYS G 27 -38.19 20.87 -22.48
N PRO G 28 -36.93 21.11 -22.88
CA PRO G 28 -36.36 22.46 -22.85
C PRO G 28 -36.91 23.33 -23.96
N ASN G 29 -36.76 24.65 -23.81
CA ASN G 29 -37.28 25.56 -24.86
C ASN G 29 -36.12 26.47 -25.29
N VAL G 30 -35.07 25.85 -25.84
CA VAL G 30 -33.91 26.63 -26.34
C VAL G 30 -33.84 26.44 -27.86
N LYS G 31 -34.15 27.50 -28.62
CA LYS G 31 -34.04 27.46 -30.07
C LYS G 31 -32.56 27.58 -30.46
N TRP G 32 -32.26 27.21 -31.71
CA TRP G 32 -30.90 27.38 -32.24
C TRP G 32 -30.41 28.82 -32.08
N GLU G 33 -31.28 29.78 -32.41
CA GLU G 33 -30.96 31.20 -32.34
C GLU G 33 -30.65 31.66 -30.91
N ASP G 34 -30.97 30.86 -29.89
CA ASP G 34 -30.71 31.31 -28.51
C ASP G 34 -29.29 31.00 -28.10
N VAL G 35 -28.62 30.22 -28.94
CA VAL G 35 -27.26 29.78 -28.69
C VAL G 35 -26.34 30.62 -29.56
N ALA G 36 -25.54 31.47 -28.90
CA ALA G 36 -24.66 32.38 -29.58
C ALA G 36 -23.66 31.63 -30.46
N GLY G 37 -23.65 31.93 -31.77
CA GLY G 37 -22.65 31.36 -32.68
C GLY G 37 -22.71 29.85 -32.87
N LEU G 38 -21.53 29.24 -32.91
CA LEU G 38 -21.41 27.75 -32.98
C LEU G 38 -22.23 27.27 -34.18
N GLU G 39 -22.36 28.11 -35.21
CA GLU G 39 -23.18 27.75 -36.40
C GLU G 39 -22.61 26.52 -37.10
N GLY G 40 -21.28 26.45 -37.26
CA GLY G 40 -20.67 25.29 -37.95
C GLY G 40 -20.91 23.99 -37.20
N ALA G 41 -20.73 24.02 -35.87
CA ALA G 41 -20.94 22.81 -35.03
C ALA G 41 -22.42 22.40 -35.06
N LYS G 42 -23.32 23.39 -34.98
CA LYS G 42 -24.78 23.15 -34.98
C LYS G 42 -25.23 22.50 -36.29
N GLU G 43 -24.73 22.98 -37.43
CA GLU G 43 -25.21 22.45 -38.73
C GLU G 43 -24.89 20.95 -38.84
N ALA G 44 -23.66 20.54 -38.51
CA ALA G 44 -23.31 19.10 -38.60
C ALA G 44 -24.13 18.30 -37.58
N LEU G 45 -24.19 18.80 -36.33
CA LEU G 45 -24.92 18.07 -35.26
C LEU G 45 -26.40 18.00 -35.63
N LYS G 46 -26.96 19.11 -36.12
CA LYS G 46 -28.40 19.14 -36.48
C LYS G 46 -28.67 18.15 -37.61
N GLU G 47 -27.81 18.14 -38.63
CA GLU G 47 -28.06 17.21 -39.77
C GLU G 47 -27.96 15.76 -39.29
N ALA G 48 -27.00 15.48 -38.40
CA ALA G 48 -26.82 14.11 -37.87
C ALA G 48 -28.05 13.68 -37.05
N VAL G 49 -28.58 14.59 -36.21
CA VAL G 49 -29.71 14.24 -35.31
C VAL G 49 -31.06 14.73 -35.85
N ILE G 50 -31.14 15.98 -36.34
CA ILE G 50 -32.43 16.51 -36.76
C ILE G 50 -32.93 15.87 -38.05
N LEU G 51 -32.04 15.72 -39.03
CA LEU G 51 -32.42 15.02 -40.25
C LEU G 51 -33.03 13.62 -39.98
N PRO G 52 -32.39 12.81 -39.12
CA PRO G 52 -33.01 11.50 -38.81
C PRO G 52 -34.42 11.62 -38.26
N VAL G 53 -34.61 12.61 -37.39
CA VAL G 53 -35.87 12.83 -36.72
C VAL G 53 -36.90 13.44 -37.65
N LYS G 54 -36.45 14.31 -38.55
CA LYS G 54 -37.37 14.99 -39.45
C LYS G 54 -37.93 14.03 -40.51
N PHE G 55 -37.04 13.21 -41.05
CA PHE G 55 -37.39 12.26 -42.09
C PHE G 55 -37.00 10.85 -41.68
N PRO G 56 -37.78 10.22 -40.77
CA PRO G 56 -37.37 8.89 -40.33
C PRO G 56 -37.34 7.82 -41.43
N HIS G 57 -38.17 7.97 -42.46
CA HIS G 57 -38.25 6.96 -43.53
C HIS G 57 -36.91 6.78 -44.29
N LEU G 58 -35.98 7.69 -44.06
CA LEU G 58 -34.66 7.63 -44.65
C LEU G 58 -33.81 6.54 -44.03
N PHE G 59 -34.26 6.02 -42.89
CA PHE G 59 -33.43 5.14 -42.10
C PHE G 59 -34.11 3.80 -41.87
N LYS G 60 -34.50 3.17 -42.97
CA LYS G 60 -34.97 1.79 -43.00
C LYS G 60 -33.75 0.88 -43.23
N GLY G 61 -33.84 -0.38 -42.81
CA GLY G 61 -32.82 -1.38 -43.13
C GLY G 61 -31.56 -1.23 -42.31
N ASN G 62 -30.40 -1.30 -42.97
CA ASN G 62 -29.12 -1.22 -42.29
C ASN G 62 -28.52 0.18 -42.24
N ARG G 63 -29.36 1.17 -42.48
CA ARG G 63 -28.94 2.56 -42.43
C ARG G 63 -29.47 3.05 -41.11
N LYS G 64 -28.59 3.42 -40.19
CA LYS G 64 -29.07 3.79 -38.87
C LYS G 64 -28.52 5.13 -38.36
N PRO G 65 -29.39 5.95 -37.73
CA PRO G 65 -28.96 7.28 -37.26
C PRO G 65 -27.90 7.16 -36.18
N THR G 66 -27.00 8.14 -36.10
CA THR G 66 -26.01 8.22 -35.02
C THR G 66 -26.75 8.08 -33.68
N SER G 67 -26.13 7.48 -32.67
CA SER G 67 -26.77 7.44 -31.36
C SER G 67 -25.82 7.81 -30.21
N GLY G 68 -24.57 8.12 -30.56
CA GLY G 68 -23.61 8.69 -29.63
C GLY G 68 -22.98 9.91 -30.29
N ILE G 69 -22.95 11.04 -29.58
CA ILE G 69 -22.20 12.18 -30.09
C ILE G 69 -21.41 12.76 -28.94
N LEU G 70 -20.12 12.95 -29.16
CA LEU G 70 -19.32 13.62 -28.17
C LEU G 70 -19.18 15.11 -28.50
N LEU G 71 -19.48 15.97 -27.54
CA LEU G 71 -19.20 17.38 -27.68
C LEU G 71 -17.95 17.69 -26.87
N TYR G 72 -16.91 18.21 -27.52
CA TYR G 72 -15.65 18.51 -26.85
C TYR G 72 -15.16 19.93 -27.19
N GLY G 73 -14.50 20.54 -26.21
CA GLY G 73 -13.93 21.86 -26.38
C GLY G 73 -13.64 22.46 -25.01
N PRO G 74 -13.01 23.64 -24.98
CA PRO G 74 -12.69 24.27 -23.69
C PRO G 74 -13.97 24.57 -22.88
N PRO G 75 -13.85 24.75 -21.55
CA PRO G 75 -15.00 25.07 -20.68
C PRO G 75 -15.56 26.44 -21.01
N GLY G 76 -16.84 26.65 -20.67
CA GLY G 76 -17.46 27.97 -20.76
C GLY G 76 -18.12 28.26 -22.09
N THR G 77 -18.35 27.22 -22.88
CA THR G 77 -19.00 27.35 -24.17
C THR G 77 -20.49 26.95 -24.11
N GLY G 78 -20.98 26.61 -22.91
CA GLY G 78 -22.36 26.14 -22.72
C GLY G 78 -22.71 24.88 -23.55
N LYS G 79 -21.80 23.92 -23.62
CA LYS G 79 -22.08 22.66 -24.32
C LYS G 79 -23.46 22.14 -23.89
N SER G 80 -23.76 22.24 -22.60
CA SER G 80 -25.10 21.96 -22.10
C SER G 80 -26.23 22.72 -22.81
N TYR G 81 -26.09 24.04 -22.90
CA TYR G 81 -27.10 24.86 -23.55
C TYR G 81 -27.31 24.41 -25.00
N LEU G 82 -26.24 24.20 -25.75
CA LEU G 82 -26.33 23.70 -27.12
C LEU G 82 -27.09 22.35 -27.17
N ALA G 83 -26.79 21.51 -26.21
CA ALA G 83 -27.42 20.20 -26.09
C ALA G 83 -28.94 20.33 -25.93
N LYS G 84 -29.38 21.24 -25.06
CA LYS G 84 -30.81 21.53 -24.92
C LYS G 84 -31.39 22.05 -26.23
N ALA G 85 -30.61 22.79 -27.01
CA ALA G 85 -31.18 23.30 -28.25
C ALA G 85 -31.49 22.13 -29.19
N VAL G 86 -30.61 21.13 -29.19
CA VAL G 86 -30.75 19.99 -30.05
C VAL G 86 -32.05 19.29 -29.65
N ALA G 87 -32.20 19.04 -28.36
CA ALA G 87 -33.40 18.47 -27.80
C ALA G 87 -34.64 19.27 -28.22
N THR G 88 -34.58 20.59 -28.07
CA THR G 88 -35.74 21.42 -28.42
C THR G 88 -36.07 21.25 -29.89
N GLU G 89 -35.04 21.20 -30.71
CA GLU G 89 -35.22 21.16 -32.14
C GLU G 89 -35.57 19.76 -32.65
N ALA G 90 -35.17 18.74 -31.91
CA ALA G 90 -35.55 17.34 -32.17
C ALA G 90 -36.89 17.01 -31.50
N ASN G 91 -37.38 17.96 -30.70
CA ASN G 91 -38.66 17.82 -30.03
C ASN G 91 -38.65 16.62 -29.07
N SER G 92 -37.59 16.53 -28.30
CA SER G 92 -37.33 15.40 -27.45
C SER G 92 -37.15 15.83 -26.00
N THR G 93 -37.34 14.88 -25.08
CA THR G 93 -37.10 15.15 -23.68
C THR G 93 -35.60 15.15 -23.48
N PHE G 94 -35.12 16.07 -22.65
CA PHE G 94 -33.72 16.18 -22.32
C PHE G 94 -33.52 15.54 -20.94
N PHE G 95 -32.75 14.46 -20.90
CA PHE G 95 -32.40 13.83 -19.63
C PHE G 95 -30.96 14.09 -19.40
N SER G 96 -30.54 14.40 -18.18
CA SER G 96 -29.14 14.77 -18.00
C SER G 96 -28.57 14.44 -16.64
N VAL G 97 -27.27 14.23 -16.66
CA VAL G 97 -26.52 13.75 -15.52
C VAL G 97 -25.10 14.32 -15.54
N SER G 98 -24.58 14.63 -14.37
CA SER G 98 -23.18 15.01 -14.21
C SER G 98 -22.32 13.81 -13.74
N SER G 99 -21.30 13.49 -14.52
CA SER G 99 -20.40 12.39 -14.20
C SER G 99 -19.58 12.67 -12.95
N SER G 100 -19.24 13.93 -12.71
CA SER G 100 -18.51 14.21 -11.49
C SER G 100 -19.40 13.84 -10.30
N ASP G 101 -20.65 14.28 -10.30
CA ASP G 101 -21.60 13.90 -9.25
C ASP G 101 -21.75 12.39 -9.13
N LEU G 102 -21.89 11.71 -10.26
CA LEU G 102 -21.99 10.25 -10.25
C LEU G 102 -20.80 9.61 -9.52
N VAL G 103 -19.60 10.07 -9.84
CA VAL G 103 -18.38 9.45 -9.32
C VAL G 103 -18.15 9.78 -7.85
N SER G 104 -18.55 10.97 -7.39
CA SER G 104 -18.23 11.37 -6.03
C SER G 104 -19.43 11.37 -5.09
N LYS G 105 -20.42 12.21 -5.40
CA LYS G 105 -21.60 12.41 -4.55
C LYS G 105 -22.41 11.13 -4.30
N TRP G 106 -22.96 10.61 -5.41
CA TRP G 106 -23.84 9.41 -5.47
C TRP G 106 -23.05 8.18 -5.04
N MET G 107 -21.79 8.09 -5.48
CA MET G 107 -20.90 6.95 -5.14
C MET G 107 -21.55 5.65 -5.65
N GLY G 108 -21.86 4.74 -4.73
CA GLY G 108 -22.42 3.42 -5.05
C GLY G 108 -23.75 3.41 -5.79
N GLU G 109 -24.69 4.28 -5.47
CA GLU G 109 -26.04 4.16 -6.11
C GLU G 109 -25.88 4.42 -7.61
N SER G 110 -24.64 4.68 -8.04
CA SER G 110 -24.38 5.15 -9.39
C SER G 110 -24.72 4.18 -10.51
N GLU G 111 -24.48 2.89 -10.28
CA GLU G 111 -24.90 1.86 -11.21
C GLU G 111 -26.42 1.92 -11.41
N LYS G 112 -27.15 1.92 -10.30
CA LYS G 112 -28.59 2.09 -10.29
C LYS G 112 -28.96 3.37 -11.10
N LEU G 113 -28.26 4.48 -10.84
CA LEU G 113 -28.57 5.74 -11.52
C LEU G 113 -28.38 5.68 -13.03
N VAL G 114 -27.24 5.15 -13.49
CA VAL G 114 -26.99 5.02 -14.93
C VAL G 114 -28.04 4.11 -15.56
N LYS G 115 -28.45 3.08 -14.86
CA LYS G 115 -29.57 2.27 -15.29
C LYS G 115 -30.86 3.04 -15.43
N GLN G 116 -31.31 3.62 -14.35
CA GLN G 116 -32.58 4.35 -14.35
C GLN G 116 -32.61 5.41 -15.45
N LEU G 117 -31.46 6.07 -15.65
CA LEU G 117 -31.33 7.11 -16.65
C LEU G 117 -31.65 6.58 -18.05
N PHE G 118 -31.00 5.49 -18.43
CA PHE G 118 -31.30 4.90 -19.72
C PHE G 118 -32.73 4.38 -19.77
N ALA G 119 -33.23 3.93 -18.62
CA ALA G 119 -34.58 3.39 -18.55
C ALA G 119 -35.64 4.47 -18.79
N MET G 120 -35.50 5.61 -18.13
CA MET G 120 -36.39 6.77 -18.34
C MET G 120 -36.38 7.18 -19.81
N ALA G 121 -35.18 7.29 -20.37
CA ALA G 121 -35.04 7.74 -21.74
C ALA G 121 -35.72 6.79 -22.74
N ARG G 122 -35.61 5.48 -22.49
CA ARG G 122 -36.34 4.48 -23.31
C ARG G 122 -37.86 4.66 -23.23
N GLU G 123 -38.35 4.88 -22.01
CA GLU G 123 -39.77 5.07 -21.76
C GLU G 123 -40.29 6.35 -22.36
N ASN G 124 -39.39 7.25 -22.76
CA ASN G 124 -39.81 8.60 -23.16
C ASN G 124 -39.33 9.06 -24.53
N LYS G 125 -39.17 8.13 -25.47
CA LYS G 125 -38.79 8.51 -26.83
C LYS G 125 -39.84 9.44 -27.48
N PRO G 126 -39.42 10.42 -28.30
CA PRO G 126 -38.02 10.71 -28.60
C PRO G 126 -37.37 11.42 -27.40
N SER G 127 -36.14 11.04 -27.07
CA SER G 127 -35.46 11.63 -25.94
C SER G 127 -33.94 11.71 -26.14
N ILE G 128 -33.27 12.54 -25.32
CA ILE G 128 -31.83 12.71 -25.38
C ILE G 128 -31.18 12.58 -23.99
N ILE G 129 -30.15 11.75 -23.88
CA ILE G 129 -29.36 11.67 -22.64
C ILE G 129 -28.12 12.55 -22.73
N PHE G 130 -27.94 13.44 -21.75
CA PHE G 130 -26.76 14.28 -21.69
C PHE G 130 -25.91 13.88 -20.49
N ILE G 131 -24.69 13.43 -20.80
CA ILE G 131 -23.71 13.07 -19.81
C ILE G 131 -22.60 14.11 -19.81
N ASP G 132 -22.56 14.94 -18.77
CA ASP G 132 -21.58 16.06 -18.76
C ASP G 132 -20.28 15.66 -18.04
N GLU G 133 -19.14 15.87 -18.70
CA GLU G 133 -17.86 15.58 -18.11
C GLU G 133 -17.62 14.13 -18.17
N VAL G 134 -17.76 13.55 -19.36
CA VAL G 134 -17.55 12.12 -19.55
C VAL G 134 -16.13 11.71 -19.19
N ASP G 135 -15.29 12.70 -18.92
CA ASP G 135 -13.90 12.46 -18.56
C ASP G 135 -13.75 12.19 -17.06
N ALA G 136 -14.68 12.74 -16.29
CA ALA G 136 -14.65 12.56 -14.84
C ALA G 136 -15.24 11.21 -14.43
N LEU G 137 -15.61 10.41 -15.42
CA LEU G 137 -16.17 9.10 -15.18
C LEU G 137 -15.34 7.96 -15.72
N THR G 138 -14.92 8.14 -16.96
CA THR G 138 -14.15 7.10 -17.69
C THR G 138 -12.67 7.47 -17.61
N GLY G 139 -11.90 6.62 -16.96
CA GLY G 139 -10.48 6.85 -16.81
C GLY G 139 -9.58 5.65 -17.02
N THR G 140 -9.79 4.94 -18.13
CA THR G 140 -8.91 3.96 -18.77
C THR G 140 -8.80 2.64 -18.03
N ARG G 141 -9.38 2.56 -16.82
CA ARG G 141 -9.49 1.36 -15.97
C ARG G 141 -8.21 0.52 -15.92
N GLY G 142 -7.18 1.09 -15.32
CA GLY G 142 -5.98 0.36 -14.98
C GLY G 142 -5.63 0.50 -13.51
N GLU G 143 -6.06 1.62 -12.90
CA GLU G 143 -5.68 1.97 -11.53
C GLU G 143 -6.85 2.47 -10.69
N GLY G 144 -8.08 2.44 -11.22
CA GLY G 144 -9.20 2.96 -10.48
C GLY G 144 -9.74 1.96 -9.46
N GLU G 145 -10.46 2.50 -8.49
CA GLU G 145 -11.10 1.67 -7.48
C GLU G 145 -12.21 0.83 -8.07
N SER G 146 -12.58 -0.20 -7.33
CA SER G 146 -13.39 -1.29 -7.89
C SER G 146 -14.79 -0.83 -8.19
N GLU G 147 -15.47 -0.24 -7.22
CA GLU G 147 -16.89 0.02 -7.39
C GLU G 147 -17.14 1.15 -8.36
N ALA G 148 -16.53 2.30 -8.12
CA ALA G 148 -16.76 3.44 -8.98
C ALA G 148 -16.19 3.19 -10.36
N SER G 149 -14.95 2.72 -10.42
CA SER G 149 -14.30 2.48 -11.69
C SER G 149 -15.01 1.43 -12.51
N ARG G 150 -14.91 0.16 -12.10
CA ARG G 150 -15.51 -0.92 -12.93
C ARG G 150 -17.03 -0.78 -13.05
N ARG G 151 -17.74 -0.53 -11.95
CA ARG G 151 -19.23 -0.45 -12.00
C ARG G 151 -19.75 0.74 -12.83
N ILE G 152 -19.20 1.94 -12.60
CA ILE G 152 -19.66 3.19 -13.30
C ILE G 152 -19.32 3.14 -14.79
N LYS G 153 -18.11 2.69 -15.12
CA LYS G 153 -17.57 2.65 -16.47
C LYS G 153 -17.92 1.37 -17.20
N THR G 154 -18.50 0.41 -16.47
CA THR G 154 -18.90 -0.86 -17.06
C THR G 154 -20.39 -0.90 -17.36
N GLU G 155 -21.14 -0.01 -16.71
CA GLU G 155 -22.58 0.06 -16.91
C GLU G 155 -22.94 0.98 -18.07
N LEU G 156 -22.26 2.12 -18.15
CA LEU G 156 -22.45 3.05 -19.25
C LEU G 156 -22.25 2.30 -20.57
N LEU G 157 -21.17 1.54 -20.67
CA LEU G 157 -20.86 0.86 -21.91
C LEU G 157 -21.95 -0.14 -22.27
N VAL G 158 -22.41 -0.92 -21.31
CA VAL G 158 -23.50 -1.86 -21.55
C VAL G 158 -24.72 -1.10 -22.06
N GLN G 159 -25.02 0.05 -21.46
CA GLN G 159 -26.21 0.82 -21.83
C GLN G 159 -26.13 1.42 -23.23
N MET G 160 -24.93 1.84 -23.63
CA MET G 160 -24.74 2.44 -24.95
C MET G 160 -24.71 1.42 -26.07
N ASN G 161 -24.57 0.14 -25.66
CA ASN G 161 -24.92 -0.99 -26.49
C ASN G 161 -26.43 -1.18 -26.61
N GLY G 162 -27.19 -0.37 -25.86
CA GLY G 162 -28.66 -0.33 -25.90
C GLY G 162 -29.27 0.22 -27.18
N VAL G 163 -28.44 0.68 -28.11
CA VAL G 163 -28.99 1.12 -29.37
C VAL G 163 -29.62 -0.11 -30.02
N GLY G 164 -28.92 -1.23 -29.95
CA GLY G 164 -29.38 -2.49 -30.53
C GLY G 164 -30.62 -3.18 -29.97
N ASN G 165 -30.72 -3.30 -28.65
CA ASN G 165 -31.90 -3.92 -28.04
C ASN G 165 -33.05 -3.02 -28.39
N GLN G 168 -33.48 2.36 -31.95
CA GLN G 168 -34.29 3.55 -32.25
C GLN G 168 -34.83 4.34 -31.06
N GLY G 169 -34.97 5.67 -31.22
CA GLY G 169 -35.63 6.54 -30.22
C GLY G 169 -34.81 7.18 -29.08
N VAL G 170 -33.49 7.04 -29.02
CA VAL G 170 -32.72 7.69 -27.95
C VAL G 170 -31.34 8.14 -28.44
N LEU G 171 -30.78 9.19 -27.83
CA LEU G 171 -29.46 9.58 -28.28
C LEU G 171 -28.66 10.08 -27.09
N VAL G 172 -27.42 9.65 -27.03
CA VAL G 172 -26.52 10.01 -25.96
C VAL G 172 -25.58 11.08 -26.50
N LEU G 173 -25.52 12.22 -25.79
CA LEU G 173 -24.59 13.30 -26.10
C LEU G 173 -23.68 13.44 -24.92
N GLY G 174 -22.39 13.16 -25.11
CA GLY G 174 -21.40 13.34 -24.06
C GLY G 174 -20.74 14.71 -24.13
N ALA G 175 -20.34 15.23 -22.99
CA ALA G 175 -19.66 16.50 -22.98
C ALA G 175 -18.36 16.37 -22.23
N THR G 176 -17.29 16.88 -22.82
CA THR G 176 -16.01 16.91 -22.13
C THR G 176 -15.22 18.19 -22.41
N ASN G 177 -14.51 18.67 -21.39
CA ASN G 177 -13.51 19.74 -21.58
C ASN G 177 -12.12 19.21 -21.93
N ILE G 178 -11.83 17.99 -21.48
CA ILE G 178 -10.51 17.38 -21.56
C ILE G 178 -10.65 16.08 -22.35
N PRO G 179 -10.95 16.17 -23.67
CA PRO G 179 -11.20 14.91 -24.36
C PRO G 179 -10.00 13.93 -24.30
N TRP G 180 -8.81 14.49 -24.17
CA TRP G 180 -7.57 13.65 -24.11
C TRP G 180 -7.68 12.71 -22.91
N GLN G 181 -8.34 13.17 -21.83
CA GLN G 181 -8.44 12.36 -20.62
C GLN G 181 -9.68 11.44 -20.58
N LEU G 182 -10.28 11.24 -21.74
CA LEU G 182 -11.49 10.44 -21.84
C LEU G 182 -11.14 8.99 -22.20
N ASP G 183 -11.55 8.07 -21.34
CA ASP G 183 -11.40 6.62 -21.56
C ASP G 183 -11.64 6.23 -23.01
N SER G 184 -10.64 5.61 -23.63
CA SER G 184 -10.73 5.23 -25.04
C SER G 184 -11.92 4.29 -25.35
N ALA G 185 -12.29 3.45 -24.39
CA ALA G 185 -13.46 2.58 -24.53
C ALA G 185 -14.75 3.40 -24.62
N ILE G 186 -14.88 4.41 -23.75
CA ILE G 186 -16.01 5.30 -23.78
C ILE G 186 -15.92 6.12 -25.06
N ARG G 187 -14.74 6.68 -25.30
CA ARG G 187 -14.49 7.42 -26.53
C ARG G 187 -15.03 6.66 -27.75
N ARG G 188 -14.74 5.37 -27.83
CA ARG G 188 -15.14 4.61 -29.02
C ARG G 188 -16.68 4.48 -29.20
N ARG G 189 -17.45 4.66 -28.13
CA ARG G 189 -18.92 4.56 -28.20
C ARG G 189 -19.55 5.82 -28.77
N PHE G 190 -18.75 6.87 -28.86
CA PHE G 190 -19.22 8.15 -29.40
C PHE G 190 -18.84 8.31 -30.87
N GLU G 191 -19.57 7.55 -31.74
CA GLU G 191 -19.25 7.62 -33.17
C GLU G 191 -18.88 9.04 -33.58
N ARG G 192 -19.85 9.95 -33.50
CA ARG G 192 -19.67 11.29 -33.98
C ARG G 192 -19.08 12.17 -32.89
N ARG G 193 -18.10 12.98 -33.26
CA ARG G 193 -17.42 13.94 -32.36
C ARG G 193 -17.49 15.33 -32.95
N ILE G 194 -17.91 16.30 -32.14
CA ILE G 194 -18.05 17.67 -32.60
C ILE G 194 -17.39 18.63 -31.65
N TYR G 195 -16.48 19.43 -32.21
CA TYR G 195 -15.74 20.45 -31.48
C TYR G 195 -16.58 21.69 -31.23
N ILE G 196 -16.65 22.10 -29.97
CA ILE G 196 -17.36 23.32 -29.61
C ILE G 196 -16.34 24.41 -29.30
N PRO G 197 -16.05 25.27 -30.28
CA PRO G 197 -15.00 26.30 -30.17
C PRO G 197 -15.36 27.44 -29.24
N LEU G 198 -14.38 28.33 -29.02
CA LEU G 198 -14.55 29.56 -28.19
C LEU G 198 -15.40 30.58 -28.95
N PRO G 199 -15.92 31.64 -28.27
CA PRO G 199 -16.81 32.65 -28.90
C PRO G 199 -16.17 33.65 -29.87
N ASP G 200 -17.02 34.33 -30.66
CA ASP G 200 -16.58 35.33 -31.69
C ASP G 200 -17.24 36.69 -31.43
N LEU G 201 -16.67 37.76 -32.01
CA LEU G 201 -17.14 39.14 -31.82
C LEU G 201 -18.65 39.32 -31.63
N ALA G 202 -19.45 38.89 -32.61
CA ALA G 202 -20.91 39.04 -32.58
C ALA G 202 -21.52 38.36 -31.35
N ALA G 203 -21.07 37.13 -31.10
CA ALA G 203 -21.58 36.37 -29.95
C ALA G 203 -21.20 37.01 -28.60
N ARG G 204 -19.98 37.47 -28.46
CA ARG G 204 -19.56 38.15 -27.24
C ARG G 204 -20.39 39.42 -27.08
N THR G 205 -20.68 40.08 -28.18
CA THR G 205 -21.50 41.27 -28.09
C THR G 205 -22.88 40.92 -27.56
N THR G 206 -23.49 39.90 -28.13
CA THR G 206 -24.77 39.40 -27.62
C THR G 206 -24.68 39.00 -26.13
N MET G 207 -23.63 38.27 -25.76
CA MET G 207 -23.48 37.88 -24.36
C MET G 207 -23.44 39.09 -23.41
N PHE G 208 -22.77 40.17 -23.80
CA PHE G 208 -22.74 41.34 -22.92
C PHE G 208 -24.17 41.87 -22.73
N GLU G 209 -24.91 41.98 -23.85
CA GLU G 209 -26.26 42.52 -23.82
C GLU G 209 -27.13 41.65 -22.94
N ILE G 210 -27.16 40.35 -23.21
CA ILE G 210 -27.92 39.40 -22.39
C ILE G 210 -27.54 39.50 -20.90
N ASN G 211 -26.25 39.51 -20.61
CA ASN G 211 -25.82 39.54 -19.22
C ASN G 211 -26.17 40.81 -18.47
N VAL G 212 -26.30 41.95 -19.18
CA VAL G 212 -26.78 43.17 -18.48
C VAL G 212 -28.29 43.22 -18.53
N GLY G 213 -28.87 42.64 -19.59
CA GLY G 213 -30.30 42.74 -19.88
C GLY G 213 -30.85 44.12 -19.57
N ASP G 214 -31.78 44.16 -18.61
CA ASP G 214 -32.50 45.37 -18.22
C ASP G 214 -31.79 46.34 -17.30
N THR G 215 -30.64 45.95 -16.75
CA THR G 215 -29.96 46.79 -15.78
C THR G 215 -29.82 48.24 -16.28
N PRO G 216 -30.16 49.22 -15.44
CA PRO G 216 -29.91 50.62 -15.83
C PRO G 216 -28.43 50.85 -16.15
N CYS G 217 -28.16 51.27 -17.38
CA CYS G 217 -26.83 51.72 -17.80
C CYS G 217 -26.92 52.57 -19.05
N VAL G 218 -25.82 53.28 -19.37
CA VAL G 218 -25.78 54.23 -20.52
C VAL G 218 -25.05 53.64 -21.74
N LEU G 219 -24.75 52.34 -21.75
CA LEU G 219 -24.00 51.73 -22.88
C LEU G 219 -24.78 51.86 -24.20
N THR G 220 -24.07 52.22 -25.28
CA THR G 220 -24.62 52.37 -26.62
C THR G 220 -24.45 51.06 -27.35
N LYS G 221 -25.03 50.95 -28.55
CA LYS G 221 -24.80 49.79 -29.39
C LYS G 221 -23.30 49.65 -29.66
N GLU G 222 -22.62 50.76 -29.93
CA GLU G 222 -21.18 50.76 -30.18
C GLU G 222 -20.34 50.28 -28.97
N ASP G 223 -20.75 50.68 -27.77
CA ASP G 223 -20.06 50.22 -26.56
C ASP G 223 -20.11 48.72 -26.42
N TYR G 224 -21.26 48.13 -26.72
CA TYR G 224 -21.41 46.69 -26.66
C TYR G 224 -20.45 46.04 -27.65
N ARG G 225 -20.38 46.59 -28.86
CA ARG G 225 -19.44 46.07 -29.88
C ARG G 225 -18.02 46.22 -29.34
N THR G 226 -17.74 47.33 -28.64
CA THR G 226 -16.40 47.57 -28.12
C THR G 226 -16.08 46.49 -27.11
N LEU G 227 -16.93 46.35 -26.09
CA LEU G 227 -16.83 45.26 -25.12
C LEU G 227 -16.67 43.87 -25.77
N GLY G 228 -17.40 43.65 -26.85
CA GLY G 228 -17.23 42.47 -27.66
C GLY G 228 -15.81 42.37 -28.17
N ALA G 229 -15.39 43.38 -28.93
CA ALA G 229 -14.07 43.40 -29.54
C ALA G 229 -12.95 43.24 -28.53
N MET G 230 -13.18 43.77 -27.32
CA MET G 230 -12.16 43.83 -26.29
C MET G 230 -12.05 42.58 -25.44
N THR G 231 -12.87 41.56 -25.74
CA THR G 231 -12.82 40.30 -25.00
C THR G 231 -12.56 39.08 -25.87
N GLU G 232 -11.68 39.20 -26.86
CA GLU G 232 -11.20 38.06 -27.63
C GLU G 232 -10.66 36.98 -26.69
N GLY G 233 -11.07 35.74 -26.92
CA GLY G 233 -10.65 34.60 -26.11
C GLY G 233 -11.42 34.36 -24.81
N TYR G 234 -12.40 35.20 -24.53
CA TYR G 234 -13.25 35.02 -23.35
C TYR G 234 -14.34 34.01 -23.69
N SER G 235 -14.88 33.36 -22.67
CA SER G 235 -16.03 32.47 -22.84
C SER G 235 -17.30 33.16 -22.32
N GLY G 236 -18.44 32.53 -22.56
CA GLY G 236 -19.69 33.03 -22.01
C GLY G 236 -19.55 33.15 -20.50
N SER G 237 -18.95 32.12 -19.89
CA SER G 237 -18.76 32.11 -18.46
C SER G 237 -17.93 33.31 -18.05
N ASP G 238 -16.74 33.43 -18.64
CA ASP G 238 -15.86 34.57 -18.42
C ASP G 238 -16.64 35.87 -18.53
N ILE G 239 -17.39 36.04 -19.60
CA ILE G 239 -18.14 37.26 -19.82
C ILE G 239 -19.18 37.45 -18.73
N ALA G 240 -19.84 36.35 -18.37
CA ALA G 240 -20.79 36.39 -17.27
C ALA G 240 -20.14 36.92 -15.98
N VAL G 241 -18.97 36.38 -15.64
CA VAL G 241 -18.27 36.80 -14.40
C VAL G 241 -17.90 38.28 -14.51
N VAL G 242 -17.42 38.71 -15.68
CA VAL G 242 -17.01 40.12 -15.91
C VAL G 242 -18.23 41.05 -15.78
N VAL G 243 -19.39 40.63 -16.31
CA VAL G 243 -20.57 41.49 -16.29
C VAL G 243 -21.14 41.60 -14.88
N LYS G 244 -21.15 40.49 -14.15
CA LYS G 244 -21.60 40.45 -12.77
C LYS G 244 -20.78 41.42 -11.90
N ASP G 245 -19.47 41.49 -12.19
CA ASP G 245 -18.55 42.39 -11.55
C ASP G 245 -18.88 43.86 -11.87
N ALA G 246 -19.01 44.16 -13.17
CA ALA G 246 -19.22 45.53 -13.59
C ALA G 246 -20.50 46.15 -13.06
N LEU G 247 -21.59 45.39 -12.99
CA LEU G 247 -22.88 45.96 -12.62
C LEU G 247 -22.89 46.45 -11.19
N MET G 248 -21.99 45.92 -10.36
CA MET G 248 -21.92 46.27 -8.92
C MET G 248 -21.06 47.51 -8.70
N GLN G 249 -20.46 48.04 -9.77
CA GLN G 249 -19.59 49.21 -9.64
C GLN G 249 -20.26 50.48 -9.08
N PRO G 250 -21.50 50.80 -9.52
CA PRO G 250 -22.14 51.98 -8.97
C PRO G 250 -22.50 51.81 -7.51
N ILE G 251 -22.86 50.58 -7.12
CA ILE G 251 -23.09 50.26 -5.73
C ILE G 251 -21.75 50.38 -4.99
N ARG G 252 -20.70 49.83 -5.60
CA ARG G 252 -19.37 49.96 -5.05
C ARG G 252 -18.95 51.41 -4.82
N LYS G 253 -19.30 52.30 -5.74
CA LYS G 253 -18.91 53.69 -5.59
C LYS G 253 -19.70 54.32 -4.46
N ILE G 254 -21.01 54.11 -4.44
CA ILE G 254 -21.86 54.70 -3.41
C ILE G 254 -21.48 54.25 -2.01
N GLN G 255 -21.17 52.96 -1.85
CA GLN G 255 -20.80 52.43 -0.54
C GLN G 255 -19.51 53.09 -0.04
N SER G 256 -18.50 53.23 -0.89
CA SER G 256 -17.22 53.77 -0.38
C SER G 256 -16.63 55.00 -1.07
N ALA G 257 -16.92 56.19 -0.54
CA ALA G 257 -16.41 57.44 -1.17
C ALA G 257 -15.89 58.44 -0.12
N THR G 258 -14.69 58.98 -0.36
CA THR G 258 -14.06 59.99 0.54
C THR G 258 -14.87 61.31 0.53
N HIS G 259 -15.32 61.74 -0.64
CA HIS G 259 -16.09 63.01 -0.81
C HIS G 259 -17.34 62.75 -1.65
N PHE G 260 -18.36 63.62 -1.54
CA PHE G 260 -19.59 63.37 -2.30
C PHE G 260 -20.15 64.71 -2.81
N LYS G 261 -21.34 64.68 -3.42
CA LYS G 261 -21.88 65.84 -4.10
C LYS G 261 -23.37 65.67 -4.39
N ASP G 262 -24.13 66.73 -4.20
CA ASP G 262 -25.59 66.71 -4.45
C ASP G 262 -25.90 66.82 -5.94
N VAL G 263 -26.93 66.09 -6.38
CA VAL G 263 -27.41 66.12 -7.77
C VAL G 263 -28.95 66.11 -7.80
N SER G 264 -29.53 66.24 -9.00
CA SER G 264 -30.99 66.30 -9.24
C SER G 264 -31.55 67.73 -9.33
N ARG G 271 -32.32 65.37 -1.55
CA ARG G 271 -30.99 65.66 -2.17
C ARG G 271 -30.17 64.37 -2.11
N LYS G 272 -29.62 63.91 -3.24
CA LYS G 272 -28.85 62.63 -3.27
C LYS G 272 -27.35 62.93 -3.40
N LEU G 273 -26.54 62.35 -2.51
CA LEU G 273 -25.07 62.59 -2.54
C LEU G 273 -24.33 61.41 -3.17
N THR G 274 -23.75 61.61 -4.36
CA THR G 274 -22.98 60.56 -5.02
C THR G 274 -21.47 60.85 -4.90
N PRO G 275 -20.61 59.81 -5.00
CA PRO G 275 -19.17 60.04 -4.92
C PRO G 275 -18.65 60.83 -6.09
N CYS G 276 -17.77 61.79 -5.80
CA CYS G 276 -17.09 62.60 -6.82
C CYS G 276 -15.66 62.87 -6.39
N SER G 277 -14.81 63.22 -7.36
CA SER G 277 -13.38 63.47 -7.12
C SER G 277 -13.14 64.64 -6.14
N PRO G 278 -11.91 64.88 -5.63
CA PRO G 278 -11.71 66.03 -4.75
C PRO G 278 -12.04 67.34 -5.49
N GLY G 279 -12.68 68.29 -4.79
CA GLY G 279 -13.03 69.62 -5.33
C GLY G 279 -13.88 69.66 -6.60
N ASP G 280 -14.91 68.82 -6.62
CA ASP G 280 -15.89 68.74 -7.73
C ASP G 280 -16.94 69.83 -7.52
N ASP G 281 -17.80 70.09 -8.51
CA ASP G 281 -18.84 71.12 -8.26
C ASP G 281 -19.69 70.60 -7.10
N GLY G 282 -19.81 71.41 -6.04
CA GLY G 282 -20.59 71.03 -4.86
C GLY G 282 -19.99 69.87 -4.07
N ALA G 283 -18.68 69.67 -4.24
CA ALA G 283 -17.95 68.59 -3.59
C ALA G 283 -17.70 68.86 -2.11
N ILE G 284 -18.50 68.16 -1.29
CA ILE G 284 -18.36 68.09 0.20
C ILE G 284 -17.79 66.69 0.45
N GLU G 285 -16.64 66.59 1.14
CA GLU G 285 -15.95 65.32 1.49
C GLU G 285 -16.33 64.97 2.94
N MET G 286 -16.44 63.68 3.24
CA MET G 286 -16.87 63.15 4.57
C MET G 286 -16.72 61.63 4.37
N SER G 287 -17.80 60.86 4.47
CA SER G 287 -17.78 59.40 4.19
C SER G 287 -19.21 58.89 3.95
N TRP G 288 -19.36 57.68 3.42
CA TRP G 288 -20.71 57.10 3.24
C TRP G 288 -21.47 57.01 4.55
N THR G 289 -20.71 56.80 5.61
CA THR G 289 -21.22 56.73 6.98
C THR G 289 -21.90 58.02 7.40
N ASP G 290 -21.38 59.14 6.88
CA ASP G 290 -21.88 60.47 7.19
C ASP G 290 -23.23 60.73 6.53
N ILE G 291 -23.58 59.91 5.54
CA ILE G 291 -24.72 60.24 4.69
C ILE G 291 -25.98 59.48 5.05
N GLU G 292 -27.12 60.17 4.92
CA GLU G 292 -28.45 59.60 5.29
C GLU G 292 -28.80 58.42 4.38
N ALA G 293 -29.50 57.42 4.92
CA ALA G 293 -29.92 56.23 4.14
C ALA G 293 -31.05 56.61 3.17
N ASP G 294 -30.92 56.15 1.92
CA ASP G 294 -31.85 56.30 0.76
C ASP G 294 -31.64 57.64 0.03
N GLU G 295 -30.78 58.51 0.56
CA GLU G 295 -30.46 59.81 -0.09
C GLU G 295 -29.08 59.67 -0.76
N LEU G 296 -28.49 58.48 -0.64
CA LEU G 296 -27.17 58.21 -1.19
C LEU G 296 -27.30 57.80 -2.64
N LYS G 297 -26.59 58.53 -3.52
CA LYS G 297 -26.65 58.28 -4.94
C LYS G 297 -25.62 57.27 -5.45
N GLU G 298 -26.11 56.11 -5.90
CA GLU G 298 -25.24 55.09 -6.45
C GLU G 298 -24.86 55.54 -7.86
N PRO G 299 -23.60 55.34 -8.24
CA PRO G 299 -23.08 55.73 -9.56
C PRO G 299 -23.86 55.10 -10.72
N ASP G 300 -23.96 55.83 -11.83
CA ASP G 300 -24.66 55.31 -13.00
C ASP G 300 -23.78 54.30 -13.74
N LEU G 301 -24.37 53.48 -14.59
CA LEU G 301 -23.57 52.43 -15.24
C LEU G 301 -22.90 52.99 -16.49
N THR G 302 -21.67 52.54 -16.73
CA THR G 302 -20.90 53.02 -17.88
C THR G 302 -20.29 51.85 -18.66
N ILE G 303 -20.10 52.04 -19.95
CA ILE G 303 -19.33 51.12 -20.79
C ILE G 303 -17.87 51.05 -20.34
N LYS G 304 -17.32 52.18 -19.93
CA LYS G 304 -15.94 52.29 -19.47
C LYS G 304 -15.70 51.44 -18.22
N ASP G 305 -16.69 51.39 -17.33
CA ASP G 305 -16.58 50.63 -16.10
C ASP G 305 -16.37 49.13 -16.37
N PHE G 306 -17.04 48.60 -17.38
CA PHE G 306 -16.87 47.19 -17.72
C PHE G 306 -15.42 46.95 -18.11
N LEU G 307 -14.86 47.89 -18.86
CA LEU G 307 -13.46 47.83 -19.29
C LEU G 307 -12.56 47.51 -18.09
N LYS G 308 -12.93 48.07 -16.94
CA LYS G 308 -12.29 47.81 -15.67
C LYS G 308 -12.44 46.33 -15.37
N ALA G 309 -13.69 45.86 -15.40
CA ALA G 309 -13.99 44.47 -15.12
C ALA G 309 -13.27 43.53 -16.06
N ILE G 310 -13.09 43.93 -17.32
CA ILE G 310 -12.34 43.09 -18.25
C ILE G 310 -10.88 42.92 -17.81
N LYS G 311 -10.28 43.98 -17.30
CA LYS G 311 -8.89 43.88 -16.84
C LYS G 311 -8.73 42.92 -15.65
N SER G 312 -9.70 42.93 -14.73
CA SER G 312 -9.60 42.10 -13.51
C SER G 312 -10.13 40.66 -13.63
N THR G 313 -10.62 40.25 -14.81
CA THR G 313 -10.97 38.86 -15.07
C THR G 313 -10.31 38.39 -16.33
N ARG G 314 -9.26 37.62 -16.16
CA ARG G 314 -8.53 36.96 -17.23
C ARG G 314 -9.38 35.88 -17.89
N PRO G 315 -9.21 35.58 -19.16
CA PRO G 315 -9.95 34.44 -19.71
C PRO G 315 -9.56 33.11 -19.03
N THR G 316 -10.49 32.16 -19.08
CA THR G 316 -10.38 30.86 -18.36
C THR G 316 -9.61 29.82 -19.14
N VAL G 317 -9.65 29.95 -20.45
CA VAL G 317 -9.30 28.87 -21.34
C VAL G 317 -7.94 29.11 -21.99
N ASN G 318 -7.05 28.14 -21.84
CA ASN G 318 -5.71 28.20 -22.45
C ASN G 318 -5.74 28.22 -23.98
N GLU G 319 -4.82 28.98 -24.58
CA GLU G 319 -4.77 29.18 -26.03
C GLU G 319 -4.33 27.95 -26.83
N ASP G 320 -3.77 26.95 -26.14
CA ASP G 320 -3.36 25.68 -26.79
C ASP G 320 -4.63 24.87 -27.11
N ASP G 321 -5.77 25.28 -26.55
CA ASP G 321 -7.09 24.61 -26.70
C ASP G 321 -7.54 24.60 -28.17
N LEU G 322 -7.29 25.67 -28.93
CA LEU G 322 -7.76 25.73 -30.34
C LEU G 322 -7.14 24.57 -31.12
N LEU G 323 -5.86 24.30 -30.89
CA LEU G 323 -5.16 23.17 -31.54
C LEU G 323 -5.60 21.80 -30.99
N LYS G 324 -5.51 21.59 -29.69
CA LYS G 324 -5.98 20.35 -29.03
C LYS G 324 -7.42 19.94 -29.43
N GLN G 325 -8.31 20.93 -29.53
CA GLN G 325 -9.68 20.73 -29.99
C GLN G 325 -9.71 20.55 -31.51
N GLU G 326 -8.87 21.30 -32.22
CA GLU G 326 -8.81 21.19 -33.69
C GLU G 326 -8.10 19.93 -34.16
N GLN G 327 -7.20 19.39 -33.33
CA GLN G 327 -6.58 18.09 -33.56
C GLN G 327 -7.68 17.04 -33.56
N PHE G 328 -8.62 17.19 -32.63
CA PHE G 328 -9.79 16.32 -32.54
C PHE G 328 -10.76 16.51 -33.72
N THR G 329 -10.88 17.73 -34.22
CA THR G 329 -11.77 18.00 -35.36
C THR G 329 -11.18 17.42 -36.63
N ARG G 330 -9.85 17.43 -36.69
CA ARG G 330 -9.10 16.88 -37.80
C ARG G 330 -9.22 15.35 -37.80
N ASP G 331 -9.16 14.76 -36.60
CA ASP G 331 -9.04 13.30 -36.44
C ASP G 331 -10.39 12.59 -36.33
N PHE G 332 -11.28 13.10 -35.48
CA PHE G 332 -12.55 12.44 -35.22
C PHE G 332 -13.77 13.32 -35.54
N GLY G 333 -13.56 14.40 -36.28
CA GLY G 333 -14.58 15.44 -36.49
C GLY G 333 -15.90 14.93 -37.04
N ARG H 11 41.02 26.41 50.89
CA ARG H 11 41.05 25.61 49.63
C ARG H 11 39.64 25.55 49.03
N ALA H 12 38.74 24.80 49.67
CA ALA H 12 37.34 24.67 49.17
C ALA H 12 36.68 26.05 49.20
N SER H 13 36.91 26.81 50.28
CA SER H 13 36.29 28.16 50.38
C SER H 13 36.81 29.02 49.23
N LYS H 14 38.12 28.94 48.95
CA LYS H 14 38.74 29.75 47.86
C LYS H 14 38.13 29.36 46.51
N ILE H 15 37.97 28.06 46.23
CA ILE H 15 37.40 27.64 44.92
C ILE H 15 35.93 28.12 44.84
N GLU H 16 35.20 28.05 45.94
CA GLU H 16 33.77 28.49 45.98
C GLU H 16 33.71 29.99 45.68
N GLN H 17 34.63 30.77 46.25
CA GLN H 17 34.65 32.24 46.06
C GLN H 17 34.88 32.60 44.59
N ILE H 18 35.25 31.62 43.75
CA ILE H 18 35.45 31.91 42.34
C ILE H 18 34.07 31.84 41.72
N GLN H 19 33.36 30.76 42.04
CA GLN H 19 32.03 30.54 41.54
C GLN H 19 31.16 31.70 41.97
N LYS H 20 31.31 32.12 43.22
CA LYS H 20 30.53 33.24 43.73
C LYS H 20 30.78 34.45 42.85
N LEU H 21 32.04 34.64 42.46
CA LEU H 21 32.43 35.75 41.58
C LEU H 21 31.83 35.60 40.19
N ALA H 22 32.24 34.52 39.52
CA ALA H 22 31.75 34.19 38.20
C ALA H 22 30.22 34.20 38.10
N LYS H 23 29.52 34.16 39.23
CA LYS H 23 28.07 34.23 39.15
C LYS H 23 27.77 35.72 39.01
N TYR H 24 28.21 36.52 40.01
CA TYR H 24 28.01 37.96 40.00
C TYR H 24 28.34 38.50 38.63
N ALA H 25 29.48 38.07 38.09
CA ALA H 25 29.85 38.51 36.76
C ALA H 25 28.71 38.23 35.79
N ILE H 26 28.24 36.98 35.75
CA ILE H 26 27.12 36.64 34.85
C ILE H 26 25.96 37.62 35.11
N SER H 27 25.47 37.63 36.36
CA SER H 27 24.38 38.52 36.79
C SER H 27 24.58 39.95 36.34
N ALA H 28 25.85 40.38 36.27
CA ALA H 28 26.20 41.74 35.85
C ALA H 28 25.95 41.98 34.37
N LEU H 29 26.32 41.01 33.53
CA LEU H 29 26.17 41.17 32.06
C LEU H 29 24.67 41.33 31.76
N ASN H 30 23.81 40.90 32.69
CA ASN H 30 22.39 40.94 32.43
C ASN H 30 21.88 42.39 32.42
N TYR H 31 22.82 43.32 32.62
CA TYR H 31 22.58 44.78 32.59
C TYR H 31 23.61 45.39 31.63
N GLU H 32 24.25 44.51 30.85
CA GLU H 32 25.35 44.86 29.95
C GLU H 32 26.54 45.54 30.65
N ASP H 33 26.51 45.58 31.98
CA ASP H 33 27.57 46.18 32.79
C ASP H 33 28.90 45.50 32.55
N LEU H 34 29.60 45.88 31.49
CA LEU H 34 30.89 45.26 31.22
C LEU H 34 31.90 45.54 32.36
N PRO H 35 31.93 46.77 32.90
CA PRO H 35 32.84 47.15 34.00
C PRO H 35 32.92 46.11 35.10
N THR H 36 31.83 45.93 35.83
CA THR H 36 31.74 44.95 36.91
C THR H 36 32.26 43.60 36.44
N ALA H 37 31.69 43.15 35.32
CA ALA H 37 32.04 41.88 34.72
C ALA H 37 33.52 41.66 34.55
N LYS H 38 34.14 42.49 33.72
CA LYS H 38 35.57 42.38 33.43
C LYS H 38 36.41 42.36 34.72
N ASP H 39 35.80 42.82 35.81
CA ASP H 39 36.48 42.86 37.09
C ASP H 39 36.30 41.57 37.91
N GLU H 40 35.06 41.18 38.18
CA GLU H 40 34.74 39.96 38.94
C GLU H 40 35.26 38.72 38.19
N LEU H 41 35.10 38.73 36.87
CA LEU H 41 35.58 37.58 36.06
C LEU H 41 37.11 37.53 36.23
N THR H 42 37.68 38.64 36.71
CA THR H 42 39.14 38.75 36.85
C THR H 42 39.54 38.42 38.28
N LYS H 43 38.95 39.11 39.26
CA LYS H 43 39.26 38.81 40.66
C LYS H 43 39.17 37.29 40.84
N ALA H 44 38.25 36.66 40.10
CA ALA H 44 38.04 35.21 40.13
C ALA H 44 39.21 34.45 39.51
N LEU H 45 39.52 34.74 38.25
CA LEU H 45 40.64 34.09 37.57
C LEU H 45 41.96 34.14 38.34
N ASP H 46 42.34 35.34 38.79
CA ASP H 46 43.59 35.53 39.56
C ASP H 46 43.59 34.53 40.71
N LEU H 47 42.46 34.45 41.41
CA LEU H 47 42.28 33.54 42.53
C LEU H 47 42.38 32.05 42.18
N LEU H 48 42.04 31.67 40.94
CA LEU H 48 42.13 30.27 40.49
C LEU H 48 43.60 29.95 40.23
N ASN H 49 44.41 31.00 40.17
CA ASN H 49 45.83 30.83 39.96
C ASN H 49 46.46 30.87 41.33
N SER H 50 45.77 31.49 42.28
CA SER H 50 46.24 31.56 43.66
C SER H 50 46.10 30.17 44.28
N ILE H 51 45.22 29.35 43.70
CA ILE H 51 44.99 27.96 44.14
C ILE H 51 46.30 27.18 43.98
N LYS I 2 18.88 47.54 9.79
CA LYS I 2 19.41 46.16 9.60
C LYS I 2 20.83 46.05 10.16
N ASP I 3 21.66 47.05 9.85
CA ASP I 3 23.06 47.07 10.28
C ASP I 3 23.22 47.42 11.77
N GLU I 4 22.35 48.31 12.26
CA GLU I 4 22.30 48.64 13.68
C GLU I 4 21.79 47.44 14.48
N LEU I 5 20.88 46.67 13.84
CA LEU I 5 20.34 45.40 14.41
C LEU I 5 21.45 44.35 14.47
N THR I 6 22.21 44.20 13.37
CA THR I 6 23.37 43.30 13.32
C THR I 6 24.34 43.62 14.46
N LYS I 7 24.51 44.91 14.76
CA LYS I 7 25.41 45.38 15.81
C LYS I 7 24.95 45.01 17.23
N ILE I 8 23.68 45.29 17.55
CA ILE I 8 23.12 45.00 18.88
C ILE I 8 23.00 43.49 19.13
N MET I 9 22.57 42.76 18.09
CA MET I 9 22.45 41.28 18.15
C MET I 9 23.85 40.66 18.28
N ASP I 10 24.82 41.18 17.51
CA ASP I 10 26.20 40.64 17.49
C ASP I 10 26.86 40.76 18.87
N ARG I 11 26.70 41.90 19.53
CA ARG I 11 27.25 42.11 20.87
C ARG I 11 26.46 41.31 21.91
N ALA I 12 25.14 41.27 21.73
CA ALA I 12 24.25 40.48 22.59
C ALA I 12 24.62 39.01 22.51
N SER I 13 24.96 38.55 21.30
CA SER I 13 25.42 37.18 21.11
C SER I 13 26.74 36.91 21.83
N LYS I 14 27.69 37.84 21.74
CA LYS I 14 28.97 37.67 22.44
C LYS I 14 28.77 37.62 23.94
N ILE I 15 27.94 38.51 24.48
CA ILE I 15 27.64 38.52 25.91
C ILE I 15 27.05 37.16 26.37
N GLU I 16 26.11 36.62 25.59
CA GLU I 16 25.53 35.29 25.86
C GLU I 16 26.63 34.24 25.92
N GLN I 17 27.59 34.31 24.99
CA GLN I 17 28.69 33.33 24.95
C GLN I 17 29.63 33.44 26.15
N ILE I 18 29.92 34.67 26.56
CA ILE I 18 30.73 34.93 27.76
C ILE I 18 30.06 34.34 28.99
N GLN I 19 28.75 34.57 29.14
CA GLN I 19 27.99 34.02 30.26
C GLN I 19 27.95 32.49 30.22
N LYS I 20 27.81 31.91 29.02
CA LYS I 20 27.83 30.46 28.85
C LYS I 20 29.17 29.88 29.33
N LEU I 21 30.27 30.48 28.91
CA LEU I 21 31.60 30.03 29.27
C LEU I 21 31.79 30.10 30.77
N ALA I 22 31.32 31.18 31.39
CA ALA I 22 31.37 31.29 32.86
C ALA I 22 30.57 30.19 33.60
N LYS I 23 29.37 29.89 33.09
CA LYS I 23 28.54 28.83 33.63
C LYS I 23 29.24 27.48 33.48
N TYR I 24 29.90 27.26 32.34
CA TYR I 24 30.65 25.98 32.12
C TYR I 24 31.82 25.89 33.12
N ALA I 25 32.57 26.98 33.28
CA ALA I 25 33.66 27.11 34.23
C ALA I 25 33.15 26.75 35.62
N ILE I 26 32.07 27.39 36.07
CA ILE I 26 31.52 27.07 37.40
C ILE I 26 31.28 25.55 37.49
N SER I 27 30.45 25.02 36.58
CA SER I 27 30.15 23.59 36.51
C SER I 27 31.38 22.73 36.60
N ALA I 28 32.50 23.23 36.05
CA ALA I 28 33.76 22.49 36.06
C ALA I 28 34.39 22.41 37.43
N LEU I 29 34.36 23.51 38.18
CA LEU I 29 34.98 23.51 39.53
C LEU I 29 34.26 22.49 40.41
N ASN I 30 33.03 22.13 40.02
CA ASN I 30 32.25 21.22 40.84
C ASN I 30 32.87 19.80 40.82
N TYR I 31 33.98 19.68 40.10
CA TYR I 31 34.77 18.42 40.03
C TYR I 31 36.23 18.78 40.34
N GLU I 32 36.41 20.00 40.88
CA GLU I 32 37.70 20.59 41.15
C GLU I 32 38.63 20.73 39.92
N ASP I 33 38.06 20.46 38.74
CA ASP I 33 38.79 20.55 37.47
C ASP I 33 39.31 21.96 37.23
N LEU I 34 40.45 22.30 37.82
CA LEU I 34 40.98 23.63 37.62
C LEU I 34 41.34 23.89 36.14
N PRO I 35 41.91 22.89 35.43
CA PRO I 35 42.28 23.01 34.01
C PRO I 35 41.20 23.66 33.16
N THR I 36 40.07 22.97 33.01
CA THR I 36 38.94 23.48 32.24
C THR I 36 38.60 24.90 32.66
N ALA I 37 38.42 25.06 33.97
CA ALA I 37 38.07 26.33 34.57
C ALA I 37 38.96 27.46 34.13
N LYS I 38 40.24 27.38 34.49
CA LYS I 38 41.20 28.43 34.15
C LYS I 38 41.18 28.77 32.65
N ASP I 39 40.64 27.86 31.85
CA ASP I 39 40.56 28.04 30.43
C ASP I 39 39.27 28.77 29.98
N GLU I 40 38.10 28.21 30.34
CA GLU I 40 36.80 28.80 30.00
C GLU I 40 36.66 30.18 30.63
N LEU I 41 37.12 30.30 31.88
CA LEU I 41 37.03 31.61 32.58
C LEU I 41 37.90 32.59 31.81
N THR I 42 38.77 32.06 30.95
CA THR I 42 39.72 32.88 30.20
C THR I 42 39.16 33.14 28.80
N LYS I 43 38.81 32.08 28.07
CA LYS I 43 38.23 32.27 26.74
C LYS I 43 37.13 33.32 26.87
N ALA I 44 36.45 33.33 28.02
CA ALA I 44 35.38 34.28 28.32
C ALA I 44 35.90 35.70 28.50
N LEU I 45 36.81 35.89 29.44
CA LEU I 45 37.40 37.21 29.69
C LEU I 45 37.96 37.90 28.43
N ASP I 46 38.78 37.17 27.68
CA ASP I 46 39.37 37.70 26.43
C ASP I 46 38.24 38.25 25.57
N LEU I 47 37.18 37.47 25.45
CA LEU I 47 36.01 37.85 24.66
C LEU I 47 35.26 39.09 25.19
N LEU I 48 35.32 39.36 26.49
CA LEU I 48 34.66 40.54 27.08
C LEU I 48 35.52 41.77 26.74
N ASN I 49 36.73 41.51 26.29
CA ASN I 49 37.63 42.59 25.91
C ASN I 49 37.47 42.75 24.41
N SER I 50 37.03 41.67 23.75
CA SER I 50 36.80 41.69 22.32
C SER I 50 35.55 42.53 22.06
N ILE I 51 34.71 42.69 23.09
CA ILE I 51 33.48 43.50 23.01
C ILE I 51 33.89 44.96 22.72
N ARG J 11 40.33 -42.95 40.66
CA ARG J 11 40.32 -42.40 39.28
C ARG J 11 39.18 -41.37 39.16
N ALA J 12 37.93 -41.82 39.29
CA ALA J 12 36.76 -40.93 39.17
C ALA J 12 36.84 -39.87 40.28
N SER J 13 37.21 -40.29 41.50
CA SER J 13 37.33 -39.35 42.63
C SER J 13 38.41 -38.31 42.29
N LYS J 14 39.53 -38.76 41.71
CA LYS J 14 40.64 -37.83 41.35
C LYS J 14 40.15 -36.82 40.31
N ILE J 15 39.43 -37.27 39.29
CA ILE J 15 38.94 -36.31 38.24
C ILE J 15 37.95 -35.32 38.89
N GLU J 16 37.11 -35.81 39.80
CA GLU J 16 36.11 -34.95 40.49
C GLU J 16 36.85 -33.88 41.31
N GLN J 17 37.94 -34.27 41.97
CA GLN J 17 38.72 -33.35 42.84
C GLN J 17 39.42 -32.27 42.00
N ILE J 18 39.66 -32.51 40.71
CA ILE J 18 40.32 -31.51 39.89
C ILE J 18 39.29 -30.39 39.76
N GLN J 19 38.07 -30.79 39.42
CA GLN J 19 36.99 -29.84 39.25
C GLN J 19 36.78 -29.11 40.55
N LYS J 20 36.83 -29.84 41.66
CA LYS J 20 36.65 -29.23 42.97
C LYS J 20 37.71 -28.15 43.14
N LEU J 21 38.94 -28.44 42.70
CA LEU J 21 40.04 -27.48 42.76
C LEU J 21 39.80 -26.29 41.85
N ALA J 22 39.73 -26.57 40.56
CA ALA J 22 39.46 -25.57 39.55
C ALA J 22 38.25 -24.70 39.87
N LYS J 23 37.38 -25.13 40.78
CA LYS J 23 36.26 -24.28 41.13
C LYS J 23 36.83 -23.29 42.13
N TYR J 24 37.38 -23.82 43.25
CA TYR J 24 37.96 -22.98 44.29
C TYR J 24 38.83 -21.94 43.64
N ALA J 25 39.67 -22.37 42.71
CA ALA J 25 40.52 -21.42 42.00
C ALA J 25 39.67 -20.30 41.43
N ILE J 26 38.63 -20.65 40.65
CA ILE J 26 37.76 -19.60 40.08
C ILE J 26 37.26 -18.71 41.22
N SER J 27 36.58 -19.29 42.21
CA SER J 27 36.05 -18.59 43.38
C SER J 27 37.08 -17.67 43.99
N ALA J 28 38.35 -18.06 43.94
CA ALA J 28 39.44 -17.28 44.50
C ALA J 28 39.72 -16.01 43.71
N LEU J 29 39.70 -16.10 42.39
CA LEU J 29 40.01 -14.92 41.54
C LEU J 29 38.95 -13.86 41.81
N ASN J 30 37.80 -14.27 42.35
CA ASN J 30 36.72 -13.32 42.56
C ASN J 30 37.07 -12.33 43.68
N TYR J 31 38.28 -12.49 44.21
CA TYR J 31 38.85 -11.58 45.25
C TYR J 31 40.23 -11.14 44.76
N GLU J 32 40.49 -11.41 43.48
CA GLU J 32 41.78 -11.19 42.83
C GLU J 32 42.96 -11.95 43.48
N ASP J 33 42.63 -12.85 44.43
CA ASP J 33 43.62 -13.64 45.13
C ASP J 33 44.41 -14.52 44.18
N LEU J 34 45.43 -13.97 43.54
CA LEU J 34 46.23 -14.76 42.62
C LEU J 34 46.93 -15.93 43.32
N PRO J 35 47.47 -15.71 44.54
CA PRO J 35 48.16 -16.75 45.32
C PRO J 35 47.43 -18.08 45.33
N THR J 36 46.26 -18.10 45.99
CA THR J 36 45.42 -19.30 46.07
C THR J 36 45.24 -19.92 44.69
N ALA J 37 44.81 -19.07 43.75
CA ALA J 37 44.56 -19.47 42.39
C ALA J 37 45.70 -20.22 41.76
N LYS J 38 46.83 -19.55 41.60
CA LYS J 38 48.00 -20.17 40.98
C LYS J 38 48.38 -21.50 41.64
N ASP J 39 47.88 -21.72 42.85
CA ASP J 39 48.15 -22.93 43.59
C ASP J 39 47.13 -24.05 43.30
N GLU J 40 45.84 -23.79 43.53
CA GLU J 40 44.76 -24.75 43.28
C GLU J 40 44.71 -25.12 41.80
N LEU J 41 44.90 -24.13 40.93
CA LEU J 41 44.88 -24.39 39.47
C LEU J 41 46.06 -25.33 39.17
N THR J 42 47.00 -25.41 40.13
CA THR J 42 48.21 -26.21 39.94
C THR J 42 48.03 -27.57 40.60
N LYS J 43 47.68 -27.60 41.88
CA LYS J 43 47.45 -28.86 42.55
C LYS J 43 46.54 -29.71 41.66
N ALA J 44 45.62 -29.03 40.94
CA ALA J 44 44.69 -29.66 40.02
C ALA J 44 45.39 -30.24 38.79
N LEU J 45 46.09 -29.38 38.04
CA LEU J 45 46.81 -29.82 36.85
C LEU J 45 47.75 -31.01 37.09
N ASP J 46 48.59 -30.93 38.13
CA ASP J 46 49.52 -32.00 38.48
C ASP J 46 48.72 -33.31 38.57
N LEU J 47 47.59 -33.23 39.27
CA LEU J 47 46.70 -34.37 39.47
C LEU J 47 46.09 -34.93 38.17
N LEU J 48 45.90 -34.09 37.15
CA LEU J 48 45.34 -34.53 35.86
C LEU J 48 46.44 -35.27 35.09
N ASN J 49 47.67 -35.12 35.58
CA ASN J 49 48.79 -35.79 34.97
C ASN J 49 49.00 -37.07 35.76
N SER J 50 48.54 -37.04 37.02
CA SER J 50 48.63 -38.20 37.90
C SER J 50 47.64 -39.26 37.40
N ILE J 51 46.63 -38.81 36.64
CA ILE J 51 45.60 -39.69 36.04
C ILE J 51 46.31 -40.65 35.08
N LYS K 2 42.65 7.47 32.51
CA LYS K 2 42.39 6.64 31.30
C LYS K 2 43.37 5.46 31.25
N ASP K 3 44.64 5.73 31.54
CA ASP K 3 45.69 4.72 31.49
C ASP K 3 45.67 3.79 32.70
N GLU K 4 45.30 4.33 33.87
CA GLU K 4 45.10 3.54 35.08
C GLU K 4 43.87 2.66 34.93
N LEU K 5 42.88 3.18 34.18
CA LEU K 5 41.63 2.45 33.83
C LEU K 5 41.96 1.30 32.87
N THR K 6 42.77 1.58 31.84
CA THR K 6 43.26 0.56 30.89
C THR K 6 43.95 -0.57 31.66
N LYS K 7 44.69 -0.22 32.71
CA LYS K 7 45.43 -1.18 33.52
C LYS K 7 44.52 -2.11 34.36
N ILE K 8 43.56 -1.53 35.07
CA ILE K 8 42.64 -2.30 35.92
C ILE K 8 41.69 -3.16 35.08
N MET K 9 41.19 -2.58 33.98
CA MET K 9 40.31 -3.31 33.03
C MET K 9 41.10 -4.43 32.34
N ASP K 10 42.35 -4.14 31.94
CA ASP K 10 43.20 -5.11 31.21
C ASP K 10 43.47 -6.36 32.08
N ARG K 11 43.78 -6.16 33.36
CA ARG K 11 44.03 -7.28 34.28
C ARG K 11 42.72 -7.99 34.63
N ALA K 12 41.66 -7.20 34.81
CA ALA K 12 40.31 -7.71 35.06
C ALA K 12 39.86 -8.59 33.91
N SER K 13 40.18 -8.16 32.69
CA SER K 13 39.87 -8.95 31.49
C SER K 13 40.64 -10.27 31.48
N LYS K 14 41.93 -10.24 31.82
CA LYS K 14 42.73 -11.47 31.87
C LYS K 14 42.19 -12.44 32.90
N ILE K 15 41.85 -11.92 34.08
CA ILE K 15 41.27 -12.76 35.14
C ILE K 15 39.96 -13.44 34.67
N GLU K 16 39.09 -12.69 34.00
CA GLU K 16 37.86 -13.24 33.41
C GLU K 16 38.19 -14.38 32.46
N GLN K 17 39.23 -14.21 31.64
CA GLN K 17 39.63 -15.23 30.66
C GLN K 17 40.17 -16.49 31.33
N ILE K 18 40.95 -16.33 32.39
CA ILE K 18 41.47 -17.44 33.17
C ILE K 18 40.32 -18.25 33.77
N GLN K 19 39.34 -17.55 34.37
CA GLN K 19 38.17 -18.20 34.94
C GLN K 19 37.33 -18.92 33.86
N LYS K 20 37.19 -18.31 32.68
CA LYS K 20 36.49 -18.92 31.56
C LYS K 20 37.17 -20.25 31.16
N LEU K 21 38.48 -20.21 31.02
CA LEU K 21 39.25 -21.40 30.63
C LEU K 21 39.10 -22.49 31.65
N ALA K 22 39.12 -22.13 32.94
CA ALA K 22 38.88 -23.12 34.00
C ALA K 22 37.48 -23.77 33.94
N LYS K 23 36.46 -22.94 33.68
CA LYS K 23 35.10 -23.41 33.53
C LYS K 23 34.99 -24.35 32.33
N TYR K 24 35.68 -24.02 31.23
CA TYR K 24 35.69 -24.88 30.02
C TYR K 24 36.34 -26.23 30.34
N ALA K 25 37.50 -26.20 31.02
CA ALA K 25 38.22 -27.35 31.50
C ALA K 25 37.30 -28.24 32.32
N ILE K 26 36.64 -27.66 33.33
CA ILE K 26 35.71 -28.44 34.16
C ILE K 26 34.71 -29.15 33.23
N SER K 27 33.96 -28.36 32.46
CA SER K 27 32.97 -28.85 31.50
C SER K 27 33.51 -30.00 30.66
N ALA K 28 34.81 -29.95 30.35
CA ALA K 28 35.46 -30.98 29.54
C ALA K 28 35.59 -32.31 30.27
N LEU K 29 35.97 -32.25 31.55
CA LEU K 29 36.17 -33.50 32.32
C LEU K 29 34.83 -34.24 32.40
N ASN K 30 33.73 -33.52 32.17
CA ASN K 30 32.42 -34.13 32.30
C ASN K 30 32.19 -35.15 31.16
N TYR K 31 33.20 -35.31 30.31
CA TYR K 31 33.21 -36.29 29.19
C TYR K 31 34.50 -37.09 29.31
N GLU K 32 35.16 -36.94 30.46
CA GLU K 32 36.48 -37.51 30.74
C GLU K 32 37.60 -37.07 29.76
N ASP K 33 37.27 -36.09 28.91
CA ASP K 33 38.20 -35.54 27.93
C ASP K 33 39.42 -34.95 28.60
N LEU K 34 40.40 -35.78 28.96
CA LEU K 34 41.59 -35.26 29.61
C LEU K 34 42.36 -34.29 28.69
N PRO K 35 42.47 -34.59 27.38
CA PRO K 35 43.17 -33.75 26.41
C PRO K 35 42.83 -32.27 26.53
N THR K 36 41.58 -31.91 26.22
CA THR K 36 41.10 -30.55 26.33
C THR K 36 41.47 -29.94 27.69
N ALA K 37 41.10 -30.68 28.73
CA ALA K 37 41.34 -30.28 30.10
C ALA K 37 42.77 -29.87 30.36
N LYS K 38 43.69 -30.83 30.23
CA LYS K 38 45.11 -30.57 30.49
C LYS K 38 45.63 -29.36 29.71
N ASP K 39 44.89 -28.98 28.67
CA ASP K 39 45.25 -27.85 27.83
C ASP K 39 44.69 -26.51 28.35
N GLU K 40 43.36 -26.42 28.49
CA GLU K 40 42.68 -25.21 29.00
C GLU K 40 43.14 -24.89 30.42
N LEU K 41 43.29 -25.94 31.24
CA LEU K 41 43.74 -25.72 32.63
C LEU K 41 45.14 -25.12 32.55
N THR K 42 45.79 -25.28 31.40
CA THR K 42 47.16 -24.84 31.21
C THR K 42 47.18 -23.45 30.58
N LYS K 43 46.51 -23.29 29.44
CA LYS K 43 46.45 -21.98 28.81
C LYS K 43 46.07 -20.96 29.89
N ALA K 44 45.24 -21.40 30.84
CA ALA K 44 44.79 -20.58 31.97
C ALA K 44 45.93 -20.25 32.94
N LEU K 45 46.55 -21.29 33.49
CA LEU K 45 47.66 -21.11 34.42
C LEU K 45 48.78 -20.19 33.89
N ASP K 46 49.24 -20.45 32.67
CA ASP K 46 50.30 -19.64 32.04
C ASP K 46 49.87 -18.18 32.12
N LEU K 47 48.62 -17.93 31.75
CA LEU K 47 48.05 -16.59 31.78
C LEU K 47 47.97 -15.94 33.16
N LEU K 48 47.85 -16.74 34.23
CA LEU K 48 47.80 -16.21 35.61
C LEU K 48 49.23 -15.82 36.02
N ASN K 49 50.19 -16.26 35.22
CA ASN K 49 51.58 -15.93 35.48
C ASN K 49 51.88 -14.73 34.61
N SER K 50 51.11 -14.59 33.53
CA SER K 50 51.27 -13.46 32.62
C SER K 50 50.76 -12.20 33.32
N ILE K 51 49.91 -12.40 34.34
CA ILE K 51 49.35 -11.30 35.16
C ILE K 51 50.52 -10.59 35.87
N ARG L 11 8.94 -71.66 -15.01
CA ARG L 11 9.49 -70.40 -15.56
C ARG L 11 9.05 -69.22 -14.67
N ALA L 12 7.74 -68.96 -14.62
CA ALA L 12 7.21 -67.84 -13.80
C ALA L 12 7.55 -68.10 -12.33
N SER L 13 7.39 -69.34 -11.87
CA SER L 13 7.70 -69.67 -10.46
C SER L 13 9.19 -69.41 -10.21
N LYS L 14 10.05 -69.80 -11.15
CA LYS L 14 11.52 -69.60 -11.01
C LYS L 14 11.84 -68.10 -10.93
N ILE L 15 11.23 -67.28 -11.79
CA ILE L 15 11.52 -65.82 -11.74
C ILE L 15 11.01 -65.24 -10.41
N GLU L 16 9.85 -65.70 -9.95
CA GLU L 16 9.24 -65.21 -8.68
C GLU L 16 10.07 -65.68 -7.48
N GLN L 17 10.95 -66.66 -7.68
CA GLN L 17 11.77 -67.15 -6.58
C GLN L 17 13.14 -66.46 -6.49
N ILE L 18 13.57 -65.86 -7.58
CA ILE L 18 14.83 -65.15 -7.58
C ILE L 18 14.61 -63.96 -6.69
N GLN L 19 13.49 -63.27 -6.93
CA GLN L 19 13.14 -62.10 -6.16
C GLN L 19 13.01 -62.50 -4.71
N LYS L 20 12.39 -63.66 -4.46
CA LYS L 20 12.23 -64.14 -3.10
C LYS L 20 13.59 -64.26 -2.46
N LEU L 21 14.56 -64.76 -3.23
CA LEU L 21 15.95 -64.91 -2.76
C LEU L 21 16.59 -63.56 -2.51
N ALA L 22 16.72 -62.79 -3.58
CA ALA L 22 17.28 -61.45 -3.53
C ALA L 22 16.65 -60.58 -2.44
N LYS L 23 15.49 -60.96 -1.93
CA LYS L 23 14.90 -60.17 -0.86
C LYS L 23 15.63 -60.66 0.40
N TYR L 24 15.51 -61.96 0.69
CA TYR L 24 16.15 -62.56 1.85
C TYR L 24 17.58 -62.06 1.94
N ALA L 25 18.29 -62.07 0.82
CA ALA L 25 19.64 -61.58 0.80
C ALA L 25 19.67 -60.17 1.37
N ILE L 26 18.85 -59.27 0.82
CA ILE L 26 18.81 -57.89 1.34
C ILE L 26 18.57 -57.94 2.86
N SER L 27 17.45 -58.54 3.27
CA SER L 27 17.09 -58.69 4.67
C SER L 27 18.23 -59.19 5.52
N ALA L 28 19.09 -60.03 4.93
CA ALA L 28 20.25 -60.60 5.63
C ALA L 28 21.33 -59.56 5.89
N LEU L 29 21.61 -58.71 4.92
CA LEU L 29 22.68 -57.70 5.08
C LEU L 29 22.29 -56.77 6.24
N ASN L 30 21.00 -56.74 6.57
CA ASN L 30 20.55 -55.82 7.62
C ASN L 30 21.06 -56.27 8.99
N TYR L 31 21.83 -57.36 9.00
CA TYR L 31 22.49 -57.92 10.20
C TYR L 31 23.98 -58.09 9.87
N GLU L 32 24.39 -57.48 8.75
CA GLU L 32 25.72 -57.63 8.17
C GLU L 32 26.12 -59.09 7.84
N ASP L 33 25.15 -60.00 7.94
CA ASP L 33 25.37 -61.41 7.65
C ASP L 33 25.81 -61.62 6.22
N LEU L 34 27.10 -61.45 5.95
CA LEU L 34 27.58 -61.65 4.59
C LEU L 34 27.37 -63.09 4.12
N PRO L 35 27.61 -64.10 4.99
CA PRO L 35 27.44 -65.52 4.66
C PRO L 35 26.14 -65.83 3.91
N THR L 36 25.01 -65.65 4.60
CA THR L 36 23.70 -65.86 4.00
C THR L 36 23.58 -65.15 2.66
N ALA L 37 23.90 -63.86 2.70
CA ALA L 37 23.85 -63.00 1.53
C ALA L 37 24.56 -63.56 0.33
N LYS L 38 25.87 -63.72 0.44
CA LYS L 38 26.68 -64.23 -0.66
C LYS L 38 26.12 -65.56 -1.22
N ASP L 39 25.29 -66.22 -0.42
CA ASP L 39 24.69 -67.48 -0.81
C ASP L 39 23.37 -67.31 -1.57
N GLU L 40 22.39 -66.64 -0.94
CA GLU L 40 21.07 -66.39 -1.54
C GLU L 40 21.23 -65.55 -2.82
N LEU L 41 22.12 -64.55 -2.77
CA LEU L 41 22.33 -63.70 -3.95
C LEU L 41 22.89 -64.60 -5.06
N THR L 42 23.38 -65.77 -4.67
CA THR L 42 24.01 -66.69 -5.61
C THR L 42 22.99 -67.74 -6.06
N LYS L 43 22.36 -68.43 -5.11
CA LYS L 43 21.34 -69.41 -5.48
C LYS L 43 20.39 -68.74 -6.48
N ALA L 44 20.19 -67.43 -6.31
CA ALA L 44 19.33 -66.63 -7.18
C ALA L 44 19.93 -66.46 -8.57
N LEU L 45 21.12 -65.90 -8.65
CA LEU L 45 21.81 -65.69 -9.92
C LEU L 45 21.90 -66.96 -10.79
N ASP L 46 22.36 -68.06 -10.20
CA ASP L 46 22.48 -69.35 -10.92
C ASP L 46 21.13 -69.65 -11.56
N LEU L 47 20.06 -69.48 -10.78
CA LEU L 47 18.70 -69.71 -11.26
C LEU L 47 18.24 -68.79 -12.39
N LEU L 48 18.79 -67.58 -12.47
CA LEU L 48 18.43 -66.63 -13.54
C LEU L 48 19.14 -67.07 -14.83
N ASN L 49 20.10 -67.98 -14.66
CA ASN L 49 20.83 -68.50 -15.79
C ASN L 49 20.14 -69.80 -16.16
N SER L 50 19.46 -70.40 -15.18
CA SER L 50 18.71 -71.62 -15.41
C SER L 50 17.49 -71.29 -16.26
N ILE L 51 17.09 -70.01 -16.25
CA ILE L 51 15.95 -69.51 -17.04
C ILE L 51 16.28 -69.72 -18.53
N LYS M 2 38.69 -41.62 13.80
CA LYS M 2 38.36 -41.10 12.43
C LYS M 2 38.56 -42.18 11.38
N ASP M 3 39.67 -42.90 11.48
CA ASP M 3 40.03 -43.96 10.52
C ASP M 3 39.21 -45.23 10.71
N GLU M 4 38.89 -45.55 11.98
CA GLU M 4 38.00 -46.66 12.30
C GLU M 4 36.58 -46.35 11.87
N LEU M 5 36.23 -45.05 11.94
CA LEU M 5 34.92 -44.53 11.45
C LEU M 5 34.86 -44.64 9.91
N THR M 6 35.93 -44.23 9.22
CA THR M 6 36.05 -44.36 7.78
C THR M 6 35.83 -45.82 7.36
N LYS M 7 36.36 -46.74 8.17
CA LYS M 7 36.25 -48.18 7.90
C LYS M 7 34.82 -48.73 8.02
N ILE M 8 34.14 -48.41 9.12
CA ILE M 8 32.78 -48.89 9.38
C ILE M 8 31.78 -48.24 8.41
N MET M 9 31.95 -46.95 8.17
CA MET M 9 31.12 -46.17 7.22
C MET M 9 31.33 -46.67 5.79
N ASP M 10 32.59 -46.96 5.43
CA ASP M 10 32.95 -47.41 4.06
C ASP M 10 32.31 -48.78 3.75
N ARG M 11 32.38 -49.72 4.69
CA ARG M 11 31.78 -51.04 4.50
C ARG M 11 30.25 -50.93 4.54
N ALA M 12 29.75 -50.09 5.44
CA ALA M 12 28.31 -49.81 5.55
C ALA M 12 27.79 -49.23 4.25
N SER M 13 28.58 -48.36 3.64
CA SER M 13 28.24 -47.79 2.33
C SER M 13 28.19 -48.86 1.23
N LYS M 14 29.17 -49.76 1.22
CA LYS M 14 29.17 -50.84 0.22
C LYS M 14 27.97 -51.74 0.38
N ILE M 15 27.66 -52.10 1.63
CA ILE M 15 26.48 -52.94 1.91
C ILE M 15 25.18 -52.27 1.39
N GLU M 16 25.03 -50.96 1.64
CA GLU M 16 23.89 -50.20 1.13
C GLU M 16 23.82 -50.29 -0.39
N GLN M 17 24.97 -50.20 -1.07
CA GLN M 17 25.01 -50.28 -2.53
C GLN M 17 24.64 -51.66 -3.07
N ILE M 18 25.09 -52.71 -2.39
CA ILE M 18 24.74 -54.09 -2.73
C ILE M 18 23.23 -54.28 -2.62
N GLN M 19 22.65 -53.81 -1.52
CA GLN M 19 21.20 -53.91 -1.33
C GLN M 19 20.42 -53.09 -2.39
N LYS M 20 20.92 -51.91 -2.74
CA LYS M 20 20.33 -51.09 -3.78
C LYS M 20 20.30 -51.85 -5.12
N LEU M 21 21.43 -52.44 -5.48
CA LEU M 21 21.55 -53.18 -6.74
C LEU M 21 20.60 -54.35 -6.76
N ALA M 22 20.47 -55.05 -5.63
CA ALA M 22 19.49 -56.14 -5.53
C ALA M 22 18.03 -55.68 -5.71
N LYS M 23 17.69 -54.55 -5.10
CA LYS M 23 16.37 -53.95 -5.23
C LYS M 23 16.11 -53.56 -6.68
N TYR M 24 17.13 -53.02 -7.36
CA TYR M 24 17.00 -52.64 -8.80
C TYR M 24 16.76 -53.90 -9.65
N ALA M 25 17.55 -54.95 -9.41
CA ALA M 25 17.44 -56.25 -10.04
C ALA M 25 16.01 -56.75 -9.88
N ILE M 26 15.51 -56.80 -8.64
CA ILE M 26 14.12 -57.27 -8.42
C ILE M 26 13.17 -56.45 -9.32
N SER M 27 13.18 -55.13 -9.15
CA SER M 27 12.36 -54.21 -9.94
C SER M 27 12.42 -54.50 -11.42
N ALA M 28 13.60 -54.97 -11.88
CA ALA M 28 13.81 -55.29 -13.29
C ALA M 28 13.05 -56.53 -13.73
N LEU M 29 13.05 -57.57 -12.90
CA LEU M 29 12.37 -58.83 -13.27
C LEU M 29 10.88 -58.55 -13.44
N ASN M 30 10.41 -57.44 -12.86
CA ASN M 30 8.98 -57.14 -12.92
C ASN M 30 8.56 -56.75 -14.35
N TYR M 31 9.54 -56.80 -15.26
CA TYR M 31 9.31 -56.55 -16.70
C TYR M 31 9.96 -57.71 -17.46
N GLU M 32 10.26 -58.78 -16.72
CA GLU M 32 10.97 -59.95 -17.22
C GLU M 32 12.37 -59.66 -17.81
N ASP M 33 12.82 -58.42 -17.65
CA ASP M 33 14.12 -57.98 -18.17
C ASP M 33 15.25 -58.77 -17.54
N LEU M 34 15.53 -59.95 -18.08
CA LEU M 34 16.60 -60.76 -17.53
C LEU M 34 17.97 -60.05 -17.66
N PRO M 35 18.24 -59.38 -18.81
CA PRO M 35 19.50 -58.67 -19.04
C PRO M 35 19.95 -57.82 -17.86
N THR M 36 19.18 -56.77 -17.56
CA THR M 36 19.47 -55.89 -16.42
C THR M 36 19.73 -56.70 -15.16
N ALA M 37 18.78 -57.59 -14.87
CA ALA M 37 18.84 -58.44 -13.70
C ALA M 37 20.15 -59.17 -13.55
N LYS M 38 20.48 -60.00 -14.54
CA LYS M 38 21.69 -60.87 -14.41
C LYS M 38 22.90 -59.97 -14.18
N ASP M 39 22.77 -58.70 -14.55
CA ASP M 39 23.87 -57.75 -14.43
C ASP M 39 23.96 -57.13 -13.03
N GLU M 40 22.89 -56.47 -12.58
CA GLU M 40 22.82 -55.84 -11.26
C GLU M 40 23.00 -56.88 -10.15
N LEU M 41 22.37 -58.04 -10.35
CA LEU M 41 22.47 -59.12 -9.33
C LEU M 41 23.94 -59.53 -9.28
N THR M 42 24.70 -59.15 -10.32
CA THR M 42 26.11 -59.53 -10.43
C THR M 42 26.99 -58.41 -9.92
N LYS M 43 26.82 -57.20 -10.44
CA LYS M 43 27.61 -56.07 -9.96
C LYS M 43 27.54 -56.09 -8.43
N ALA M 44 26.39 -56.52 -7.89
CA ALA M 44 26.15 -56.62 -6.46
C ALA M 44 27.01 -57.72 -5.81
N LEU M 45 26.85 -58.95 -6.28
CA LEU M 45 27.60 -60.08 -5.76
C LEU M 45 29.13 -59.85 -5.73
N ASP M 46 29.68 -59.41 -6.85
CA ASP M 46 31.13 -59.14 -6.95
C ASP M 46 31.51 -58.21 -5.80
N LEU M 47 30.71 -57.18 -5.59
CA LEU M 47 30.92 -56.20 -4.54
C LEU M 47 30.83 -56.78 -3.11
N LEU M 48 30.05 -57.84 -2.91
CA LEU M 48 29.93 -58.48 -1.59
C LEU M 48 31.19 -59.31 -1.34
N ASN M 49 31.96 -59.51 -2.40
CA ASN M 49 33.19 -60.26 -2.29
C ASN M 49 34.29 -59.21 -2.14
N SER M 50 34.01 -58.00 -2.61
CA SER M 50 34.95 -56.90 -2.48
C SER M 50 34.99 -56.48 -1.02
N ILE M 51 33.94 -56.81 -0.27
CA ILE M 51 33.83 -56.50 1.17
C ILE M 51 34.97 -57.25 1.90
N ARG N 11 -19.81 -29.19 -64.67
CA ARG N 11 -18.66 -28.43 -64.12
C ARG N 11 -18.69 -28.47 -62.59
N ALA N 12 -19.73 -27.89 -61.99
CA ALA N 12 -19.88 -27.86 -60.52
C ALA N 12 -19.97 -29.29 -59.99
N SER N 13 -20.73 -30.14 -60.69
CA SER N 13 -20.88 -31.55 -60.27
C SER N 13 -19.50 -32.23 -60.32
N LYS N 14 -18.72 -31.96 -61.37
CA LYS N 14 -17.38 -32.56 -61.51
C LYS N 14 -16.47 -32.10 -60.37
N ILE N 15 -16.50 -30.80 -60.03
CA ILE N 15 -15.62 -30.32 -58.91
C ILE N 15 -16.07 -30.98 -57.60
N GLU N 16 -17.38 -31.13 -57.40
CA GLU N 16 -17.92 -31.77 -56.16
C GLU N 16 -17.42 -33.21 -56.10
N GLN N 17 -17.44 -33.91 -57.24
CA GLN N 17 -16.99 -35.32 -57.32
C GLN N 17 -15.49 -35.37 -56.97
N ILE N 18 -14.71 -34.42 -57.48
CA ILE N 18 -13.25 -34.38 -57.19
C ILE N 18 -13.07 -34.36 -55.67
N GLN N 19 -13.67 -33.36 -55.00
CA GLN N 19 -13.59 -33.24 -53.57
C GLN N 19 -14.13 -34.50 -52.95
N LYS N 20 -15.24 -35.01 -53.48
CA LYS N 20 -15.84 -36.22 -52.97
C LYS N 20 -14.81 -37.34 -53.02
N LEU N 21 -14.05 -37.38 -54.13
CA LEU N 21 -12.99 -38.37 -54.31
C LEU N 21 -11.85 -38.17 -53.32
N ALA N 22 -11.21 -37.01 -53.44
CA ALA N 22 -10.13 -36.62 -52.57
C ALA N 22 -10.47 -36.78 -51.08
N LYS N 23 -11.75 -36.88 -50.74
CA LYS N 23 -12.08 -37.09 -49.35
C LYS N 23 -11.89 -38.59 -49.13
N TYR N 24 -12.62 -39.41 -49.89
CA TYR N 24 -12.54 -40.86 -49.78
C TYR N 24 -11.08 -41.25 -49.73
N ALA N 25 -10.28 -40.68 -50.63
CA ALA N 25 -8.86 -40.97 -50.62
C ALA N 25 -8.29 -40.73 -49.23
N ILE N 26 -8.51 -39.54 -48.69
CA ILE N 26 -8.01 -39.24 -47.33
C ILE N 26 -8.50 -40.34 -46.37
N SER N 27 -9.83 -40.50 -46.27
CA SER N 27 -10.46 -41.51 -45.42
C SER N 27 -9.81 -42.87 -45.58
N ALA N 28 -9.35 -43.18 -46.80
CA ALA N 28 -8.71 -44.46 -47.09
C ALA N 28 -7.35 -44.60 -46.44
N LEU N 29 -6.54 -43.54 -46.48
CA LEU N 29 -5.17 -43.60 -45.91
C LEU N 29 -5.29 -43.87 -44.40
N ASN N 30 -6.47 -43.60 -43.83
CA ASN N 30 -6.64 -43.76 -42.40
C ASN N 30 -6.63 -45.25 -42.01
N TYR N 31 -6.44 -46.10 -43.03
CA TYR N 31 -6.32 -47.58 -42.87
C TYR N 31 -5.05 -48.00 -43.60
N GLU N 32 -4.22 -47.01 -43.94
CA GLU N 32 -3.02 -47.18 -44.75
C GLU N 32 -3.26 -47.80 -46.16
N ASP N 33 -4.54 -47.94 -46.51
CA ASP N 33 -4.95 -48.50 -47.80
C ASP N 33 -4.40 -47.68 -48.95
N LEU N 34 -3.15 -47.90 -49.34
CA LEU N 34 -2.59 -47.15 -50.44
C LEU N 34 -3.35 -47.40 -51.76
N PRO N 35 -3.73 -48.67 -52.04
CA PRO N 35 -4.48 -49.05 -53.25
C PRO N 35 -5.61 -48.09 -53.59
N THR N 36 -6.64 -48.09 -52.75
CA THR N 36 -7.79 -47.20 -52.92
C THR N 36 -7.33 -45.77 -53.17
N ALA N 37 -6.47 -45.29 -52.27
CA ALA N 37 -5.94 -43.94 -52.34
C ALA N 37 -5.37 -43.58 -53.69
N LYS N 38 -4.35 -44.32 -54.13
CA LYS N 38 -3.65 -43.95 -55.38
C LYS N 38 -4.67 -43.92 -56.51
N ASP N 39 -5.79 -44.60 -56.32
CA ASP N 39 -6.82 -44.69 -57.34
C ASP N 39 -7.77 -43.48 -57.33
N GLU N 40 -8.43 -43.24 -56.19
CA GLU N 40 -9.37 -42.12 -56.02
C GLU N 40 -8.64 -40.79 -56.21
N LEU N 41 -7.42 -40.70 -55.68
CA LEU N 41 -6.63 -39.45 -55.82
C LEU N 41 -6.35 -39.26 -57.31
N THR N 42 -6.55 -40.34 -58.08
CA THR N 42 -6.24 -40.32 -59.52
C THR N 42 -7.52 -40.08 -60.29
N LYS N 43 -8.55 -40.89 -60.07
CA LYS N 43 -9.83 -40.68 -60.76
C LYS N 43 -10.18 -39.19 -60.61
N ALA N 44 -9.81 -38.60 -59.49
CA ALA N 44 -10.04 -37.19 -59.19
C ALA N 44 -9.19 -36.27 -60.09
N LEU N 45 -7.88 -36.43 -60.02
CA LEU N 45 -6.97 -35.62 -60.84
C LEU N 45 -7.32 -35.61 -62.33
N ASP N 46 -7.52 -36.79 -62.92
CA ASP N 46 -7.87 -36.92 -64.35
C ASP N 46 -9.07 -36.02 -64.61
N LEU N 47 -10.06 -36.11 -63.73
CA LEU N 47 -11.29 -35.31 -63.83
C LEU N 47 -11.07 -33.80 -63.71
N LEU N 48 -10.03 -33.35 -63.00
CA LEU N 48 -9.73 -31.92 -62.86
C LEU N 48 -9.08 -31.44 -64.16
N ASN N 49 -8.68 -32.39 -64.99
CA ASN N 49 -8.08 -32.08 -66.27
C ASN N 49 -9.22 -32.15 -67.29
N SER N 50 -10.24 -32.92 -66.95
CA SER N 50 -11.42 -33.05 -67.80
C SER N 50 -12.19 -31.74 -67.75
N ILE N 51 -11.97 -30.95 -66.69
CA ILE N 51 -12.61 -29.64 -66.49
C ILE N 51 -12.16 -28.73 -67.66
N LYS O 2 14.60 -48.88 -32.81
CA LYS O 2 14.78 -47.45 -33.17
C LYS O 2 14.65 -47.25 -34.68
N ASP O 3 15.27 -48.13 -35.45
CA ASP O 3 15.27 -48.06 -36.91
C ASP O 3 13.94 -48.50 -37.53
N GLU O 4 13.31 -49.50 -36.91
CA GLU O 4 11.98 -49.95 -37.30
C GLU O 4 10.95 -48.87 -36.96
N LEU O 5 11.22 -48.14 -35.87
CA LEU O 5 10.40 -46.98 -35.42
C LEU O 5 10.55 -45.83 -36.43
N THR O 6 11.79 -45.53 -36.83
CA THR O 6 12.08 -44.52 -37.84
C THR O 6 11.31 -44.83 -39.13
N LYS O 7 11.21 -46.12 -39.47
CA LYS O 7 10.51 -46.58 -40.68
C LYS O 7 8.99 -46.37 -40.63
N ILE O 8 8.36 -46.78 -39.54
CA ILE O 8 6.90 -46.67 -39.37
C ILE O 8 6.47 -45.20 -39.22
N MET O 9 7.27 -44.44 -38.46
CA MET O 9 7.04 -42.98 -38.26
C MET O 9 7.25 -42.24 -39.59
N ASP O 10 8.29 -42.61 -40.33
CA ASP O 10 8.65 -41.92 -41.60
C ASP O 10 7.53 -42.09 -42.64
N ARG O 11 6.99 -43.31 -42.76
CA ARG O 11 5.89 -43.56 -43.70
C ARG O 11 4.60 -42.92 -43.20
N ALA O 12 4.38 -43.00 -41.89
CA ALA O 12 3.23 -42.36 -41.23
C ALA O 12 3.26 -40.86 -41.47
N SER O 13 4.45 -40.29 -41.39
CA SER O 13 4.63 -38.85 -41.68
C SER O 13 4.29 -38.52 -43.13
N LYS O 14 4.75 -39.34 -44.08
CA LYS O 14 4.44 -39.11 -45.50
C LYS O 14 2.94 -39.19 -45.75
N ILE O 15 2.29 -40.20 -45.17
CA ILE O 15 0.84 -40.34 -45.31
C ILE O 15 0.10 -39.10 -44.79
N GLU O 16 0.51 -38.59 -43.62
CA GLU O 16 -0.05 -37.35 -43.06
C GLU O 16 0.10 -36.19 -44.06
N GLN O 17 1.26 -36.10 -44.71
CA GLN O 17 1.53 -35.03 -45.67
C GLN O 17 0.66 -35.14 -46.92
N ILE O 18 0.47 -36.36 -47.41
CA ILE O 18 -0.40 -36.64 -48.54
C ILE O 18 -1.83 -36.20 -48.24
N GLN O 19 -2.32 -36.58 -47.06
CA GLN O 19 -3.66 -36.19 -46.62
C GLN O 19 -3.80 -34.67 -46.47
N LYS O 20 -2.76 -34.02 -45.94
CA LYS O 20 -2.73 -32.56 -45.81
C LYS O 20 -2.87 -31.89 -47.19
N LEU O 21 -2.08 -32.36 -48.15
CA LEU O 21 -2.09 -31.81 -49.49
C LEU O 21 -3.45 -31.99 -50.14
N ALA O 22 -4.08 -33.15 -49.93
CA ALA O 22 -5.45 -33.36 -50.42
C ALA O 22 -6.49 -32.40 -49.80
N LYS O 23 -6.38 -32.18 -48.49
CA LYS O 23 -7.24 -31.25 -47.78
C LYS O 23 -7.05 -29.83 -48.32
N TYR O 24 -5.79 -29.45 -48.58
CA TYR O 24 -5.50 -28.10 -49.16
C TYR O 24 -6.12 -27.97 -50.56
N ALA O 25 -5.94 -29.00 -51.40
CA ALA O 25 -6.52 -29.10 -52.72
C ALA O 25 -8.03 -28.90 -52.62
N ILE O 26 -8.70 -29.68 -51.77
CA ILE O 26 -10.17 -29.52 -51.61
C ILE O 26 -10.46 -28.04 -51.31
N SER O 27 -9.89 -27.52 -50.22
CA SER O 27 -10.06 -26.13 -49.80
C SER O 27 -9.88 -25.16 -50.95
N ALA O 28 -8.98 -25.51 -51.89
CA ALA O 28 -8.70 -24.66 -53.04
C ALA O 28 -9.84 -24.61 -54.04
N LEU O 29 -10.46 -25.77 -54.30
CA LEU O 29 -11.56 -25.84 -55.29
C LEU O 29 -12.71 -24.96 -54.80
N ASN O 30 -12.73 -24.67 -53.49
CA ASN O 30 -13.83 -23.91 -52.93
C ASN O 30 -13.78 -22.44 -53.41
N TYR O 31 -12.77 -22.15 -54.25
CA TYR O 31 -12.59 -20.83 -54.89
C TYR O 31 -12.43 -21.08 -56.39
N GLU O 32 -12.79 -22.30 -56.81
CA GLU O 32 -12.62 -22.78 -58.18
C GLU O 32 -11.16 -22.74 -58.70
N ASP O 33 -10.23 -22.43 -57.79
CA ASP O 33 -8.81 -22.35 -58.11
C ASP O 33 -8.29 -23.67 -58.63
N LEU O 34 -8.48 -23.96 -59.92
CA LEU O 34 -7.99 -25.21 -60.46
C LEU O 34 -6.46 -25.32 -60.38
N PRO O 35 -5.73 -24.21 -60.65
CA PRO O 35 -4.26 -24.19 -60.59
C PRO O 35 -3.68 -24.88 -59.35
N THR O 36 -3.93 -24.28 -58.19
CA THR O 36 -3.47 -24.83 -56.91
C THR O 36 -3.84 -26.32 -56.81
N ALA O 37 -5.12 -26.59 -57.03
CA ALA O 37 -5.65 -27.93 -56.97
C ALA O 37 -4.87 -28.93 -57.77
N LYS O 38 -4.85 -28.75 -59.08
CA LYS O 38 -4.14 -29.69 -59.97
C LYS O 38 -2.68 -29.91 -59.55
N ASP O 39 -2.18 -29.00 -58.72
CA ASP O 39 -0.81 -29.07 -58.23
C ASP O 39 -0.69 -29.88 -56.93
N GLU O 40 -1.42 -29.47 -55.88
CA GLU O 40 -1.41 -30.15 -54.58
C GLU O 40 -1.92 -31.59 -54.73
N LEU O 41 -2.96 -31.75 -55.54
CA LEU O 41 -3.53 -33.11 -55.76
C LEU O 41 -2.43 -33.94 -56.42
N THR O 42 -1.42 -33.27 -56.97
CA THR O 42 -0.34 -33.93 -57.69
C THR O 42 0.85 -34.13 -56.77
N LYS O 43 1.34 -33.06 -56.15
CA LYS O 43 2.46 -33.20 -55.22
C LYS O 43 2.13 -34.36 -54.28
N ALA O 44 0.84 -34.53 -53.97
CA ALA O 44 0.33 -35.59 -53.10
C ALA O 44 0.46 -36.97 -53.75
N LEU O 45 -0.15 -37.14 -54.91
CA LEU O 45 -0.08 -38.41 -55.63
C LEU O 45 1.34 -38.94 -55.84
N ASP O 46 2.24 -38.08 -56.35
CA ASP O 46 3.64 -38.45 -56.59
C ASP O 46 4.19 -39.04 -55.29
N LEU O 47 3.92 -38.36 -54.19
CA LEU O 47 4.37 -38.78 -52.86
C LEU O 47 3.78 -40.13 -52.40
N LEU O 48 2.58 -40.49 -52.86
CA LEU O 48 1.96 -41.77 -52.50
C LEU O 48 2.64 -42.89 -53.29
N ASN O 49 3.41 -42.48 -54.29
CA ASN O 49 4.14 -43.43 -55.11
C ASN O 49 5.54 -43.48 -54.52
N SER O 50 5.92 -42.40 -53.84
CA SER O 50 7.22 -42.34 -53.19
C SER O 50 7.20 -43.28 -51.98
N ILE O 51 5.99 -43.59 -51.50
CA ILE O 51 5.79 -44.52 -50.36
C ILE O 51 6.33 -45.89 -50.77
N ARG P 11 -17.26 43.37 -49.74
CA ARG P 11 -15.99 42.83 -49.18
C ARG P 11 -16.25 41.44 -48.57
N ALA P 12 -17.23 41.36 -47.65
CA ALA P 12 -17.58 40.07 -47.00
C ALA P 12 -18.07 39.08 -48.06
N SER P 13 -18.89 39.56 -49.01
CA SER P 13 -19.42 38.68 -50.09
C SER P 13 -18.25 38.16 -50.92
N LYS P 14 -17.28 39.04 -51.22
CA LYS P 14 -16.09 38.67 -52.03
C LYS P 14 -15.27 37.61 -51.27
N ILE P 15 -15.12 37.79 -49.96
CA ILE P 15 -14.33 36.82 -49.13
C ILE P 15 -15.24 35.67 -48.68
N GLU P 16 -16.53 35.73 -49.05
CA GLU P 16 -17.47 34.67 -48.70
C GLU P 16 -17.84 33.79 -49.88
N GLN P 17 -17.73 34.35 -51.10
CA GLN P 17 -18.09 33.60 -52.29
C GLN P 17 -16.98 32.68 -52.79
N ILE P 18 -15.77 32.94 -52.36
CA ILE P 18 -14.65 32.09 -52.75
C ILE P 18 -14.90 30.77 -52.05
N GLN P 19 -15.21 30.87 -50.75
CA GLN P 19 -15.49 29.70 -49.95
C GLN P 19 -16.65 28.98 -50.56
N LYS P 20 -17.67 29.71 -50.98
CA LYS P 20 -18.85 29.10 -51.58
C LYS P 20 -18.41 28.28 -52.78
N LEU P 21 -17.46 28.84 -53.55
CA LEU P 21 -16.91 28.16 -54.73
C LEU P 21 -16.11 26.92 -54.34
N ALA P 22 -15.03 27.17 -53.59
CA ALA P 22 -14.17 26.12 -53.10
C ALA P 22 -14.95 25.00 -52.38
N LYS P 23 -16.20 25.24 -51.99
CA LYS P 23 -16.96 24.16 -51.39
C LYS P 23 -17.47 23.34 -52.56
N TYR P 24 -18.25 23.99 -53.44
CA TYR P 24 -18.81 23.33 -54.62
C TYR P 24 -17.73 22.51 -55.27
N ALA P 25 -16.55 23.09 -55.45
CA ALA P 25 -15.45 22.36 -56.04
C ALA P 25 -15.24 21.06 -55.27
N ILE P 26 -15.07 21.16 -53.94
CA ILE P 26 -14.88 19.93 -53.14
C ILE P 26 -16.04 18.95 -53.45
N SER P 27 -17.28 19.40 -53.21
CA SER P 27 -18.48 18.60 -53.47
C SER P 27 -18.46 17.95 -54.83
N ALA P 28 -17.85 18.64 -55.81
CA ALA P 28 -17.76 18.12 -57.18
C ALA P 28 -16.81 16.94 -57.30
N LEU P 29 -15.66 17.00 -56.63
CA LEU P 29 -14.66 15.91 -56.72
C LEU P 29 -15.29 14.64 -56.16
N ASN P 30 -16.35 14.78 -55.37
CA ASN P 30 -16.96 13.62 -54.74
C ASN P 30 -17.68 12.75 -55.79
N TYR P 31 -17.59 13.19 -57.05
CA TYR P 31 -18.15 12.45 -58.21
C TYR P 31 -17.02 12.33 -59.25
N GLU P 32 -15.80 12.64 -58.80
CA GLU P 32 -14.61 12.70 -59.63
C GLU P 32 -14.70 13.73 -60.80
N ASP P 33 -15.77 14.53 -60.78
CA ASP P 33 -16.00 15.56 -61.80
C ASP P 33 -14.88 16.56 -61.83
N LEU P 34 -13.78 16.25 -62.51
CA LEU P 34 -12.67 17.19 -62.57
C LEU P 34 -13.07 18.50 -63.28
N PRO P 35 -13.86 18.43 -64.36
CA PRO P 35 -14.32 19.61 -65.11
C PRO P 35 -14.81 20.74 -64.22
N THR P 36 -15.93 20.50 -63.53
CA THR P 36 -16.51 21.48 -62.60
C THR P 36 -15.44 22.01 -61.66
N ALA P 37 -14.74 21.08 -61.02
CA ALA P 37 -13.71 21.39 -60.07
C ALA P 37 -12.69 22.37 -60.58
N LYS P 38 -12.00 22.02 -61.67
CA LYS P 38 -10.88 22.87 -62.16
C LYS P 38 -11.44 24.25 -62.45
N ASP P 39 -12.76 24.34 -62.65
CA ASP P 39 -13.40 25.59 -62.99
C ASP P 39 -13.72 26.45 -61.75
N GLU P 40 -14.51 25.90 -60.81
CA GLU P 40 -14.89 26.59 -59.57
C GLU P 40 -13.64 26.92 -58.74
N LEU P 41 -12.70 25.97 -58.69
CA LEU P 41 -11.45 26.21 -57.92
C LEU P 41 -10.73 27.37 -58.58
N THR P 42 -11.13 27.69 -59.82
CA THR P 42 -10.47 28.73 -60.60
C THR P 42 -11.26 30.03 -60.47
N LYS P 43 -12.55 30.00 -60.79
CA LYS P 43 -13.38 31.20 -60.66
C LYS P 43 -13.10 31.79 -59.27
N ALA P 44 -12.84 30.91 -58.30
CA ALA P 44 -12.52 31.30 -56.92
C ALA P 44 -11.16 32.00 -56.82
N LEU P 45 -10.11 31.31 -57.23
CA LEU P 45 -8.76 31.87 -57.19
C LEU P 45 -8.64 33.26 -57.85
N ASP P 46 -9.15 33.38 -59.08
CA ASP P 46 -9.12 34.66 -59.81
C ASP P 46 -9.71 35.74 -58.92
N LEU P 47 -10.85 35.42 -58.30
CA LEU P 47 -11.53 36.34 -57.40
C LEU P 47 -10.74 36.71 -56.14
N LEU P 48 -9.86 35.83 -55.66
CA LEU P 48 -9.03 36.11 -54.48
C LEU P 48 -7.91 37.07 -54.88
N ASN P 49 -7.74 37.22 -56.19
CA ASN P 49 -6.74 38.12 -56.72
C ASN P 49 -7.47 39.42 -57.01
N SER P 50 -8.78 39.31 -57.24
CA SER P 50 -9.61 40.48 -57.49
C SER P 50 -9.74 41.27 -56.18
N ILE P 51 -9.51 40.58 -55.06
CA ILE P 51 -9.56 41.19 -53.72
C ILE P 51 -8.48 42.28 -53.65
N LYS Q 2 -2.78 -5.50 -58.56
CA LYS Q 2 -1.91 -4.69 -57.65
C LYS Q 2 -1.59 -3.33 -58.27
N ASP Q 3 -1.25 -3.34 -59.55
CA ASP Q 3 -0.88 -2.12 -60.27
C ASP Q 3 -2.09 -1.25 -60.63
N GLU Q 4 -3.22 -1.90 -60.94
CA GLU Q 4 -4.48 -1.20 -61.16
C GLU Q 4 -4.99 -0.61 -59.86
N LEU Q 5 -4.70 -1.30 -58.75
CA LEU Q 5 -5.03 -0.84 -57.37
C LEU Q 5 -4.16 0.39 -57.03
N THR Q 6 -2.85 0.30 -57.32
CA THR Q 6 -1.92 1.42 -57.14
C THR Q 6 -2.43 2.66 -57.88
N LYS Q 7 -3.00 2.44 -59.07
CA LYS Q 7 -3.53 3.53 -59.91
C LYS Q 7 -4.78 4.21 -59.33
N ILE Q 8 -5.76 3.43 -58.92
CA ILE Q 8 -7.01 3.95 -58.36
C ILE Q 8 -6.78 4.61 -56.99
N MET Q 9 -5.91 4.01 -56.19
CA MET Q 9 -5.52 4.61 -54.89
C MET Q 9 -4.76 5.91 -55.17
N ASP Q 10 -3.91 5.90 -56.20
CA ASP Q 10 -3.04 7.05 -56.58
C ASP Q 10 -3.86 8.27 -57.01
N ARG Q 11 -4.88 8.11 -57.85
CA ARG Q 11 -5.68 9.26 -58.27
C ARG Q 11 -6.66 9.66 -57.17
N ALA Q 12 -7.26 8.65 -56.52
CA ALA Q 12 -8.16 8.85 -55.39
C ALA Q 12 -7.43 9.57 -54.26
N SER Q 13 -6.17 9.21 -54.05
CA SER Q 13 -5.34 9.89 -53.04
C SER Q 13 -5.10 11.36 -53.41
N LYS Q 14 -4.78 11.62 -54.68
CA LYS Q 14 -4.57 13.01 -55.12
C LYS Q 14 -5.83 13.84 -54.96
N ILE Q 15 -6.97 13.28 -55.35
CA ILE Q 15 -8.25 13.99 -55.19
C ILE Q 15 -8.52 14.35 -53.71
N GLU Q 16 -8.27 13.40 -52.80
CA GLU Q 16 -8.38 13.64 -51.36
C GLU Q 16 -7.49 14.82 -50.94
N GLN Q 17 -6.28 14.87 -51.47
CA GLN Q 17 -5.32 15.94 -51.13
C GLN Q 17 -5.78 17.31 -51.65
N ILE Q 18 -6.32 17.33 -52.86
CA ILE Q 18 -6.88 18.55 -53.45
C ILE Q 18 -8.01 19.08 -52.58
N GLN Q 19 -8.93 18.19 -52.18
CA GLN Q 19 -10.05 18.57 -51.31
C GLN Q 19 -9.57 19.07 -49.94
N LYS Q 20 -8.53 18.41 -49.38
CA LYS Q 20 -7.93 18.83 -48.11
C LYS Q 20 -7.39 20.27 -48.23
N LEU Q 21 -6.66 20.53 -49.29
CA LEU Q 21 -6.06 21.84 -49.50
C LEU Q 21 -7.13 22.90 -49.64
N ALA Q 22 -8.21 22.58 -50.34
CA ALA Q 22 -9.36 23.51 -50.44
C ALA Q 22 -10.02 23.82 -49.09
N LYS Q 23 -10.20 22.77 -48.27
CA LYS Q 23 -10.75 22.91 -46.93
C LYS Q 23 -9.84 23.78 -46.07
N TYR Q 24 -8.52 23.60 -46.20
CA TYR Q 24 -7.53 24.42 -45.45
C TYR Q 24 -7.63 25.90 -45.88
N ALA Q 25 -7.68 26.13 -47.19
CA ALA Q 25 -7.86 27.43 -47.81
C ALA Q 25 -9.11 28.09 -47.23
N ILE Q 26 -10.25 27.40 -47.28
CA ILE Q 26 -11.49 27.97 -46.71
C ILE Q 26 -11.21 28.40 -45.27
N SER Q 27 -10.80 27.45 -44.42
CA SER Q 27 -10.48 27.69 -43.02
C SER Q 27 -9.60 28.91 -42.83
N ALA Q 28 -8.71 29.16 -43.81
CA ALA Q 28 -7.80 30.29 -43.76
C ALA Q 28 -8.49 31.63 -43.94
N LEU Q 29 -9.43 31.70 -44.89
CA LEU Q 29 -10.13 32.97 -45.17
C LEU Q 29 -10.90 33.38 -43.92
N ASN Q 30 -11.15 32.42 -43.02
CA ASN Q 30 -11.94 32.72 -41.83
C ASN Q 30 -11.15 33.64 -40.88
N TYR Q 31 -9.94 34.01 -41.30
CA TYR Q 31 -9.07 34.95 -40.56
C TYR Q 31 -8.63 36.03 -41.55
N GLU Q 32 -9.30 36.05 -42.71
CA GLU Q 32 -8.98 36.92 -43.83
C GLU Q 32 -7.56 36.72 -44.42
N ASP Q 33 -6.88 35.68 -43.94
CA ASP Q 33 -5.52 35.34 -44.38
C ASP Q 33 -5.49 35.05 -45.86
N LEU Q 34 -5.42 36.08 -46.69
CA LEU Q 34 -5.37 35.86 -48.12
C LEU Q 34 -4.12 35.07 -48.54
N PRO Q 35 -2.94 35.38 -47.94
CA PRO Q 35 -1.68 34.70 -48.25
C PRO Q 35 -1.81 33.18 -48.33
N THR Q 36 -2.09 32.55 -47.20
CA THR Q 36 -2.28 31.10 -47.12
C THR Q 36 -3.24 30.63 -48.21
N ALA Q 37 -4.41 31.28 -48.24
CA ALA Q 37 -5.45 30.97 -49.19
C ALA Q 37 -4.98 30.90 -50.62
N LYS Q 38 -4.45 32.02 -51.12
CA LYS Q 38 -4.08 32.07 -52.56
C LYS Q 38 -3.07 30.96 -52.85
N ASP Q 39 -2.41 30.47 -51.79
CA ASP Q 39 -1.39 29.45 -51.95
C ASP Q 39 -1.98 28.03 -51.99
N GLU Q 40 -2.73 27.64 -50.94
CA GLU Q 40 -3.37 26.32 -50.86
C GLU Q 40 -4.37 26.14 -52.00
N LEU Q 41 -5.12 27.20 -52.30
CA LEU Q 41 -6.12 27.13 -53.39
C LEU Q 41 -5.35 26.88 -54.69
N THR Q 42 -4.03 27.13 -54.64
CA THR Q 42 -3.18 27.02 -55.82
C THR Q 42 -2.49 25.66 -55.81
N LYS Q 43 -1.78 25.33 -54.73
CA LYS Q 43 -1.13 24.02 -54.65
C LYS Q 43 -2.16 22.97 -55.05
N ALA Q 44 -3.44 23.23 -54.71
CA ALA Q 44 -4.55 22.34 -55.04
C ALA Q 44 -4.84 22.30 -56.55
N LEU Q 45 -5.13 23.46 -57.13
CA LEU Q 45 -5.40 23.55 -58.56
C LEU Q 45 -4.34 22.90 -59.45
N ASP Q 46 -3.07 23.25 -59.21
CA ASP Q 46 -1.93 22.69 -59.97
C ASP Q 46 -2.06 21.16 -59.95
N LEU Q 47 -2.32 20.63 -58.76
CA LEU Q 47 -2.47 19.20 -58.56
C LEU Q 47 -3.67 18.57 -59.29
N LEU Q 48 -4.73 19.35 -59.54
CA LEU Q 48 -5.91 18.84 -60.26
C LEU Q 48 -5.57 18.79 -61.76
N ASN Q 49 -4.46 19.42 -62.11
CA ASN Q 49 -4.01 19.42 -63.48
C ASN Q 49 -2.98 18.31 -63.57
N SER Q 50 -2.38 17.98 -62.43
CA SER Q 50 -1.40 16.90 -62.36
C SER Q 50 -2.15 15.57 -62.53
N ILE Q 51 -3.45 15.59 -62.25
CA ILE Q 51 -4.33 14.41 -62.39
C ILE Q 51 -4.34 14.00 -63.87
N ARG R 11 6.63 69.03 10.87
CA ARG R 11 7.30 67.81 10.31
C ARG R 11 6.31 66.64 10.34
N ALA R 12 5.88 66.23 11.54
CA ALA R 12 4.93 65.10 11.69
C ALA R 12 3.60 65.46 11.01
N SER R 13 3.15 66.71 11.18
CA SER R 13 1.88 67.18 10.56
C SER R 13 2.06 67.35 9.05
N LYS R 14 3.01 68.21 8.65
CA LYS R 14 3.28 68.46 7.20
C LYS R 14 3.33 67.13 6.43
N ILE R 15 4.02 66.12 6.97
CA ILE R 15 4.08 64.82 6.25
C ILE R 15 2.68 64.18 6.21
N GLU R 16 1.92 64.32 7.30
CA GLU R 16 0.55 63.76 7.40
C GLU R 16 -0.36 64.41 6.36
N GLN R 17 0.05 65.56 5.82
CA GLN R 17 -0.76 66.24 4.82
C GLN R 17 -0.41 65.87 3.38
N ILE R 18 0.80 65.35 3.19
CA ILE R 18 1.23 64.93 1.87
C ILE R 18 0.37 63.72 1.55
N GLN R 19 0.30 62.81 2.51
CA GLN R 19 -0.49 61.61 2.36
C GLN R 19 -1.92 62.00 2.12
N LYS R 20 -2.41 62.99 2.86
CA LYS R 20 -3.78 63.45 2.69
C LYS R 20 -3.97 63.86 1.24
N LEU R 21 -2.97 64.55 0.69
CA LEU R 21 -3.00 65.00 -0.71
C LEU R 21 -2.96 63.82 -1.67
N ALA R 22 -1.86 63.08 -1.62
CA ALA R 22 -1.66 61.90 -2.43
C ALA R 22 -2.85 60.93 -2.36
N LYS R 23 -3.72 61.05 -1.36
CA LYS R 23 -4.87 60.18 -1.33
C LYS R 23 -5.86 60.82 -2.29
N TYR R 24 -6.25 62.07 -1.99
CA TYR R 24 -7.19 62.81 -2.83
C TYR R 24 -6.80 62.63 -4.28
N ALA R 25 -5.53 62.79 -4.58
CA ALA R 25 -5.07 62.60 -5.94
C ALA R 25 -5.52 61.22 -6.44
N ILE R 26 -5.20 60.16 -5.69
CA ILE R 26 -5.62 58.81 -6.11
C ILE R 26 -7.15 58.83 -6.35
N SER R 27 -7.91 59.18 -5.31
CA SER R 27 -9.38 59.27 -5.38
C SER R 27 -9.85 60.02 -6.61
N ALA R 28 -9.07 61.02 -7.04
CA ALA R 28 -9.41 61.83 -8.21
C ALA R 28 -9.28 61.06 -9.52
N LEU R 29 -8.22 60.27 -9.65
CA LEU R 29 -8.00 59.52 -10.91
C LEU R 29 -9.15 58.54 -11.10
N ASN R 30 -9.87 58.23 -10.01
CA ASN R 30 -10.95 57.26 -10.10
C ASN R 30 -12.12 57.82 -10.92
N TYR R 31 -11.95 59.06 -11.40
CA TYR R 31 -12.93 59.75 -12.28
C TYR R 31 -12.17 60.22 -13.52
N GLU R 32 -10.94 59.72 -13.67
CA GLU R 32 -9.99 60.14 -14.69
C GLU R 32 -9.63 61.64 -14.67
N ASP R 33 -10.07 62.32 -13.61
CA ASP R 33 -9.81 63.75 -13.42
C ASP R 33 -8.32 64.04 -13.34
N LEU R 34 -7.66 64.14 -14.48
CA LEU R 34 -6.23 64.41 -14.46
C LEU R 34 -5.92 65.78 -13.82
N PRO R 35 -6.74 66.83 -14.11
CA PRO R 35 -6.54 68.17 -13.55
C PRO R 35 -6.25 68.18 -12.06
N THR R 36 -7.24 67.78 -11.26
CA THR R 36 -7.09 67.69 -9.81
C THR R 36 -5.81 66.95 -9.44
N ALA R 37 -5.69 65.76 -10.01
CA ALA R 37 -4.54 64.90 -9.77
C ALA R 37 -3.21 65.58 -9.94
N LYS R 38 -2.95 66.10 -11.14
CA LYS R 38 -1.61 66.66 -11.43
C LYS R 38 -1.35 67.79 -10.43
N ASP R 39 -2.42 68.32 -9.84
CA ASP R 39 -2.30 69.43 -8.90
C ASP R 39 -1.98 68.96 -7.47
N GLU R 40 -2.83 68.10 -6.89
CA GLU R 40 -2.66 67.56 -5.54
C GLU R 40 -1.35 66.76 -5.46
N LEU R 41 -1.08 65.98 -6.50
CA LEU R 41 0.17 65.17 -6.51
C LEU R 41 1.34 66.16 -6.50
N THR R 42 1.05 67.42 -6.83
CA THR R 42 2.09 68.44 -6.92
C THR R 42 2.15 69.23 -5.62
N LYS R 43 1.01 69.79 -5.20
CA LYS R 43 1.00 70.53 -3.93
C LYS R 43 1.70 69.65 -2.88
N ALA R 44 1.54 68.34 -3.01
CA ALA R 44 2.15 67.35 -2.11
C ALA R 44 3.67 67.30 -2.27
N LEU R 45 4.13 67.00 -3.48
CA LEU R 45 5.56 66.93 -3.75
C LEU R 45 6.35 68.17 -3.30
N ASP R 46 5.87 69.36 -3.68
CA ASP R 46 6.51 70.63 -3.30
C ASP R 46 6.70 70.63 -1.79
N LEU R 47 5.64 70.24 -1.08
CA LEU R 47 5.66 70.17 0.38
C LEU R 47 6.65 69.16 0.97
N LEU R 48 6.96 68.07 0.24
CA LEU R 48 7.92 67.06 0.69
C LEU R 48 9.33 67.63 0.52
N ASN R 49 9.42 68.73 -0.22
CA ASN R 49 10.69 69.38 -0.44
C ASN R 49 10.75 70.49 0.59
N SER R 50 9.59 70.94 1.04
CA SER R 50 9.51 71.97 2.06
C SER R 50 9.96 71.38 3.39
N ILE R 51 9.90 70.04 3.49
CA ILE R 51 10.32 69.29 4.69
C ILE R 51 11.82 69.56 4.89
N ASP S 10 -4.76 51.25 -22.58
CA ASP S 10 -3.40 51.64 -22.22
C ASP S 10 -3.36 52.80 -21.23
N ARG S 11 -4.21 53.80 -21.44
CA ARG S 11 -4.29 54.96 -20.54
C ARG S 11 -4.79 54.52 -19.16
N ALA S 12 -5.75 53.62 -19.14
CA ALA S 12 -6.28 53.03 -17.91
C ALA S 12 -5.17 52.34 -17.15
N SER S 13 -4.29 51.64 -17.87
CA SER S 13 -3.13 50.99 -17.26
C SER S 13 -2.17 52.00 -16.65
N LYS S 14 -1.89 53.10 -17.38
CA LYS S 14 -1.00 54.14 -16.83
C LYS S 14 -1.58 54.77 -15.58
N ILE S 15 -2.88 55.08 -15.60
CA ILE S 15 -3.54 55.63 -14.42
C ILE S 15 -3.42 54.70 -13.20
N GLU S 16 -3.63 53.40 -13.42
CA GLU S 16 -3.46 52.39 -12.36
C GLU S 16 -2.03 52.45 -11.79
N GLN S 17 -1.04 52.60 -12.67
CA GLN S 17 0.36 52.67 -12.24
C GLN S 17 0.68 53.92 -11.44
N ILE S 18 0.12 55.05 -11.85
CA ILE S 18 0.26 56.32 -11.13
C ILE S 18 -0.31 56.19 -9.72
N GLN S 19 -1.51 55.61 -9.62
CA GLN S 19 -2.15 55.40 -8.32
C GLN S 19 -1.34 54.44 -7.44
N LYS S 20 -0.79 53.38 -8.05
CA LYS S 20 0.07 52.43 -7.34
C LYS S 20 1.29 53.15 -6.73
N LEU S 21 1.95 53.96 -7.54
CA LEU S 21 3.14 54.69 -7.12
C LEU S 21 2.80 55.63 -5.98
N ALA S 22 1.66 56.30 -6.07
CA ALA S 22 1.19 57.17 -4.96
C ALA S 22 0.95 56.40 -3.64
N LYS S 23 0.33 55.23 -3.76
CA LYS S 23 0.07 54.36 -2.62
C LYS S 23 1.39 53.90 -2.00
N TYR S 24 2.38 53.57 -2.84
CA TYR S 24 3.72 53.15 -2.35
C TYR S 24 4.40 54.32 -1.61
N ALA S 25 4.35 55.53 -2.20
CA ALA S 25 4.84 56.76 -1.63
C ALA S 25 4.22 56.95 -0.25
N ILE S 26 2.89 56.91 -0.16
CA ILE S 26 2.23 57.07 1.15
C ILE S 26 2.84 56.06 2.14
N SER S 27 2.75 54.76 1.80
CA SER S 27 3.30 53.68 2.62
C SER S 27 4.71 53.96 3.08
N ALA S 28 5.49 54.66 2.23
CA ALA S 28 6.87 54.99 2.55
C ALA S 28 6.99 56.04 3.65
N LEU S 29 6.15 57.07 3.60
CA LEU S 29 6.23 58.15 4.61
C LEU S 29 5.94 57.55 5.98
N ASN S 30 5.31 56.38 6.01
CA ASN S 30 4.93 55.78 7.29
C ASN S 30 6.19 55.29 8.04
N TYR S 31 7.36 55.53 7.43
CA TYR S 31 8.67 55.22 8.04
C TYR S 31 9.52 56.49 7.95
N GLU S 32 8.86 57.60 7.63
CA GLU S 32 9.47 58.89 7.38
C GLU S 32 10.50 58.90 6.20
N ASP S 33 10.55 57.78 5.47
CA ASP S 33 11.45 57.62 4.33
C ASP S 33 11.17 58.66 3.27
N LEU S 34 11.71 59.86 3.42
CA LEU S 34 11.47 60.89 2.42
C LEU S 34 12.05 60.49 1.04
N PRO S 35 13.25 59.87 1.01
CA PRO S 35 13.90 59.44 -0.24
C PRO S 35 12.96 58.74 -1.20
N THR S 36 12.50 57.54 -0.80
CA THR S 36 11.56 56.76 -1.61
C THR S 36 10.39 57.63 -2.07
N ALA S 37 9.78 58.29 -1.10
CA ALA S 37 8.64 59.15 -1.33
C ALA S 37 8.85 60.16 -2.44
N LYS S 38 9.85 61.02 -2.27
CA LYS S 38 10.05 62.12 -3.25
C LYS S 38 10.25 61.51 -4.63
N ASP S 39 10.64 60.24 -4.66
CA ASP S 39 10.91 59.55 -5.91
C ASP S 39 9.64 58.98 -6.56
N GLU S 40 8.92 58.11 -5.84
CA GLU S 40 7.67 57.50 -6.33
C GLU S 40 6.63 58.57 -6.62
N LEU S 41 6.55 59.57 -5.73
CA LEU S 41 5.56 60.67 -5.93
C LEU S 41 5.95 61.39 -7.21
N THR S 42 7.18 61.16 -7.67
CA THR S 42 7.70 61.83 -8.87
C THR S 42 7.55 60.93 -10.07
N LYS S 43 8.06 59.70 -10.00
CA LYS S 43 7.90 58.78 -11.12
C LYS S 43 6.43 58.80 -11.54
N ALA S 44 5.55 58.99 -10.55
CA ALA S 44 4.10 59.05 -10.75
C ALA S 44 3.69 60.32 -11.50
N LEU S 45 4.01 61.47 -10.96
CA LEU S 45 3.69 62.76 -11.59
C LEU S 45 4.14 62.86 -13.05
N ASP S 46 5.41 62.52 -13.32
CA ASP S 46 5.97 62.56 -14.68
C ASP S 46 5.03 61.77 -15.59
N LEU S 47 4.66 60.58 -15.12
CA LEU S 47 3.76 59.69 -15.86
C LEU S 47 2.35 60.25 -16.10
N LEU S 48 1.86 61.13 -15.22
CA LEU S 48 0.54 61.74 -15.38
C LEU S 48 0.63 62.83 -16.45
N ASN S 49 1.87 63.17 -16.80
CA ASN S 49 2.11 64.17 -17.82
C ASN S 49 2.34 63.39 -19.10
N SER S 50 2.78 62.14 -18.94
CA SER S 50 3.01 61.26 -20.08
C SER S 50 1.66 60.88 -20.68
N ILE S 51 0.61 60.99 -19.86
CA ILE S 51 -0.79 60.69 -20.27
C ILE S 51 -1.15 61.68 -21.40
#